data_9EJZ
#
_entry.id   9EJZ
#
_cell.length_a   1.00
_cell.length_b   1.00
_cell.length_c   1.00
_cell.angle_alpha   90.00
_cell.angle_beta   90.00
_cell.angle_gamma   90.00
#
_symmetry.space_group_name_H-M   'P 1'
#
loop_
_entity.id
_entity.type
_entity.pdbx_description
1 polymer 'nanobody 35'
2 polymer 'Guanine nucleotide-binding protein G(I)/G(S)/G(T) subunit beta-1'
3 polymer 'Guanine nucleotide-binding protein G(I)/G(S)/G(O) subunit gamma-2'
4 polymer 'Guanine nucleotide-binding protein Gq chimera'
5 polymer scFv16
6 polymer 'Human M5 muscarinic acetylcholine receptor'
7 non-polymer VU6007678
8 non-polymer ACETYLCHOLINE
9 water water
#
loop_
_entity_poly.entity_id
_entity_poly.type
_entity_poly.pdbx_seq_one_letter_code
_entity_poly.pdbx_strand_id
1 'polypeptide(L)'
;MKYLLPTAAAGLLLLAAQPAMAQVQLQESGGGLVQPGGSLRLSCAASGFTFSNYKMNWVRQAPGKGLEWVSDISQSGASI
SYTGSVKGRFTISRDNAKNTLYLQMNSLKPEDTAVYYCARCPAPFTRDCFDVTSTTYAYRGQGTQVTVSSHHHHHH
;
N
2 'polypeptide(L)'
;MHHHHHHGSSGSELDQLRQEAEQLKNQIRDARKACADATLSQITNNIDPVGRIQMRTRRTLRGHLAKIYAMHWGTDSRLL
VSASQDGKLIIWDSYTTNKVHAIPLRSSWVMTCAYAPSGNYVACGGLDNICSIYNLKTREGNVRVSRELAGHTGYLSCCR
FLDDNQIVTSSGDTTCALWDIETGQQTTTFTGHTGDVMSLSLAPDTRLFVSGACDASAKLWDVREGMCRQTFTGHESDIN
AICFFPNGNAFATGSDDATCRLFDLRADQELMTYSHDNIICGITSVSFSKSGRLLLAGYDDFNCNVWDALKADRAGVLAG
HDNRVSCLGVTDDGMAVATGSWDSFLKIWN
;
B
3 'polypeptide(L)' MASNNTASIAQARKLVEQLKMEANIDRIKVSKAAADLMAYCEAHAKEDPLLTPVPASENPFREKKFFC G
4 'polypeptide(L)'
;GCTLSAEDKAAVERSKMIDRNLREDGEKARRTLRLLLLGADNSGKSTIVKQMRILHGGSGGSGGTSGIFETKFQVDKVNF
HMFDVGGQRDERRKWIQCFNDVTAIIFVVDSSDYNRLQEALNDFKSIWNNRWLRTISVILFLNKQDLLAEKVLAGKSKIE
DYFPEFARYTTPEDATPEPGEDPRVTRAKYFIRKEFVDISTASGDGRHICYPHFTCAVDTENARRIFNDCKDIILQMNLR
EYNLV
;
A
5 'polypeptide(L)'
;DVQLVESGGGLVQPGGSRKLSCSASGFAFSSFGMHWVRQAPEKGLEWVAYISSGSGTIYYADTVKGRFTISRDDPKNTLF
LQMTSLRSEDTAMYYCVRSIYYYGSSPFDFWGQGTTLTVSSGGGGSGGGGSGGGGSDIVMTQATSSVPVTPGESVSISCR
SSKSLLHSNGNTYLYWFLQRPGQSPQLLIYRMSNLASGVPDRFSGSGSGTAFTLTISRLEAEDVGVYYCMQHLEYPLTFG
AGTKLELKAAAHHHHHHHH
;
H
6 'polypeptide(L)'
;DYKDDDDAEGDSYHNATTVNGTPVNHQPLERHRLWEVITIAAVTAVVSLITIVGNVLVMISFKVNSQLKTVNNYYLLSLA
CADLIIGIFSMNLYTTYILMGRWALGSLACDLWLALDYVASNASVMNLLVISFDRYFSITRPLTYRAKRTPKRAGIMIGL
AWLISFILWAPAILCWQYLVGKRTVPLDECQIQFLSEPTITFGTAIAAFYIPVSVMTILYCRIYRETEKRTKDLADLQGS
DSVPSHQMTKRKRVVLVKERKAAQTLSAILLAFIITWTPYNIMVLVSTFCDKCVPVTLWHLGYWLCYVNSTVNPICYALC
NRTFRKTFKMLLLCRWKKKKVEE
;
R
#
loop_
_chem_comp.id
_chem_comp.type
_chem_comp.name
_chem_comp.formula
A1BKS non-polymer VU6007678 'C25 H29 F N4 O3 S'
ACH non-polymer ACETYLCHOLINE 'C7 H16 N O2 1'
#
# COMPACT_ATOMS: atom_id res chain seq x y z
N GLN A 23 13.69 -19.68 -24.60
CA GLN A 23 13.88 -18.58 -25.54
C GLN A 23 12.62 -18.34 -26.37
N VAL A 24 11.94 -17.23 -26.07
CA VAL A 24 10.77 -16.85 -26.84
C VAL A 24 11.23 -16.30 -28.19
N GLN A 25 10.83 -16.97 -29.26
CA GLN A 25 11.12 -16.49 -30.60
C GLN A 25 9.92 -16.70 -31.50
N LEU A 26 9.66 -15.71 -32.34
CA LEU A 26 8.58 -15.74 -33.32
C LEU A 26 9.22 -15.61 -34.69
N GLN A 27 8.95 -16.57 -35.57
CA GLN A 27 9.57 -16.63 -36.89
C GLN A 27 8.49 -16.41 -37.94
N GLU A 28 8.50 -15.24 -38.56
CA GLU A 28 7.55 -14.94 -39.62
C GLU A 28 8.03 -15.48 -40.95
N SER A 29 7.09 -16.01 -41.73
CA SER A 29 7.40 -16.53 -43.05
C SER A 29 6.18 -16.34 -43.94
N GLY A 30 6.42 -16.45 -45.24
CA GLY A 30 5.35 -16.38 -46.21
C GLY A 30 5.11 -15.02 -46.83
N GLY A 31 6.08 -14.12 -46.76
CA GLY A 31 5.96 -12.80 -47.37
C GLY A 31 6.51 -12.78 -48.79
N GLY A 32 6.92 -11.60 -49.22
CA GLY A 32 7.51 -11.43 -50.53
C GLY A 32 6.64 -10.56 -51.43
N LEU A 33 7.11 -10.43 -52.68
CA LEU A 33 6.42 -9.62 -53.68
C LEU A 33 5.10 -10.27 -54.07
N VAL A 34 4.10 -9.42 -54.32
CA VAL A 34 2.80 -9.87 -54.79
C VAL A 34 2.16 -8.74 -55.59
N GLN A 35 1.33 -9.10 -56.56
CA GLN A 35 0.61 -8.11 -57.34
C GLN A 35 -0.52 -7.51 -56.52
N PRO A 36 -0.94 -6.29 -56.85
CA PRO A 36 -2.15 -5.73 -56.22
C PRO A 36 -3.39 -6.56 -56.56
N GLY A 37 -4.22 -6.78 -55.55
CA GLY A 37 -5.35 -7.67 -55.66
C GLY A 37 -5.04 -9.13 -55.48
N GLY A 38 -3.77 -9.47 -55.25
CA GLY A 38 -3.37 -10.86 -55.09
C GLY A 38 -3.59 -11.36 -53.68
N SER A 39 -3.21 -12.62 -53.49
CA SER A 39 -3.35 -13.29 -52.21
C SER A 39 -1.97 -13.71 -51.70
N LEU A 40 -1.80 -13.66 -50.38
CA LEU A 40 -0.54 -14.04 -49.76
C LEU A 40 -0.83 -14.51 -48.34
N ARG A 41 -0.28 -15.66 -47.98
CA ARG A 41 -0.52 -16.25 -46.66
C ARG A 41 0.74 -16.13 -45.82
N LEU A 42 0.57 -15.61 -44.61
CA LEU A 42 1.67 -15.44 -43.67
C LEU A 42 1.62 -16.52 -42.61
N SER A 43 2.80 -16.89 -42.11
CA SER A 43 2.91 -17.90 -41.06
C SER A 43 3.85 -17.40 -39.99
N CYS A 44 3.58 -17.80 -38.76
CA CYS A 44 4.39 -17.39 -37.60
C CYS A 44 4.79 -18.64 -36.83
N ALA A 45 6.02 -19.11 -37.05
CA ALA A 45 6.56 -20.23 -36.27
C ALA A 45 6.87 -19.74 -34.86
N ALA A 46 6.16 -20.26 -33.88
CA ALA A 46 6.27 -19.80 -32.50
C ALA A 46 6.84 -20.92 -31.64
N SER A 47 7.81 -20.58 -30.81
CA SER A 47 8.42 -21.53 -29.88
C SER A 47 8.94 -20.78 -28.67
N GLY A 48 9.20 -21.52 -27.60
CA GLY A 48 9.65 -20.95 -26.37
C GLY A 48 8.55 -20.53 -25.42
N PHE A 49 7.29 -20.74 -25.78
CA PHE A 49 6.19 -20.48 -24.87
C PHE A 49 5.04 -21.42 -25.18
N THR A 50 4.15 -21.56 -24.22
CA THR A 50 2.90 -22.28 -24.42
C THR A 50 2.01 -21.42 -25.31
N PHE A 51 1.94 -21.78 -26.60
CA PHE A 51 1.28 -20.95 -27.61
C PHE A 51 -0.21 -20.80 -27.37
N SER A 52 -0.85 -21.82 -26.79
CA SER A 52 -2.28 -21.78 -26.53
C SER A 52 -2.64 -20.87 -25.35
N ASN A 53 -1.66 -20.39 -24.58
CA ASN A 53 -1.94 -19.56 -23.42
C ASN A 53 -1.92 -18.07 -23.72
N TYR A 54 -1.68 -17.68 -24.97
CA TYR A 54 -1.48 -16.27 -25.29
C TYR A 54 -2.39 -15.82 -26.42
N LYS A 55 -2.95 -14.64 -26.25
CA LYS A 55 -3.54 -13.92 -27.38
C LYS A 55 -2.41 -13.50 -28.32
N MET A 56 -2.61 -13.71 -29.61
CA MET A 56 -1.59 -13.45 -30.60
C MET A 56 -2.02 -12.32 -31.52
N ASN A 57 -1.06 -11.57 -32.02
CA ASN A 57 -1.32 -10.38 -32.81
C ASN A 57 -0.53 -10.43 -34.10
N TRP A 58 -1.05 -9.73 -35.11
CA TRP A 58 -0.26 -9.35 -36.27
C TRP A 58 -0.12 -7.83 -36.26
N VAL A 59 1.10 -7.36 -36.44
CA VAL A 59 1.43 -5.93 -36.44
C VAL A 59 2.23 -5.66 -37.70
N ARG A 60 1.86 -4.61 -38.44
CA ARG A 60 2.62 -4.25 -39.62
C ARG A 60 3.24 -2.88 -39.44
N GLN A 61 4.31 -2.64 -40.19
CA GLN A 61 4.99 -1.36 -40.20
C GLN A 61 5.23 -0.95 -41.64
N ALA A 62 4.46 0.02 -42.12
CA ALA A 62 4.65 0.56 -43.44
C ALA A 62 5.96 1.35 -43.50
N PRO A 63 6.58 1.46 -44.67
CA PRO A 63 7.80 2.28 -44.80
C PRO A 63 7.51 3.75 -44.56
N GLY A 64 8.18 4.33 -43.57
CA GLY A 64 7.95 5.69 -43.16
C GLY A 64 6.87 5.87 -42.13
N LYS A 65 6.14 4.81 -41.78
CA LYS A 65 5.08 4.87 -40.79
C LYS A 65 5.45 4.01 -39.59
N GLY A 66 4.72 4.23 -38.50
CA GLY A 66 4.95 3.47 -37.28
C GLY A 66 4.29 2.11 -37.32
N LEU A 67 4.54 1.34 -36.27
CA LEU A 67 3.95 0.02 -36.13
C LEU A 67 2.46 0.14 -35.82
N GLU A 68 1.63 -0.48 -36.63
CA GLU A 68 0.19 -0.46 -36.43
C GLU A 68 -0.35 -1.87 -36.29
N TRP A 69 -1.28 -2.04 -35.38
CA TRP A 69 -1.88 -3.34 -35.12
C TRP A 69 -2.81 -3.74 -36.28
N VAL A 70 -2.70 -4.97 -36.74
CA VAL A 70 -3.49 -5.45 -37.86
C VAL A 70 -4.66 -6.26 -37.34
N SER A 71 -4.37 -7.35 -36.64
CA SER A 71 -5.41 -8.24 -36.17
C SER A 71 -4.93 -8.93 -34.90
N ASP A 72 -5.88 -9.46 -34.15
CA ASP A 72 -5.57 -10.31 -33.01
C ASP A 72 -6.48 -11.53 -33.02
N ILE A 73 -6.02 -12.58 -32.36
CA ILE A 73 -6.81 -13.79 -32.19
C ILE A 73 -6.69 -14.23 -30.74
N SER A 74 -7.79 -14.67 -30.14
CA SER A 74 -7.78 -15.10 -28.76
C SER A 74 -7.05 -16.44 -28.63
N GLN A 75 -6.95 -16.92 -27.38
CA GLN A 75 -6.16 -18.10 -27.07
C GLN A 75 -6.79 -19.36 -27.66
N SER A 76 -8.10 -19.48 -27.57
CA SER A 76 -8.82 -20.59 -28.17
C SER A 76 -9.17 -20.34 -29.63
N GLY A 77 -8.89 -19.14 -30.14
CA GLY A 77 -9.27 -18.78 -31.49
C GLY A 77 -10.66 -18.19 -31.62
N ALA A 78 -11.37 -18.00 -30.51
CA ALA A 78 -12.75 -17.54 -30.58
C ALA A 78 -12.84 -16.04 -30.88
N SER A 79 -12.28 -15.22 -30.00
CA SER A 79 -12.37 -13.77 -30.16
C SER A 79 -11.34 -13.31 -31.18
N ILE A 80 -11.82 -12.86 -32.33
CA ILE A 80 -10.97 -12.42 -33.44
C ILE A 80 -11.41 -11.01 -33.84
N SER A 81 -10.47 -10.08 -33.89
CA SER A 81 -10.75 -8.73 -34.34
C SER A 81 -9.66 -8.28 -35.30
N TYR A 82 -10.02 -7.34 -36.16
CA TYR A 82 -9.12 -6.81 -37.19
C TYR A 82 -9.13 -5.29 -37.12
N THR A 83 -8.06 -4.68 -37.63
CA THR A 83 -8.15 -3.26 -37.91
C THR A 83 -9.02 -3.06 -39.15
N GLY A 84 -9.57 -1.85 -39.27
CA GLY A 84 -10.63 -1.62 -40.24
C GLY A 84 -10.19 -1.65 -41.70
N SER A 85 -8.92 -1.41 -41.97
CA SER A 85 -8.44 -1.42 -43.34
C SER A 85 -8.34 -2.83 -43.91
N VAL A 86 -8.34 -3.86 -43.06
CA VAL A 86 -8.18 -5.25 -43.48
C VAL A 86 -9.35 -6.13 -43.06
N LYS A 87 -10.47 -5.52 -42.65
CA LYS A 87 -11.53 -6.23 -41.95
C LYS A 87 -12.20 -7.28 -42.82
N GLY A 88 -12.48 -6.97 -44.08
CA GLY A 88 -13.05 -7.92 -44.99
C GLY A 88 -12.06 -8.66 -45.85
N ARG A 89 -10.77 -8.41 -45.69
CA ARG A 89 -9.75 -8.93 -46.58
C ARG A 89 -8.77 -9.89 -45.91
N PHE A 90 -8.44 -9.68 -44.64
CA PHE A 90 -7.46 -10.51 -43.97
C PHE A 90 -8.18 -11.56 -43.13
N THR A 91 -7.51 -12.68 -42.89
CA THR A 91 -8.03 -13.72 -42.02
C THR A 91 -6.87 -14.22 -41.16
N ILE A 92 -7.04 -14.12 -39.84
CA ILE A 92 -6.02 -14.56 -38.89
C ILE A 92 -6.51 -15.84 -38.23
N SER A 93 -5.65 -16.85 -38.22
CA SER A 93 -5.97 -18.13 -37.61
C SER A 93 -4.74 -18.67 -36.92
N ARG A 94 -4.95 -19.55 -35.95
CA ARG A 94 -3.86 -20.17 -35.22
C ARG A 94 -4.09 -21.67 -35.13
N ASP A 95 -2.98 -22.40 -35.05
CA ASP A 95 -2.99 -23.83 -34.76
C ASP A 95 -2.22 -24.00 -33.46
N ASN A 96 -2.95 -24.22 -32.36
CA ASN A 96 -2.31 -24.35 -31.06
C ASN A 96 -1.56 -25.67 -30.94
N ALA A 97 -1.96 -26.68 -31.70
CA ALA A 97 -1.21 -27.93 -31.72
C ALA A 97 0.12 -27.76 -32.45
N LYS A 98 0.14 -27.05 -33.56
CA LYS A 98 1.35 -26.82 -34.32
C LYS A 98 2.12 -25.59 -33.86
N ASN A 99 1.57 -24.85 -32.88
CA ASN A 99 2.19 -23.66 -32.28
C ASN A 99 2.51 -22.60 -33.34
N THR A 100 1.53 -22.33 -34.20
CA THR A 100 1.76 -21.43 -35.31
C THR A 100 0.58 -20.49 -35.48
N LEU A 101 0.87 -19.32 -36.04
CA LEU A 101 -0.11 -18.25 -36.25
C LEU A 101 -0.13 -17.90 -37.73
N TYR A 102 -1.33 -17.79 -38.29
CA TYR A 102 -1.48 -17.51 -39.72
C TYR A 102 -2.14 -16.15 -39.93
N LEU A 103 -1.85 -15.56 -41.09
CA LEU A 103 -2.53 -14.36 -41.56
C LEU A 103 -2.80 -14.57 -43.06
N GLN A 104 -4.01 -15.01 -43.39
CA GLN A 104 -4.42 -15.17 -44.77
C GLN A 104 -4.82 -13.80 -45.31
N MET A 105 -3.99 -13.21 -46.15
CA MET A 105 -4.24 -11.88 -46.71
C MET A 105 -4.69 -12.03 -48.16
N ASN A 106 -5.94 -11.66 -48.41
CA ASN A 106 -6.53 -11.76 -49.74
C ASN A 106 -6.87 -10.36 -50.24
N SER A 107 -6.76 -10.19 -51.56
CA SER A 107 -7.01 -8.92 -52.27
C SER A 107 -6.16 -7.79 -51.70
N LEU A 108 -4.84 -7.97 -51.82
CA LEU A 108 -3.89 -7.08 -51.17
C LEU A 108 -3.79 -5.76 -51.94
N LYS A 109 -4.16 -4.67 -51.27
CA LYS A 109 -3.98 -3.34 -51.79
C LYS A 109 -2.53 -2.90 -51.66
N PRO A 110 -2.08 -1.95 -52.48
CA PRO A 110 -0.70 -1.44 -52.34
C PRO A 110 -0.42 -0.73 -51.02
N GLU A 111 -1.45 -0.28 -50.30
CA GLU A 111 -1.24 0.32 -48.99
C GLU A 111 -0.88 -0.70 -47.93
N ASP A 112 -1.01 -2.00 -48.21
CA ASP A 112 -0.61 -3.06 -47.30
C ASP A 112 0.86 -3.44 -47.46
N THR A 113 1.63 -2.69 -48.25
CA THR A 113 3.06 -2.90 -48.35
C THR A 113 3.70 -2.51 -47.02
N ALA A 114 4.11 -3.53 -46.26
CA ALA A 114 4.62 -3.31 -44.91
C ALA A 114 5.42 -4.52 -44.47
N VAL A 115 6.25 -4.33 -43.46
CA VAL A 115 6.89 -5.44 -42.77
C VAL A 115 5.89 -5.96 -41.73
N TYR A 116 5.44 -7.19 -41.90
CA TYR A 116 4.39 -7.75 -41.06
C TYR A 116 5.04 -8.56 -39.94
N TYR A 117 4.72 -8.20 -38.70
CA TYR A 117 5.32 -8.79 -37.51
C TYR A 117 4.29 -9.63 -36.79
N CYS A 118 4.67 -10.85 -36.46
CA CYS A 118 3.92 -11.66 -35.51
C CYS A 118 4.24 -11.17 -34.11
N ALA A 119 3.21 -10.76 -33.38
CA ALA A 119 3.38 -10.20 -32.04
C ALA A 119 2.57 -11.02 -31.05
N ARG A 120 3.19 -11.35 -29.93
CA ARG A 120 2.50 -12.05 -28.85
C ARG A 120 2.15 -11.04 -27.77
N CYS A 121 0.93 -11.14 -27.23
CA CYS A 121 0.57 -10.33 -26.07
C CYS A 121 1.43 -10.75 -24.88
N PRO A 122 1.91 -9.80 -24.08
CA PRO A 122 3.05 -10.08 -23.20
C PRO A 122 2.76 -11.03 -22.05
N ALA A 123 1.54 -11.05 -21.53
CA ALA A 123 1.24 -11.92 -20.41
C ALA A 123 0.23 -12.98 -20.81
N PRO A 124 0.35 -14.20 -20.28
CA PRO A 124 -0.66 -15.21 -20.59
C PRO A 124 -1.92 -15.03 -19.76
N PHE A 125 -3.02 -15.60 -20.29
CA PHE A 125 -4.34 -15.62 -19.66
C PHE A 125 -4.86 -14.20 -19.39
N THR A 126 -4.56 -13.29 -20.30
CA THR A 126 -4.94 -11.89 -20.17
C THR A 126 -5.75 -11.44 -21.37
N ARG A 127 -6.72 -10.57 -21.11
CA ARG A 127 -7.51 -9.97 -22.18
C ARG A 127 -6.91 -8.69 -22.70
N ASP A 128 -6.16 -7.97 -21.88
CA ASP A 128 -5.42 -6.81 -22.35
C ASP A 128 -4.21 -7.25 -23.16
N CYS A 129 -3.74 -6.34 -24.00
CA CYS A 129 -2.59 -6.65 -24.85
C CYS A 129 -1.78 -5.38 -25.07
N PHE A 130 -0.98 -5.04 -24.07
CA PHE A 130 -0.22 -3.81 -24.12
C PHE A 130 1.10 -4.04 -24.84
N ASP A 131 1.60 -2.99 -25.50
CA ASP A 131 2.96 -2.83 -25.99
C ASP A 131 3.29 -3.56 -27.30
N VAL A 132 2.39 -4.36 -27.88
CA VAL A 132 2.74 -5.08 -29.10
C VAL A 132 3.01 -4.20 -30.31
N THR A 133 2.57 -2.94 -30.30
CA THR A 133 2.95 -2.01 -31.35
C THR A 133 4.06 -1.06 -30.92
N SER A 134 4.70 -1.31 -29.79
CA SER A 134 5.83 -0.50 -29.35
C SER A 134 7.06 -0.77 -30.20
N THR A 135 8.01 0.16 -30.15
CA THR A 135 9.17 0.13 -31.05
C THR A 135 10.09 -1.04 -30.75
N THR A 136 10.43 -1.25 -29.47
CA THR A 136 11.38 -2.28 -29.06
C THR A 136 10.68 -3.36 -28.24
N TYR A 137 9.49 -3.76 -28.66
CA TYR A 137 8.75 -4.80 -27.96
C TYR A 137 9.40 -6.16 -28.20
N ALA A 138 9.52 -6.93 -27.12
CA ALA A 138 10.37 -8.11 -27.14
C ALA A 138 9.65 -9.34 -27.70
N TYR A 139 8.36 -9.49 -27.43
CA TYR A 139 7.64 -10.68 -27.86
C TYR A 139 7.00 -10.47 -29.22
N ARG A 140 7.85 -10.05 -30.15
CA ARG A 140 7.49 -9.76 -31.51
C ARG A 140 8.63 -10.25 -32.40
N GLY A 141 8.30 -10.89 -33.51
CA GLY A 141 9.31 -11.49 -34.34
C GLY A 141 10.09 -10.47 -35.16
N GLN A 142 11.00 -10.98 -35.98
CA GLN A 142 11.81 -10.12 -36.83
C GLN A 142 11.00 -9.54 -37.99
N GLY A 143 9.86 -10.14 -38.32
CA GLY A 143 9.00 -9.61 -39.35
C GLY A 143 9.33 -10.16 -40.72
N THR A 144 8.30 -10.32 -41.53
CA THR A 144 8.44 -10.69 -42.92
C THR A 144 8.02 -9.52 -43.80
N GLN A 145 8.70 -9.35 -44.92
CA GLN A 145 8.45 -8.21 -45.80
C GLN A 145 7.36 -8.59 -46.80
N VAL A 146 6.27 -7.85 -46.77
CA VAL A 146 5.20 -7.98 -47.74
C VAL A 146 5.20 -6.72 -48.59
N THR A 147 5.47 -6.87 -49.89
CA THR A 147 5.46 -5.75 -50.82
C THR A 147 4.37 -6.00 -51.85
N VAL A 148 3.47 -5.02 -51.99
CA VAL A 148 2.36 -5.16 -52.92
C VAL A 148 2.52 -4.18 -54.07
N SER B 12 20.95 -7.53 -46.54
CA SER B 12 22.31 -7.89 -46.93
C SER B 12 23.17 -8.18 -45.69
N GLU B 13 23.74 -7.12 -45.13
CA GLU B 13 24.56 -7.28 -43.93
C GLU B 13 23.70 -7.60 -42.71
N LEU B 14 22.51 -6.99 -42.62
CA LEU B 14 21.61 -7.25 -41.51
C LEU B 14 21.08 -8.68 -41.53
N ASP B 15 20.79 -9.21 -42.72
CA ASP B 15 20.32 -10.59 -42.84
C ASP B 15 21.40 -11.58 -42.44
N GLN B 16 22.65 -11.34 -42.86
CA GLN B 16 23.73 -12.25 -42.48
C GLN B 16 24.09 -12.11 -41.01
N LEU B 17 23.93 -10.92 -40.43
CA LEU B 17 24.12 -10.75 -38.99
C LEU B 17 23.03 -11.48 -38.21
N ARG B 18 21.78 -11.45 -38.71
CA ARG B 18 20.70 -12.20 -38.07
C ARG B 18 20.93 -13.70 -38.19
N GLN B 19 21.46 -14.16 -39.33
CA GLN B 19 21.79 -15.57 -39.49
C GLN B 19 22.94 -15.98 -38.57
N GLU B 20 23.93 -15.10 -38.39
CA GLU B 20 25.02 -15.38 -37.46
C GLU B 20 24.54 -15.42 -36.01
N ALA B 21 23.61 -14.52 -35.66
CA ALA B 21 23.00 -14.55 -34.33
C ALA B 21 22.19 -15.83 -34.13
N GLU B 22 21.49 -16.28 -35.17
CA GLU B 22 20.74 -17.53 -35.10
C GLU B 22 21.66 -18.73 -34.91
N GLN B 23 22.79 -18.75 -35.63
CA GLN B 23 23.75 -19.84 -35.47
C GLN B 23 24.42 -19.81 -34.10
N LEU B 24 24.71 -18.62 -33.57
CA LEU B 24 25.30 -18.52 -32.24
C LEU B 24 24.32 -18.94 -31.16
N LYS B 25 23.05 -18.58 -31.31
CA LYS B 25 22.02 -19.05 -30.37
C LYS B 25 21.83 -20.55 -30.47
N ASN B 26 21.91 -21.11 -31.68
CA ASN B 26 21.80 -22.55 -31.87
C ASN B 26 22.95 -23.30 -31.21
N GLN B 27 24.18 -22.81 -31.36
CA GLN B 27 25.30 -23.52 -30.75
C GLN B 27 25.36 -23.29 -29.24
N ILE B 28 24.86 -22.15 -28.75
CA ILE B 28 24.71 -21.97 -27.30
C ILE B 28 23.68 -22.94 -26.73
N ARG B 29 22.56 -23.13 -27.45
CA ARG B 29 21.54 -24.09 -27.03
C ARG B 29 22.07 -25.51 -27.08
N ASP B 30 22.89 -25.83 -28.08
CA ASP B 30 23.48 -27.17 -28.16
C ASP B 30 24.51 -27.39 -27.05
N ALA B 31 25.27 -26.35 -26.69
CA ALA B 31 26.20 -26.46 -25.56
C ALA B 31 25.45 -26.67 -24.25
N ARG B 32 24.34 -25.96 -24.06
CA ARG B 32 23.52 -26.15 -22.86
C ARG B 32 22.85 -27.52 -22.84
N LYS B 33 22.47 -28.04 -24.01
CA LYS B 33 21.90 -29.38 -24.08
C LYS B 33 22.95 -30.44 -23.81
N ALA B 34 24.18 -30.22 -24.27
CA ALA B 34 25.28 -31.14 -24.01
C ALA B 34 25.69 -31.12 -22.54
N CYS B 35 25.53 -29.98 -21.88
CA CYS B 35 25.80 -29.92 -20.44
C CYS B 35 24.62 -30.38 -19.60
N ALA B 36 23.47 -30.67 -20.20
CA ALA B 36 22.29 -31.11 -19.47
C ALA B 36 22.22 -32.64 -19.46
N ASP B 37 23.13 -33.22 -18.67
CA ASP B 37 23.18 -34.68 -18.57
C ASP B 37 22.02 -35.23 -17.75
N ALA B 38 21.71 -34.59 -16.62
CA ALA B 38 20.59 -35.01 -15.79
C ALA B 38 20.05 -33.79 -15.06
N THR B 39 18.72 -33.75 -14.91
CA THR B 39 18.06 -32.58 -14.34
C THR B 39 18.25 -32.53 -12.83
N LEU B 40 17.95 -31.36 -12.26
CA LEU B 40 18.04 -31.18 -10.81
C LEU B 40 16.95 -31.95 -10.08
N SER B 41 15.80 -32.18 -10.75
CA SER B 41 14.74 -32.98 -10.16
C SER B 41 15.13 -34.44 -10.03
N GLN B 42 15.91 -34.96 -10.98
CA GLN B 42 16.41 -36.34 -10.87
C GLN B 42 17.47 -36.46 -9.79
N ILE B 43 18.29 -35.43 -9.60
CA ILE B 43 19.34 -35.47 -8.59
C ILE B 43 18.73 -35.41 -7.19
N THR B 44 17.77 -34.52 -6.98
CA THR B 44 17.12 -34.35 -5.68
C THR B 44 15.87 -35.22 -5.54
N ASN B 45 15.73 -36.27 -6.33
CA ASN B 45 14.57 -37.14 -6.19
C ASN B 45 14.68 -38.01 -4.95
N ASN B 46 15.90 -38.31 -4.50
CA ASN B 46 16.10 -39.23 -3.39
C ASN B 46 16.18 -38.52 -2.04
N ILE B 47 16.21 -37.19 -2.01
CA ILE B 47 16.30 -36.47 -0.75
C ILE B 47 14.89 -36.25 -0.20
N ASP B 48 14.82 -36.01 1.10
CA ASP B 48 13.53 -35.90 1.76
C ASP B 48 12.89 -34.56 1.44
N PRO B 49 11.57 -34.51 1.27
CA PRO B 49 10.89 -33.24 1.11
C PRO B 49 10.87 -32.46 2.42
N VAL B 50 10.66 -31.14 2.30
CA VAL B 50 10.66 -30.27 3.46
C VAL B 50 9.38 -30.34 4.27
N GLY B 51 8.39 -31.09 3.81
CA GLY B 51 7.12 -31.14 4.49
C GLY B 51 6.28 -29.90 4.20
N ARG B 52 5.30 -29.67 5.06
CA ARG B 52 4.44 -28.50 4.94
C ARG B 52 5.08 -27.37 5.72
N ILE B 53 5.71 -26.44 5.01
CA ILE B 53 6.24 -25.24 5.65
C ILE B 53 5.07 -24.32 5.94
N GLN B 54 4.76 -24.15 7.22
CA GLN B 54 3.62 -23.36 7.66
C GLN B 54 4.14 -22.16 8.44
N MET B 55 4.22 -21.01 7.78
CA MET B 55 4.60 -19.77 8.43
C MET B 55 3.35 -19.00 8.81
N ARG B 56 3.39 -18.37 9.98
CA ARG B 56 2.30 -17.55 10.46
C ARG B 56 2.71 -16.09 10.51
N THR B 57 1.74 -15.20 10.33
CA THR B 57 1.99 -13.77 10.42
C THR B 57 2.32 -13.40 11.86
N ARG B 58 3.55 -12.95 12.08
CA ARG B 58 3.97 -12.52 13.41
C ARG B 58 3.73 -11.04 13.63
N ARG B 59 4.12 -10.22 12.67
CA ARG B 59 3.92 -8.78 12.73
C ARG B 59 3.18 -8.35 11.47
N THR B 60 2.13 -7.55 11.64
CA THR B 60 1.48 -6.86 10.54
C THR B 60 1.86 -5.40 10.66
N LEU B 61 2.68 -4.92 9.74
CA LEU B 61 3.22 -3.56 9.79
C LEU B 61 2.22 -2.64 9.09
N ARG B 62 1.48 -1.88 9.88
CA ARG B 62 0.42 -1.01 9.40
C ARG B 62 0.87 0.44 9.47
N GLY B 63 0.40 1.25 8.52
CA GLY B 63 0.72 2.66 8.52
C GLY B 63 0.92 3.24 7.15
N HIS B 64 1.29 2.41 6.18
CA HIS B 64 1.22 2.81 4.78
C HIS B 64 -0.26 2.96 4.40
N LEU B 65 -0.55 3.94 3.56
CA LEU B 65 -1.93 4.23 3.21
C LEU B 65 -2.23 4.08 1.71
N ALA B 66 -1.25 3.71 0.91
CA ALA B 66 -1.45 3.29 -0.47
C ALA B 66 -0.68 1.99 -0.67
N LYS B 67 -0.70 1.47 -1.90
CA LYS B 67 -0.12 0.16 -2.17
C LYS B 67 1.40 0.19 -2.01
N ILE B 68 1.93 -0.86 -1.39
CA ILE B 68 3.38 -1.02 -1.24
C ILE B 68 3.91 -1.69 -2.49
N TYR B 69 4.91 -1.07 -3.12
CA TYR B 69 5.68 -1.76 -4.15
C TYR B 69 6.88 -2.53 -3.63
N ALA B 70 7.77 -1.89 -2.89
CA ALA B 70 9.02 -2.53 -2.53
C ALA B 70 9.34 -2.42 -1.06
N MET B 71 9.95 -3.47 -0.51
CA MET B 71 10.47 -3.47 0.83
C MET B 71 11.87 -4.08 0.77
N HIS B 72 12.82 -3.51 1.49
CA HIS B 72 14.15 -4.10 1.55
C HIS B 72 14.60 -4.19 3.00
N TRP B 73 14.87 -5.40 3.48
CA TRP B 73 15.34 -5.60 4.84
C TRP B 73 16.69 -4.92 5.04
N GLY B 74 16.96 -4.53 6.28
CA GLY B 74 18.31 -4.17 6.64
C GLY B 74 19.18 -5.39 6.84
N THR B 75 20.50 -5.18 6.84
CA THR B 75 21.41 -6.29 7.08
C THR B 75 21.45 -6.71 8.54
N ASP B 76 20.93 -5.89 9.45
CA ASP B 76 20.78 -6.28 10.85
C ASP B 76 19.59 -7.18 11.08
N SER B 77 18.78 -7.44 10.04
CA SER B 77 17.62 -8.34 10.03
C SER B 77 16.51 -7.88 10.97
N ARG B 78 16.54 -6.61 11.36
CA ARG B 78 15.51 -6.02 12.20
C ARG B 78 14.86 -4.83 11.53
N LEU B 79 15.65 -3.92 10.99
CA LEU B 79 15.09 -2.77 10.30
C LEU B 79 14.73 -3.14 8.88
N LEU B 80 13.65 -2.57 8.38
CA LEU B 80 13.30 -2.72 6.98
C LEU B 80 12.68 -1.42 6.50
N VAL B 81 13.09 -0.99 5.33
CA VAL B 81 12.44 0.12 4.66
C VAL B 81 11.35 -0.48 3.77
N SER B 82 10.25 0.25 3.59
CA SER B 82 9.21 -0.14 2.67
C SER B 82 8.79 1.05 1.84
N ALA B 83 8.49 0.80 0.57
CA ALA B 83 8.11 1.84 -0.37
C ALA B 83 6.65 1.65 -0.73
N SER B 84 5.83 2.65 -0.42
CA SER B 84 4.44 2.64 -0.84
C SER B 84 4.11 3.94 -1.54
N GLN B 85 3.18 3.88 -2.49
CA GLN B 85 2.88 5.08 -3.26
C GLN B 85 1.90 6.01 -2.58
N ASP B 86 2.15 6.30 -1.31
CA ASP B 86 1.56 7.41 -0.57
C ASP B 86 2.60 8.51 -0.42
N GLY B 87 3.74 8.35 -1.09
CA GLY B 87 4.85 9.25 -1.01
C GLY B 87 5.67 9.10 0.24
N LYS B 88 5.67 7.91 0.85
CA LYS B 88 6.35 7.72 2.13
C LYS B 88 7.24 6.48 2.09
N LEU B 89 8.43 6.61 2.66
CA LEU B 89 9.31 5.47 2.93
C LEU B 89 9.28 5.32 4.44
N ILE B 90 8.71 4.24 4.93
CA ILE B 90 8.70 3.97 6.37
C ILE B 90 9.78 2.95 6.69
N ILE B 91 10.62 3.26 7.66
CA ILE B 91 11.57 2.28 8.17
C ILE B 91 10.89 1.68 9.39
N TRP B 92 10.96 0.36 9.52
CA TRP B 92 10.21 -0.33 10.56
C TRP B 92 11.11 -1.13 11.48
N ASP B 93 11.00 -0.87 12.78
CA ASP B 93 11.64 -1.73 13.77
C ASP B 93 10.76 -2.98 13.79
N SER B 94 11.05 -3.97 12.93
CA SER B 94 10.16 -5.12 12.74
C SER B 94 9.94 -5.95 14.00
N TYR B 95 10.83 -5.87 14.98
CA TYR B 95 10.66 -6.64 16.21
C TYR B 95 9.52 -6.07 17.05
N THR B 96 9.34 -4.75 17.04
CA THR B 96 8.37 -4.07 17.88
C THR B 96 7.27 -3.39 17.10
N THR B 97 7.27 -3.50 15.76
CA THR B 97 6.42 -2.76 14.82
C THR B 97 6.54 -1.25 14.96
N ASN B 98 7.65 -0.76 15.49
CA ASN B 98 7.83 0.67 15.63
C ASN B 98 8.31 1.27 14.33
N LYS B 99 7.65 2.34 13.90
CA LYS B 99 8.12 3.10 12.76
C LYS B 99 9.31 3.94 13.18
N VAL B 100 10.47 3.64 12.60
CA VAL B 100 11.69 4.33 12.97
C VAL B 100 11.76 5.68 12.27
N HIS B 101 11.48 5.70 10.97
CA HIS B 101 11.46 6.93 10.20
C HIS B 101 10.25 6.91 9.28
N ALA B 102 9.69 8.10 9.05
CA ALA B 102 8.78 8.34 7.94
C ALA B 102 9.48 9.31 7.00
N ILE B 103 9.69 8.89 5.77
CA ILE B 103 10.45 9.68 4.81
C ILE B 103 9.49 10.14 3.72
N PRO B 104 9.09 11.41 3.70
CA PRO B 104 8.27 11.91 2.60
C PRO B 104 9.07 12.00 1.32
N LEU B 105 8.44 11.61 0.21
CA LEU B 105 9.11 11.55 -1.08
C LEU B 105 8.60 12.67 -1.97
N ARG B 106 9.51 13.24 -2.76
CA ARG B 106 9.15 14.31 -3.67
C ARG B 106 8.25 13.81 -4.80
N SER B 107 8.43 12.55 -5.20
CA SER B 107 7.52 11.89 -6.12
C SER B 107 6.83 10.75 -5.40
N SER B 108 5.50 10.73 -5.45
CA SER B 108 4.74 9.68 -4.77
C SER B 108 4.85 8.34 -5.46
N TRP B 109 5.20 8.32 -6.74
CA TRP B 109 5.15 7.10 -7.56
C TRP B 109 6.44 6.30 -7.41
N VAL B 110 6.71 5.89 -6.19
CA VAL B 110 7.89 5.09 -5.89
C VAL B 110 7.65 3.66 -6.33
N MET B 111 8.66 3.04 -6.92
CA MET B 111 8.57 1.64 -7.31
C MET B 111 9.66 0.77 -6.73
N THR B 112 10.66 1.35 -6.11
CA THR B 112 11.73 0.57 -5.52
C THR B 112 12.25 1.27 -4.27
N CYS B 113 12.77 0.46 -3.35
CA CYS B 113 13.52 1.01 -2.23
C CYS B 113 14.61 0.00 -1.88
N ALA B 114 15.77 0.54 -1.53
CA ALA B 114 16.87 -0.26 -1.05
C ALA B 114 17.22 0.18 0.34
N TYR B 115 17.87 -0.70 1.08
CA TYR B 115 18.42 -0.39 2.39
C TYR B 115 19.92 -0.64 2.29
N ALA B 116 20.72 0.35 2.67
CA ALA B 116 22.16 0.18 2.57
C ALA B 116 22.63 -0.84 3.60
N PRO B 117 23.62 -1.67 3.24
CA PRO B 117 24.13 -2.66 4.21
C PRO B 117 24.75 -2.05 5.45
N SER B 118 25.28 -0.84 5.35
CA SER B 118 25.74 -0.12 6.53
C SER B 118 24.57 0.33 7.40
N GLY B 119 23.39 0.51 6.80
CA GLY B 119 22.24 1.01 7.51
C GLY B 119 22.09 2.51 7.49
N ASN B 120 23.06 3.24 6.94
CA ASN B 120 23.05 4.69 6.98
C ASN B 120 22.22 5.31 5.87
N TYR B 121 21.81 4.54 4.87
CA TYR B 121 21.11 5.10 3.74
C TYR B 121 19.96 4.20 3.31
N VAL B 122 18.95 4.82 2.72
CA VAL B 122 17.92 4.10 1.98
C VAL B 122 17.82 4.73 0.60
N ALA B 123 17.39 3.93 -0.37
CA ALA B 123 17.15 4.43 -1.71
C ALA B 123 15.67 4.42 -2.02
N CYS B 124 15.34 5.07 -3.13
CA CYS B 124 13.96 5.37 -3.47
C CYS B 124 13.90 5.73 -4.94
N GLY B 125 13.00 5.09 -5.68
CA GLY B 125 12.88 5.40 -7.09
C GLY B 125 11.58 4.87 -7.66
N GLY B 126 11.22 5.41 -8.81
CA GLY B 126 10.02 5.02 -9.49
C GLY B 126 9.82 5.81 -10.76
N LEU B 127 8.60 6.34 -10.94
CA LEU B 127 8.24 7.03 -12.17
C LEU B 127 8.92 8.38 -12.35
N ASP B 128 9.60 8.90 -11.33
CA ASP B 128 10.39 10.12 -11.49
C ASP B 128 11.70 9.89 -12.24
N ASN B 129 12.02 8.63 -12.55
CA ASN B 129 13.24 8.20 -13.26
C ASN B 129 14.50 8.55 -12.47
N ILE B 130 14.37 8.63 -11.15
CA ILE B 130 15.43 9.11 -10.27
C ILE B 130 15.55 8.16 -9.10
N CYS B 131 16.77 7.68 -8.85
CA CYS B 131 17.06 6.95 -7.62
C CYS B 131 17.45 7.98 -6.56
N SER B 132 16.56 8.21 -5.60
CA SER B 132 16.80 9.19 -4.55
C SER B 132 17.45 8.49 -3.36
N ILE B 133 18.64 8.94 -2.98
CA ILE B 133 19.37 8.41 -1.85
C ILE B 133 19.07 9.28 -0.64
N TYR B 134 18.62 8.66 0.45
CA TYR B 134 18.24 9.36 1.66
C TYR B 134 19.21 9.03 2.79
N ASN B 135 19.76 10.05 3.41
CA ASN B 135 20.65 9.86 4.55
C ASN B 135 19.82 9.67 5.81
N LEU B 136 20.15 8.62 6.58
CA LEU B 136 19.43 8.32 7.81
C LEU B 136 20.18 8.77 9.06
N LYS B 137 21.50 8.95 8.96
CA LYS B 137 22.35 9.28 10.11
C LYS B 137 22.76 10.74 10.09
N THR B 138 21.85 11.63 9.71
CA THR B 138 22.15 13.06 9.74
C THR B 138 22.23 13.58 11.18
N ARG B 139 23.05 14.61 11.36
CA ARG B 139 23.13 15.28 12.66
C ARG B 139 21.87 16.09 12.94
N GLU B 140 21.11 16.46 11.90
CA GLU B 140 19.88 17.22 12.08
C GLU B 140 18.76 16.36 12.67
N GLY B 141 18.88 15.04 12.59
CA GLY B 141 17.92 14.13 13.18
C GLY B 141 16.75 13.77 12.28
N ASN B 142 16.61 14.40 11.13
CA ASN B 142 15.61 14.01 10.15
C ASN B 142 16.28 13.21 9.04
N VAL B 143 15.47 12.72 8.12
CA VAL B 143 15.96 12.01 6.95
C VAL B 143 16.00 12.99 5.79
N ARG B 144 17.19 13.24 5.29
CA ARG B 144 17.42 14.23 4.24
C ARG B 144 17.77 13.53 2.93
N VAL B 145 17.46 14.20 1.82
CA VAL B 145 17.84 13.69 0.50
C VAL B 145 19.35 13.84 0.36
N SER B 146 20.07 12.72 0.40
CA SER B 146 21.52 12.78 0.23
C SER B 146 21.89 13.07 -1.22
N ARG B 147 21.24 12.38 -2.16
CA ARG B 147 21.59 12.51 -3.57
C ARG B 147 20.40 12.06 -4.41
N GLU B 148 20.20 12.74 -5.54
CA GLU B 148 19.25 12.31 -6.55
C GLU B 148 20.01 11.91 -7.80
N LEU B 149 19.80 10.68 -8.25
CA LEU B 149 20.52 10.12 -9.39
C LEU B 149 19.59 10.17 -10.59
N ALA B 150 19.84 11.13 -11.49
CA ALA B 150 18.87 11.48 -12.52
C ALA B 150 19.36 11.20 -13.93
N GLY B 151 19.94 10.02 -14.16
CA GLY B 151 20.44 9.68 -15.47
C GLY B 151 19.56 8.72 -16.25
N HIS B 152 18.68 8.01 -15.56
CA HIS B 152 17.80 7.05 -16.21
C HIS B 152 16.69 7.76 -16.97
N THR B 153 16.42 7.32 -18.19
CA THR B 153 15.32 7.83 -18.98
C THR B 153 14.07 6.96 -18.88
N GLY B 154 14.11 5.94 -18.02
CA GLY B 154 12.92 5.16 -17.71
C GLY B 154 12.75 5.07 -16.21
N TYR B 155 11.63 4.48 -15.80
CA TYR B 155 11.27 4.42 -14.38
C TYR B 155 12.25 3.54 -13.61
N LEU B 156 12.54 3.92 -12.38
CA LEU B 156 13.31 3.06 -11.49
C LEU B 156 12.45 1.88 -11.04
N SER B 157 12.93 0.67 -11.30
CA SER B 157 12.21 -0.53 -10.91
C SER B 157 12.87 -1.28 -9.78
N CYS B 158 14.20 -1.33 -9.74
CA CYS B 158 14.91 -1.89 -8.60
C CYS B 158 16.21 -1.12 -8.41
N CYS B 159 16.68 -1.12 -7.16
CA CYS B 159 17.96 -0.53 -6.81
C CYS B 159 18.52 -1.30 -5.65
N ARG B 160 19.84 -1.48 -5.61
CA ARG B 160 20.50 -2.18 -4.53
C ARG B 160 21.83 -1.51 -4.25
N PHE B 161 22.05 -1.14 -2.98
CA PHE B 161 23.37 -0.66 -2.58
C PHE B 161 24.37 -1.79 -2.58
N LEU B 162 25.58 -1.50 -3.04
CA LEU B 162 26.71 -2.38 -2.76
C LEU B 162 27.44 -1.92 -1.50
N ASP B 163 27.58 -0.61 -1.34
CA ASP B 163 28.08 0.01 -0.14
C ASP B 163 27.41 1.38 -0.01
N ASP B 164 27.98 2.25 0.82
CA ASP B 164 27.41 3.59 1.00
C ASP B 164 27.59 4.48 -0.22
N ASN B 165 28.55 4.18 -1.10
CA ASN B 165 28.87 5.06 -2.21
C ASN B 165 28.45 4.53 -3.56
N GLN B 166 28.18 3.24 -3.70
CA GLN B 166 27.82 2.65 -4.98
C GLN B 166 26.46 1.98 -4.87
N ILE B 167 25.62 2.21 -5.88
CA ILE B 167 24.32 1.56 -5.97
C ILE B 167 24.09 1.16 -7.43
N VAL B 168 23.60 -0.06 -7.63
CA VAL B 168 23.23 -0.53 -8.96
C VAL B 168 21.72 -0.43 -9.08
N THR B 169 21.26 0.27 -10.10
CA THR B 169 19.84 0.57 -10.28
C THR B 169 19.36 -0.02 -11.60
N SER B 170 18.28 -0.80 -11.55
CA SER B 170 17.64 -1.24 -12.77
C SER B 170 16.56 -0.24 -13.16
N SER B 171 16.21 -0.23 -14.44
CA SER B 171 15.30 0.80 -14.89
C SER B 171 14.45 0.31 -16.05
N GLY B 172 13.40 1.08 -16.32
CA GLY B 172 12.48 0.87 -17.42
C GLY B 172 12.98 1.34 -18.76
N ASP B 173 14.18 1.93 -18.83
CA ASP B 173 14.80 2.29 -20.11
C ASP B 173 15.67 1.17 -20.66
N THR B 174 15.37 -0.08 -20.29
CA THR B 174 16.03 -1.32 -20.70
C THR B 174 17.48 -1.40 -20.25
N THR B 175 17.89 -0.58 -19.28
CA THR B 175 19.28 -0.55 -18.83
C THR B 175 19.35 -0.74 -17.32
N CYS B 176 20.52 -1.17 -16.87
CA CYS B 176 20.91 -1.06 -15.48
C CYS B 176 22.08 -0.11 -15.38
N ALA B 177 22.24 0.53 -14.23
CA ALA B 177 23.29 1.51 -14.06
C ALA B 177 23.95 1.35 -12.71
N LEU B 178 25.28 1.33 -12.70
CA LEU B 178 26.04 1.42 -11.47
C LEU B 178 26.37 2.89 -11.22
N TRP B 179 26.05 3.37 -10.02
CA TRP B 179 26.16 4.77 -9.70
C TRP B 179 27.29 5.02 -8.71
N ASP B 180 27.87 6.21 -8.79
CA ASP B 180 28.71 6.76 -7.73
C ASP B 180 27.87 7.81 -7.03
N ILE B 181 27.48 7.54 -5.78
CA ILE B 181 26.51 8.37 -5.07
C ILE B 181 27.12 9.74 -4.74
N GLU B 182 28.41 9.77 -4.42
CA GLU B 182 29.07 11.03 -4.06
C GLU B 182 29.16 11.96 -5.26
N THR B 183 29.40 11.42 -6.46
CA THR B 183 29.42 12.25 -7.66
C THR B 183 28.07 12.35 -8.33
N GLY B 184 27.16 11.40 -8.10
CA GLY B 184 25.87 11.42 -8.74
C GLY B 184 25.85 10.89 -10.16
N GLN B 185 26.96 10.36 -10.65
CA GLN B 185 27.09 9.95 -12.04
C GLN B 185 27.03 8.43 -12.16
N GLN B 186 26.72 7.98 -13.37
CA GLN B 186 26.73 6.56 -13.69
C GLN B 186 28.18 6.14 -13.92
N THR B 187 28.71 5.32 -13.01
CA THR B 187 30.02 4.71 -13.23
C THR B 187 29.97 3.74 -14.40
N THR B 188 28.92 2.92 -14.47
CA THR B 188 28.79 1.90 -15.49
C THR B 188 27.32 1.81 -15.89
N THR B 189 27.07 1.78 -17.20
CA THR B 189 25.74 1.51 -17.71
C THR B 189 25.70 0.09 -18.25
N PHE B 190 24.69 -0.66 -17.85
CA PHE B 190 24.55 -2.07 -18.23
C PHE B 190 23.44 -2.16 -19.27
N THR B 191 23.83 -2.31 -20.53
CA THR B 191 22.90 -2.34 -21.65
C THR B 191 22.90 -3.72 -22.29
N GLY B 192 21.77 -4.07 -22.91
CA GLY B 192 21.64 -5.35 -23.55
C GLY B 192 20.25 -5.93 -23.42
N HIS B 193 19.53 -5.54 -22.37
CA HIS B 193 18.13 -5.89 -22.26
C HIS B 193 17.33 -5.11 -23.30
N THR B 194 16.26 -5.74 -23.81
CA THR B 194 15.39 -5.08 -24.77
C THR B 194 14.04 -4.72 -24.19
N GLY B 195 13.68 -5.27 -23.03
CA GLY B 195 12.50 -4.86 -22.30
C GLY B 195 12.88 -4.12 -21.03
N ASP B 196 11.85 -3.64 -20.34
CA ASP B 196 12.04 -2.90 -19.10
C ASP B 196 12.63 -3.80 -18.03
N VAL B 197 13.78 -3.41 -17.49
CA VAL B 197 14.44 -4.21 -16.46
C VAL B 197 13.65 -4.02 -15.17
N MET B 198 13.02 -5.08 -14.70
CA MET B 198 12.07 -4.98 -13.60
C MET B 198 12.68 -5.28 -12.25
N SER B 199 13.71 -6.12 -12.21
CA SER B 199 14.22 -6.58 -10.94
C SER B 199 15.74 -6.66 -10.99
N LEU B 200 16.33 -6.69 -9.81
CA LEU B 200 17.77 -6.68 -9.67
C LEU B 200 18.13 -7.50 -8.44
N SER B 201 19.20 -8.28 -8.53
CA SER B 201 19.69 -9.04 -7.39
C SER B 201 21.20 -9.02 -7.41
N LEU B 202 21.79 -8.48 -6.35
CA LEU B 202 23.23 -8.49 -6.21
C LEU B 202 23.71 -9.85 -5.73
N ALA B 203 24.89 -10.24 -6.21
CA ALA B 203 25.54 -11.43 -5.70
C ALA B 203 26.00 -11.18 -4.26
N PRO B 204 26.14 -12.25 -3.45
CA PRO B 204 26.61 -12.07 -2.06
C PRO B 204 27.99 -11.45 -1.94
N ASP B 205 28.89 -11.67 -2.90
CA ASP B 205 30.18 -10.99 -2.88
C ASP B 205 30.15 -9.65 -3.61
N THR B 206 29.00 -9.30 -4.22
CA THR B 206 28.75 -8.08 -5.01
C THR B 206 29.72 -7.93 -6.18
N ARG B 207 30.30 -9.02 -6.65
CA ARG B 207 31.09 -8.99 -7.87
C ARG B 207 30.20 -8.94 -9.10
N LEU B 208 29.05 -9.60 -9.04
CA LEU B 208 28.12 -9.72 -10.15
C LEU B 208 26.74 -9.28 -9.68
N PHE B 209 25.84 -9.11 -10.63
CA PHE B 209 24.42 -9.00 -10.33
C PHE B 209 23.63 -9.52 -11.51
N VAL B 210 22.49 -10.12 -11.22
CA VAL B 210 21.55 -10.56 -12.24
C VAL B 210 20.44 -9.55 -12.34
N SER B 211 19.83 -9.45 -13.50
CA SER B 211 18.75 -8.51 -13.75
C SER B 211 17.69 -9.19 -14.59
N GLY B 212 16.46 -9.23 -14.09
CA GLY B 212 15.34 -9.74 -14.85
C GLY B 212 14.61 -8.59 -15.53
N ALA B 213 14.22 -8.80 -16.77
CA ALA B 213 13.61 -7.75 -17.55
C ALA B 213 12.34 -8.24 -18.23
N CYS B 214 11.73 -7.35 -19.00
CA CYS B 214 10.51 -7.62 -19.74
C CYS B 214 10.77 -8.25 -21.10
N ASP B 215 11.97 -8.77 -21.32
CA ASP B 215 12.28 -9.50 -22.55
C ASP B 215 12.30 -11.01 -22.34
N ALA B 216 11.71 -11.48 -21.23
CA ALA B 216 11.70 -12.87 -20.78
C ALA B 216 13.11 -13.44 -20.63
N SER B 217 14.06 -12.58 -20.27
CA SER B 217 15.45 -12.97 -20.17
C SER B 217 16.06 -12.37 -18.92
N ALA B 218 16.94 -13.13 -18.29
CA ALA B 218 17.74 -12.66 -17.17
C ALA B 218 19.19 -12.58 -17.61
N LYS B 219 19.85 -11.49 -17.26
CA LYS B 219 21.23 -11.26 -17.69
C LYS B 219 22.13 -11.17 -16.48
N LEU B 220 23.22 -11.93 -16.51
CA LEU B 220 24.24 -11.87 -15.47
C LEU B 220 25.28 -10.83 -15.89
N TRP B 221 25.42 -9.79 -15.09
CA TRP B 221 26.33 -8.71 -15.39
C TRP B 221 27.53 -8.77 -14.46
N ASP B 222 28.64 -8.23 -14.93
CA ASP B 222 29.81 -8.00 -14.10
C ASP B 222 29.82 -6.53 -13.71
N VAL B 223 29.95 -6.26 -12.42
CA VAL B 223 29.83 -4.88 -11.92
C VAL B 223 31.04 -4.06 -12.34
N ARG B 224 32.23 -4.63 -12.25
CA ARG B 224 33.45 -3.88 -12.54
C ARG B 224 33.68 -3.74 -14.05
N GLU B 225 33.81 -4.86 -14.76
CA GLU B 225 34.11 -4.80 -16.18
C GLU B 225 32.89 -4.46 -17.05
N GLY B 226 31.69 -4.47 -16.48
CA GLY B 226 30.57 -3.78 -17.10
C GLY B 226 29.82 -4.51 -18.18
N MET B 227 30.20 -5.74 -18.53
CA MET B 227 29.52 -6.46 -19.60
C MET B 227 28.50 -7.44 -19.04
N CYS B 228 27.62 -7.89 -19.93
CA CYS B 228 26.72 -9.00 -19.62
C CYS B 228 27.49 -10.29 -19.85
N ARG B 229 27.78 -11.01 -18.75
CA ARG B 229 28.55 -12.23 -18.87
C ARG B 229 27.70 -13.35 -19.47
N GLN B 230 26.46 -13.50 -19.00
CA GLN B 230 25.59 -14.58 -19.43
C GLN B 230 24.16 -14.06 -19.55
N THR B 231 23.44 -14.61 -20.51
CA THR B 231 22.03 -14.30 -20.71
C THR B 231 21.22 -15.58 -20.51
N PHE B 232 20.18 -15.50 -19.69
CA PHE B 232 19.42 -16.66 -19.28
C PHE B 232 18.00 -16.52 -19.81
N THR B 233 17.63 -17.39 -20.73
CA THR B 233 16.27 -17.45 -21.25
C THR B 233 15.59 -18.71 -20.73
N GLY B 234 14.29 -18.81 -20.99
CA GLY B 234 13.52 -19.92 -20.50
C GLY B 234 12.15 -19.50 -20.01
N HIS B 235 12.05 -18.29 -19.47
CA HIS B 235 10.74 -17.75 -19.18
C HIS B 235 10.00 -17.35 -20.44
N GLU B 236 8.68 -17.30 -20.31
CA GLU B 236 7.80 -17.02 -21.42
C GLU B 236 7.28 -15.60 -21.42
N SER B 237 7.37 -14.89 -20.29
CA SER B 237 6.83 -13.55 -20.19
C SER B 237 7.80 -12.70 -19.37
N ASP B 238 7.36 -11.51 -18.97
CA ASP B 238 8.21 -10.52 -18.31
C ASP B 238 8.69 -11.00 -16.96
N ILE B 239 10.01 -11.03 -16.78
CA ILE B 239 10.59 -11.40 -15.49
C ILE B 239 10.47 -10.20 -14.56
N ASN B 240 9.58 -10.31 -13.58
CA ASN B 240 9.32 -9.23 -12.64
C ASN B 240 10.18 -9.32 -11.40
N ALA B 241 10.88 -10.43 -11.21
CA ALA B 241 11.43 -10.80 -9.92
C ALA B 241 12.71 -11.59 -10.15
N ILE B 242 13.73 -11.29 -9.36
CA ILE B 242 14.99 -12.02 -9.46
C ILE B 242 15.65 -12.03 -8.09
N CYS B 243 16.31 -13.14 -7.78
CA CYS B 243 16.96 -13.30 -6.48
C CYS B 243 18.06 -14.34 -6.61
N PHE B 244 19.26 -14.01 -6.15
CA PHE B 244 20.36 -14.96 -6.13
C PHE B 244 20.11 -16.07 -5.12
N PHE B 245 20.57 -17.27 -5.48
CA PHE B 245 20.78 -18.31 -4.49
C PHE B 245 21.88 -17.87 -3.53
N PRO B 246 21.80 -18.26 -2.25
CA PRO B 246 22.75 -17.73 -1.25
C PRO B 246 24.22 -18.06 -1.47
N ASN B 247 24.55 -19.09 -2.27
CA ASN B 247 25.96 -19.31 -2.57
C ASN B 247 26.48 -18.39 -3.67
N GLY B 248 25.59 -17.72 -4.40
CA GLY B 248 25.97 -16.90 -5.51
C GLY B 248 26.14 -17.64 -6.82
N ASN B 249 26.01 -18.95 -6.82
CA ASN B 249 26.18 -19.75 -8.02
C ASN B 249 24.90 -19.90 -8.82
N ALA B 250 23.74 -19.77 -8.20
CA ALA B 250 22.49 -19.85 -8.92
C ALA B 250 21.64 -18.63 -8.61
N PHE B 251 20.53 -18.50 -9.32
CA PHE B 251 19.55 -17.47 -9.01
C PHE B 251 18.18 -17.95 -9.47
N ALA B 252 17.14 -17.43 -8.82
CA ALA B 252 15.78 -17.70 -9.22
C ALA B 252 15.13 -16.46 -9.80
N THR B 253 14.18 -16.68 -10.69
CA THR B 253 13.44 -15.60 -11.32
C THR B 253 11.96 -15.80 -11.11
N GLY B 254 11.21 -14.70 -11.15
CA GLY B 254 9.77 -14.77 -11.12
C GLY B 254 9.19 -13.98 -12.25
N SER B 255 8.22 -14.55 -12.96
CA SER B 255 7.75 -13.93 -14.19
C SER B 255 6.23 -13.94 -14.26
N ASP B 256 5.71 -13.31 -15.32
CA ASP B 256 4.28 -13.24 -15.56
C ASP B 256 3.72 -14.53 -16.17
N ASP B 257 4.57 -15.49 -16.53
CA ASP B 257 4.12 -16.75 -17.08
C ASP B 257 3.69 -17.78 -16.03
N ALA B 258 3.46 -17.32 -14.79
CA ALA B 258 3.04 -18.09 -13.63
C ALA B 258 4.05 -19.15 -13.22
N THR B 259 5.32 -18.99 -13.62
CA THR B 259 6.37 -19.92 -13.25
C THR B 259 7.51 -19.18 -12.58
N CYS B 260 8.18 -19.86 -11.67
CA CYS B 260 9.49 -19.47 -11.19
C CYS B 260 10.51 -20.45 -11.74
N ARG B 261 11.67 -19.92 -12.11
CA ARG B 261 12.70 -20.75 -12.72
C ARG B 261 14.03 -20.50 -12.03
N LEU B 262 14.79 -21.57 -11.85
CA LEU B 262 16.11 -21.51 -11.22
C LEU B 262 17.17 -21.73 -12.28
N PHE B 263 18.16 -20.85 -12.31
CA PHE B 263 19.23 -20.88 -13.31
C PHE B 263 20.58 -20.98 -12.61
N ASP B 264 21.39 -21.95 -13.01
CA ASP B 264 22.79 -21.96 -12.61
C ASP B 264 23.57 -20.95 -13.43
N LEU B 265 24.49 -20.24 -12.77
CA LEU B 265 25.46 -19.43 -13.50
C LEU B 265 26.43 -20.31 -14.27
N ARG B 266 26.93 -21.37 -13.63
CA ARG B 266 27.98 -22.17 -14.24
C ARG B 266 27.45 -23.12 -15.31
N ALA B 267 26.25 -23.69 -15.11
CA ALA B 267 25.66 -24.52 -16.15
C ALA B 267 24.98 -23.71 -17.23
N ASP B 268 24.75 -22.40 -16.98
CA ASP B 268 24.29 -21.42 -17.97
C ASP B 268 22.93 -21.78 -18.55
N GLN B 269 22.05 -22.38 -17.76
CA GLN B 269 20.73 -22.75 -18.25
C GLN B 269 19.77 -22.88 -17.09
N GLU B 270 18.52 -23.14 -17.43
CA GLU B 270 17.48 -23.44 -16.45
C GLU B 270 17.76 -24.76 -15.74
N LEU B 271 17.51 -24.79 -14.44
CA LEU B 271 17.63 -26.00 -13.66
C LEU B 271 16.29 -26.61 -13.29
N MET B 272 15.29 -25.79 -12.98
CA MET B 272 14.05 -26.27 -12.40
C MET B 272 12.99 -25.19 -12.57
N THR B 273 11.78 -25.62 -12.93
CA THR B 273 10.64 -24.72 -13.06
C THR B 273 9.70 -24.93 -11.87
N TYR B 274 9.32 -23.83 -11.23
CA TYR B 274 8.42 -23.85 -10.08
C TYR B 274 7.07 -23.34 -10.55
N SER B 275 6.16 -24.26 -10.84
CA SER B 275 4.85 -23.90 -11.34
C SER B 275 3.84 -24.94 -10.89
N HIS B 276 2.57 -24.56 -10.92
CA HIS B 276 1.48 -25.46 -10.60
C HIS B 276 0.34 -25.17 -11.56
N ASP B 277 -0.56 -26.15 -11.69
CA ASP B 277 -1.62 -26.07 -12.70
C ASP B 277 -2.63 -24.99 -12.38
N ASN B 278 -3.02 -24.85 -11.11
CA ASN B 278 -3.99 -23.82 -10.75
C ASN B 278 -3.36 -22.44 -10.57
N ILE B 279 -2.03 -22.35 -10.62
CA ILE B 279 -1.37 -21.06 -10.61
C ILE B 279 -1.40 -20.48 -12.02
N ILE B 280 -2.04 -19.32 -12.16
CA ILE B 280 -2.28 -18.72 -13.47
C ILE B 280 -1.62 -17.35 -13.46
N CYS B 281 -1.54 -16.74 -12.28
CA CYS B 281 -1.11 -15.37 -12.13
C CYS B 281 0.42 -15.28 -12.07
N GLY B 282 0.93 -14.10 -12.39
CA GLY B 282 2.37 -13.89 -12.43
C GLY B 282 2.99 -13.70 -11.07
N ILE B 283 4.32 -13.73 -11.05
CA ILE B 283 5.12 -13.61 -9.85
C ILE B 283 5.73 -12.21 -9.81
N THR B 284 5.51 -11.48 -8.72
CA THR B 284 6.04 -10.14 -8.57
C THR B 284 7.34 -10.10 -7.78
N SER B 285 7.63 -11.12 -6.98
CA SER B 285 8.74 -11.07 -6.04
C SER B 285 9.17 -12.49 -5.73
N VAL B 286 10.48 -12.71 -5.70
CA VAL B 286 11.04 -13.99 -5.30
C VAL B 286 12.10 -13.74 -4.23
N SER B 287 12.29 -14.73 -3.37
CA SER B 287 13.34 -14.68 -2.37
C SER B 287 13.65 -16.10 -1.94
N PHE B 288 14.92 -16.36 -1.66
CA PHE B 288 15.33 -17.64 -1.10
C PHE B 288 15.36 -17.57 0.42
N SER B 289 15.35 -18.73 1.05
CA SER B 289 15.65 -18.81 2.47
C SER B 289 17.16 -18.72 2.67
N LYS B 290 17.60 -18.85 3.93
CA LYS B 290 19.02 -18.67 4.23
C LYS B 290 19.85 -19.83 3.67
N SER B 291 19.32 -21.05 3.74
CA SER B 291 19.98 -22.17 3.10
C SER B 291 19.71 -22.25 1.61
N GLY B 292 18.74 -21.51 1.11
CA GLY B 292 18.34 -21.62 -0.27
C GLY B 292 17.41 -22.78 -0.56
N ARG B 293 17.05 -23.57 0.46
CA ARG B 293 16.17 -24.72 0.24
C ARG B 293 14.75 -24.28 -0.07
N LEU B 294 14.30 -23.19 0.55
CA LEU B 294 12.97 -22.67 0.30
C LEU B 294 13.06 -21.48 -0.65
N LEU B 295 12.36 -21.57 -1.77
CA LEU B 295 12.19 -20.43 -2.66
C LEU B 295 10.80 -19.86 -2.42
N LEU B 296 10.74 -18.68 -1.82
CA LEU B 296 9.47 -18.03 -1.60
C LEU B 296 9.20 -17.09 -2.76
N ALA B 297 7.96 -17.09 -3.23
CA ALA B 297 7.59 -16.28 -4.38
C ALA B 297 6.28 -15.58 -4.09
N GLY B 298 6.22 -14.28 -4.37
CA GLY B 298 5.01 -13.50 -4.20
C GLY B 298 4.25 -13.40 -5.50
N TYR B 299 2.94 -13.57 -5.43
CA TYR B 299 2.12 -13.78 -6.61
C TYR B 299 1.07 -12.69 -6.74
N ASP B 300 0.41 -12.67 -7.90
CA ASP B 300 -0.68 -11.73 -8.15
C ASP B 300 -2.01 -12.19 -7.56
N ASP B 301 -2.16 -13.46 -7.19
CA ASP B 301 -3.40 -13.95 -6.60
C ASP B 301 -3.44 -13.78 -5.09
N PHE B 302 -2.68 -12.82 -4.58
CA PHE B 302 -2.68 -12.21 -3.24
C PHE B 302 -1.91 -13.08 -2.25
N ASN B 303 -1.37 -14.22 -2.67
CA ASN B 303 -0.70 -15.14 -1.78
C ASN B 303 0.78 -15.21 -2.10
N CYS B 304 1.52 -15.88 -1.21
CA CYS B 304 2.92 -16.21 -1.43
C CYS B 304 3.07 -17.71 -1.31
N ASN B 305 3.65 -18.33 -2.32
CA ASN B 305 3.86 -19.77 -2.32
C ASN B 305 5.31 -20.08 -1.97
N VAL B 306 5.50 -20.88 -0.92
CA VAL B 306 6.83 -21.38 -0.58
C VAL B 306 7.10 -22.60 -1.44
N TRP B 307 8.21 -22.56 -2.17
CA TRP B 307 8.60 -23.66 -3.04
C TRP B 307 9.81 -24.37 -2.45
N ASP B 308 9.77 -25.69 -2.48
CA ASP B 308 10.98 -26.48 -2.29
C ASP B 308 11.88 -26.21 -3.50
N ALA B 309 12.99 -25.51 -3.28
CA ALA B 309 13.84 -25.07 -4.38
C ALA B 309 14.59 -26.22 -5.03
N LEU B 310 14.71 -27.36 -4.36
CA LEU B 310 15.38 -28.51 -4.93
C LEU B 310 14.43 -29.52 -5.56
N LYS B 311 13.15 -29.51 -5.19
CA LYS B 311 12.21 -30.53 -5.64
C LYS B 311 11.02 -29.97 -6.41
N ALA B 312 10.93 -28.64 -6.57
CA ALA B 312 9.83 -27.93 -7.25
C ALA B 312 8.47 -28.23 -6.62
N ASP B 313 8.44 -28.48 -5.32
CA ASP B 313 7.21 -28.79 -4.61
C ASP B 313 6.71 -27.56 -3.86
N ARG B 314 5.41 -27.35 -3.90
CA ARG B 314 4.78 -26.25 -3.18
C ARG B 314 4.83 -26.58 -1.69
N ALA B 315 5.80 -25.99 -0.99
CA ALA B 315 6.01 -26.31 0.42
C ALA B 315 4.91 -25.72 1.30
N GLY B 316 4.45 -24.53 0.98
CA GLY B 316 3.43 -23.89 1.79
C GLY B 316 2.93 -22.63 1.11
N VAL B 317 1.85 -22.10 1.66
CA VAL B 317 1.20 -20.89 1.15
C VAL B 317 1.19 -19.85 2.26
N LEU B 318 1.67 -18.66 1.96
CA LEU B 318 1.60 -17.52 2.87
C LEU B 318 0.42 -16.67 2.43
N ALA B 319 -0.76 -17.01 2.94
CA ALA B 319 -2.01 -16.38 2.52
C ALA B 319 -2.50 -15.48 3.65
N GLY B 320 -2.13 -14.20 3.60
CA GLY B 320 -2.61 -13.25 4.57
C GLY B 320 -2.90 -11.88 3.99
N HIS B 321 -2.67 -11.72 2.69
CA HIS B 321 -2.80 -10.42 2.05
C HIS B 321 -4.10 -10.34 1.25
N ASP B 322 -4.75 -9.19 1.32
CA ASP B 322 -6.02 -8.96 0.64
C ASP B 322 -5.85 -8.31 -0.72
N ASN B 323 -4.61 -8.05 -1.15
CA ASN B 323 -4.35 -7.51 -2.47
C ASN B 323 -3.02 -8.09 -2.96
N ARG B 324 -2.57 -7.59 -4.11
CA ARG B 324 -1.43 -8.17 -4.82
C ARG B 324 -0.15 -8.06 -4.01
N VAL B 325 0.51 -9.20 -3.81
CA VAL B 325 1.81 -9.19 -3.14
C VAL B 325 2.84 -8.65 -4.11
N SER B 326 3.49 -7.56 -3.74
CA SER B 326 4.41 -6.89 -4.63
C SER B 326 5.87 -7.08 -4.27
N CYS B 327 6.17 -7.35 -3.01
CA CYS B 327 7.56 -7.51 -2.59
C CYS B 327 7.67 -8.54 -1.49
N LEU B 328 8.73 -9.34 -1.55
CA LEU B 328 9.17 -10.18 -0.46
C LEU B 328 10.53 -9.73 0.04
N GLY B 329 10.86 -10.19 1.22
CA GLY B 329 12.20 -10.07 1.72
C GLY B 329 12.45 -11.07 2.81
N VAL B 330 13.50 -11.85 2.68
CA VAL B 330 13.95 -12.75 3.73
C VAL B 330 15.13 -12.09 4.42
N THR B 331 15.15 -12.13 5.75
CA THR B 331 16.20 -11.54 6.54
C THR B 331 17.55 -12.21 6.25
N ASP B 332 18.63 -11.48 6.56
CA ASP B 332 19.97 -11.99 6.33
C ASP B 332 20.29 -13.18 7.24
N ASP B 333 19.76 -13.20 8.46
CA ASP B 333 19.89 -14.37 9.31
C ASP B 333 18.80 -15.41 9.06
N GLY B 334 17.90 -15.14 8.12
CA GLY B 334 16.89 -16.10 7.73
C GLY B 334 15.76 -16.26 8.71
N MET B 335 15.66 -15.40 9.73
CA MET B 335 14.69 -15.60 10.79
C MET B 335 13.26 -15.38 10.32
N ALA B 336 13.05 -14.46 9.37
CA ALA B 336 11.68 -14.13 9.00
C ALA B 336 11.61 -13.71 7.53
N VAL B 337 10.39 -13.78 7.00
CA VAL B 337 10.07 -13.27 5.67
C VAL B 337 9.05 -12.16 5.83
N ALA B 338 9.34 -11.01 5.24
CA ALA B 338 8.37 -9.93 5.19
C ALA B 338 7.78 -9.85 3.81
N THR B 339 6.46 -9.86 3.73
CA THR B 339 5.73 -9.75 2.48
C THR B 339 5.01 -8.42 2.47
N GLY B 340 5.32 -7.59 1.49
CA GLY B 340 4.59 -6.37 1.26
C GLY B 340 3.58 -6.57 0.14
N SER B 341 2.50 -5.82 0.20
CA SER B 341 1.43 -6.05 -0.75
C SER B 341 0.71 -4.75 -1.06
N TRP B 342 -0.26 -4.86 -1.97
CA TRP B 342 -1.03 -3.72 -2.41
C TRP B 342 -2.17 -3.35 -1.47
N ASP B 343 -2.37 -4.11 -0.39
CA ASP B 343 -3.33 -3.77 0.63
C ASP B 343 -2.75 -2.85 1.69
N SER B 344 -1.63 -2.18 1.38
CA SER B 344 -0.91 -1.24 2.25
C SER B 344 -0.41 -1.88 3.53
N PHE B 345 -0.08 -3.17 3.49
CA PHE B 345 0.42 -3.85 4.68
C PHE B 345 1.68 -4.63 4.39
N LEU B 346 2.47 -4.81 5.44
CA LEU B 346 3.66 -5.64 5.45
C LEU B 346 3.45 -6.70 6.52
N LYS B 347 3.37 -7.95 6.12
CA LYS B 347 3.23 -9.03 7.07
C LYS B 347 4.55 -9.79 7.17
N ILE B 348 4.94 -10.10 8.40
CA ILE B 348 6.20 -10.77 8.69
C ILE B 348 5.90 -12.19 9.14
N TRP B 349 6.51 -13.16 8.45
CA TRP B 349 6.15 -14.56 8.59
C TRP B 349 7.37 -15.36 9.00
N ASN B 350 7.16 -16.35 9.88
CA ASN B 350 8.14 -17.42 10.09
C ASN B 350 7.49 -18.70 10.62
N THR C 6 20.75 0.95 -40.78
CA THR C 6 22.04 1.34 -40.23
C THR C 6 22.11 1.05 -38.74
N ALA C 7 21.09 1.50 -38.00
CA ALA C 7 21.03 1.22 -36.58
C ALA C 7 20.69 -0.24 -36.32
N SER C 8 19.90 -0.87 -37.21
CA SER C 8 19.62 -2.30 -37.09
C SER C 8 20.88 -3.14 -37.29
N ILE C 9 21.73 -2.73 -38.23
CA ILE C 9 23.00 -3.41 -38.45
C ILE C 9 23.92 -3.25 -37.23
N ALA C 10 23.93 -2.07 -36.63
CA ALA C 10 24.76 -1.84 -35.45
C ALA C 10 24.28 -2.64 -34.25
N GLN C 11 22.97 -2.71 -34.02
CA GLN C 11 22.48 -3.48 -32.89
C GLN C 11 22.59 -4.98 -33.15
N ALA C 12 22.52 -5.42 -34.41
CA ALA C 12 22.77 -6.82 -34.71
C ALA C 12 24.24 -7.17 -34.53
N ARG C 13 25.14 -6.23 -34.84
CA ARG C 13 26.57 -6.44 -34.59
C ARG C 13 26.86 -6.52 -33.10
N LYS C 14 26.22 -5.66 -32.30
CA LYS C 14 26.34 -5.76 -30.85
C LYS C 14 25.76 -7.05 -30.31
N LEU C 15 24.65 -7.53 -30.91
CA LEU C 15 24.04 -8.78 -30.49
C LEU C 15 24.93 -9.98 -30.80
N VAL C 16 25.55 -10.01 -31.99
CA VAL C 16 26.42 -11.14 -32.30
C VAL C 16 27.73 -11.05 -31.53
N GLU C 17 28.18 -9.83 -31.17
CA GLU C 17 29.34 -9.69 -30.29
C GLU C 17 29.03 -10.21 -28.88
N GLN C 18 27.83 -9.91 -28.37
CA GLN C 18 27.43 -10.43 -27.07
C GLN C 18 27.26 -11.94 -27.09
N LEU C 19 26.72 -12.48 -28.19
CA LEU C 19 26.60 -13.93 -28.32
C LEU C 19 27.96 -14.61 -28.45
N LYS C 20 28.92 -13.94 -29.09
CA LYS C 20 30.28 -14.47 -29.11
C LYS C 20 30.92 -14.45 -27.73
N MET C 21 30.65 -13.40 -26.94
CA MET C 21 31.19 -13.35 -25.57
C MET C 21 30.53 -14.38 -24.66
N GLU C 22 29.25 -14.68 -24.88
CA GLU C 22 28.58 -15.73 -24.14
C GLU C 22 28.82 -17.12 -24.74
N ALA C 23 29.49 -17.20 -25.89
CA ALA C 23 29.80 -18.49 -26.49
C ALA C 23 31.02 -19.12 -25.84
N ASN C 24 32.09 -18.35 -25.66
CA ASN C 24 33.36 -18.88 -25.17
C ASN C 24 33.45 -18.79 -23.64
N ILE C 25 32.47 -19.39 -22.98
CA ILE C 25 32.47 -19.49 -21.53
C ILE C 25 32.57 -20.96 -21.15
N ASP C 26 33.12 -21.21 -19.96
CA ASP C 26 33.22 -22.56 -19.46
C ASP C 26 31.93 -22.96 -18.78
N ARG C 27 31.41 -24.13 -19.12
CA ARG C 27 30.15 -24.62 -18.59
C ARG C 27 30.37 -25.95 -17.89
N ILE C 28 29.73 -26.10 -16.73
CA ILE C 28 29.75 -27.34 -15.99
C ILE C 28 28.47 -28.10 -16.26
N LYS C 29 28.43 -29.37 -15.84
CA LYS C 29 27.25 -30.19 -16.04
C LYS C 29 26.13 -29.75 -15.11
N VAL C 30 24.90 -30.02 -15.54
CA VAL C 30 23.72 -29.75 -14.70
C VAL C 30 23.69 -30.70 -13.51
N SER C 31 24.25 -31.90 -13.67
CA SER C 31 24.40 -32.81 -12.52
C SER C 31 25.34 -32.22 -11.47
N LYS C 32 26.44 -31.62 -11.91
CA LYS C 32 27.37 -30.97 -10.97
C LYS C 32 26.72 -29.75 -10.32
N ALA C 33 25.94 -28.99 -11.10
CA ALA C 33 25.21 -27.84 -10.56
C ALA C 33 24.20 -28.26 -9.51
N ALA C 34 23.45 -29.33 -9.79
CA ALA C 34 22.45 -29.85 -8.87
C ALA C 34 23.11 -30.41 -7.63
N ALA C 35 24.26 -31.07 -7.78
CA ALA C 35 25.02 -31.57 -6.64
C ALA C 35 25.52 -30.44 -5.76
N ASP C 36 26.00 -29.35 -6.37
CA ASP C 36 26.49 -28.21 -5.59
C ASP C 36 25.34 -27.50 -4.86
N LEU C 37 24.18 -27.37 -5.50
CA LEU C 37 23.05 -26.74 -4.84
C LEU C 37 22.50 -27.63 -3.73
N MET C 38 22.49 -28.95 -3.95
CA MET C 38 22.12 -29.89 -2.90
C MET C 38 23.08 -29.83 -1.72
N ALA C 39 24.38 -29.72 -2.02
CA ALA C 39 25.38 -29.63 -0.96
C ALA C 39 25.24 -28.35 -0.17
N TYR C 40 24.89 -27.24 -0.84
CA TYR C 40 24.68 -26.00 -0.12
C TYR C 40 23.40 -26.04 0.71
N CYS C 41 22.35 -26.69 0.20
CA CYS C 41 21.10 -26.75 0.94
C CYS C 41 21.21 -27.65 2.17
N GLU C 42 21.85 -28.81 2.04
CA GLU C 42 22.04 -29.68 3.18
C GLU C 42 23.29 -29.38 3.98
N ALA C 43 24.08 -28.38 3.58
CA ALA C 43 25.15 -27.86 4.42
C ALA C 43 24.73 -26.64 5.23
N HIS C 44 23.53 -26.12 5.00
CA HIS C 44 23.03 -24.96 5.72
C HIS C 44 21.61 -25.16 6.22
N ALA C 45 21.09 -26.39 6.19
CA ALA C 45 19.72 -26.64 6.61
C ALA C 45 19.52 -26.48 8.11
N LYS C 46 20.59 -26.65 8.89
CA LYS C 46 20.48 -26.50 10.33
C LYS C 46 20.32 -25.03 10.72
N GLU C 47 21.03 -24.13 10.05
CA GLU C 47 20.93 -22.71 10.31
C GLU C 47 19.95 -22.00 9.38
N ASP C 48 18.97 -22.74 8.84
CA ASP C 48 17.88 -22.12 8.11
C ASP C 48 16.66 -22.09 9.01
N PRO C 49 16.26 -20.92 9.52
CA PRO C 49 15.16 -20.88 10.49
C PRO C 49 13.79 -21.09 9.87
N LEU C 50 13.61 -20.77 8.59
CA LEU C 50 12.35 -21.06 7.92
C LEU C 50 12.20 -22.53 7.59
N LEU C 51 13.32 -23.21 7.31
CA LEU C 51 13.29 -24.63 7.03
C LEU C 51 13.03 -25.43 8.31
N THR C 52 13.91 -25.28 9.28
CA THR C 52 13.72 -25.89 10.59
C THR C 52 13.23 -24.81 11.54
N PRO C 53 11.97 -24.85 11.99
CA PRO C 53 11.44 -23.78 12.85
C PRO C 53 12.07 -23.81 14.22
N VAL C 54 12.70 -22.69 14.59
CA VAL C 54 13.34 -22.54 15.89
C VAL C 54 12.27 -22.41 16.97
N PRO C 55 12.57 -22.74 18.23
CA PRO C 55 11.62 -22.46 19.31
C PRO C 55 11.46 -20.96 19.53
N ALA C 56 10.36 -20.62 20.21
CA ALA C 56 9.97 -19.23 20.38
C ALA C 56 10.89 -18.43 21.30
N SER C 57 11.78 -19.09 22.05
CA SER C 57 12.74 -18.37 22.87
C SER C 57 13.79 -17.67 22.01
N GLU C 58 14.27 -18.35 20.96
CA GLU C 58 15.22 -17.76 20.04
C GLU C 58 14.56 -17.03 18.89
N ASN C 59 13.23 -17.02 18.82
CA ASN C 59 12.50 -16.33 17.77
C ASN C 59 12.15 -14.94 18.27
N PRO C 60 12.72 -13.87 17.69
CA PRO C 60 12.37 -12.51 18.15
C PRO C 60 11.01 -12.04 17.67
N PHE C 61 10.40 -12.76 16.73
CA PHE C 61 9.05 -12.47 16.28
C PHE C 61 8.01 -13.33 16.98
N ARG C 62 8.43 -14.16 17.93
CA ARG C 62 7.60 -15.00 18.79
C ARG C 62 6.67 -15.94 18.01
N THR D 3 6.42 -3.49 30.45
CA THR D 3 7.65 -4.26 30.47
C THR D 3 8.72 -3.61 29.60
N LEU D 4 8.33 -2.57 28.88
CA LEU D 4 9.25 -1.85 27.99
C LEU D 4 10.21 -0.98 28.80
N SER D 5 11.35 -0.68 28.19
CA SER D 5 12.32 0.21 28.81
C SER D 5 11.92 1.66 28.58
N ALA D 6 12.73 2.57 29.12
CA ALA D 6 12.49 4.00 28.94
C ALA D 6 12.67 4.42 27.50
N GLU D 7 13.71 3.90 26.84
CA GLU D 7 13.94 4.22 25.43
C GLU D 7 13.00 3.46 24.51
N ASP D 8 12.62 2.24 24.88
CA ASP D 8 11.64 1.50 24.09
C ASP D 8 10.28 2.17 24.12
N LYS D 9 9.90 2.72 25.29
CA LYS D 9 8.63 3.45 25.39
C LYS D 9 8.68 4.74 24.59
N ALA D 10 9.82 5.43 24.59
CA ALA D 10 9.93 6.67 23.84
C ALA D 10 10.04 6.42 22.35
N ALA D 11 10.55 5.25 21.94
CA ALA D 11 10.51 4.87 20.54
C ALA D 11 9.09 4.57 20.09
N VAL D 12 8.28 4.00 20.97
CA VAL D 12 6.86 3.79 20.69
C VAL D 12 6.15 5.14 20.56
N GLU D 13 6.57 6.12 21.36
CA GLU D 13 5.97 7.46 21.27
C GLU D 13 6.35 8.15 19.96
N ARG D 14 7.59 7.97 19.51
CA ARG D 14 7.99 8.48 18.20
C ARG D 14 7.23 7.77 17.08
N SER D 15 7.00 6.46 17.24
CA SER D 15 6.20 5.72 16.27
C SER D 15 4.75 6.20 16.25
N LYS D 16 4.22 6.58 17.41
CA LYS D 16 2.86 7.12 17.47
C LYS D 16 2.75 8.50 16.84
N MET D 17 3.79 9.34 17.02
CA MET D 17 3.82 10.62 16.33
C MET D 17 3.92 10.44 14.82
N ILE D 18 4.71 9.46 14.39
CA ILE D 18 4.82 9.14 12.97
C ILE D 18 3.48 8.62 12.44
N ASP D 19 2.77 7.83 13.25
CA ASP D 19 1.41 7.38 12.92
C ASP D 19 0.46 8.56 12.75
N ARG D 20 0.55 9.55 13.66
CA ARG D 20 -0.30 10.73 13.58
C ARG D 20 0.00 11.56 12.35
N ASN D 21 1.28 11.73 12.01
CA ASN D 21 1.66 12.48 10.82
C ASN D 21 1.24 11.74 9.55
N LEU D 22 1.35 10.41 9.54
CA LEU D 22 0.90 9.62 8.41
C LEU D 22 -0.61 9.68 8.24
N ARG D 23 -1.34 9.68 9.36
CA ARG D 23 -2.79 9.83 9.31
C ARG D 23 -3.20 11.19 8.78
N GLU D 24 -2.50 12.24 9.21
CA GLU D 24 -2.78 13.59 8.71
C GLU D 24 -2.47 13.71 7.22
N ASP D 25 -1.35 13.12 6.78
CA ASP D 25 -1.02 13.12 5.36
C ASP D 25 -2.00 12.29 4.55
N GLY D 26 -2.52 11.21 5.11
CA GLY D 26 -3.55 10.43 4.42
C GLY D 26 -4.86 11.17 4.31
N GLU D 27 -5.26 11.90 5.36
CA GLU D 27 -6.46 12.74 5.28
C GLU D 27 -6.28 13.85 4.26
N LYS D 28 -5.08 14.43 4.17
CA LYS D 28 -4.80 15.43 3.15
C LYS D 28 -4.82 14.83 1.75
N ALA D 29 -4.30 13.61 1.60
CA ALA D 29 -4.21 12.98 0.29
C ALA D 29 -5.56 12.45 -0.19
N ARG D 30 -6.45 12.07 0.72
CA ARG D 30 -7.77 11.63 0.31
C ARG D 30 -8.69 12.77 -0.08
N ARG D 31 -8.33 14.02 0.24
CA ARG D 31 -9.15 15.15 -0.15
C ARG D 31 -9.03 15.47 -1.64
N THR D 32 -7.98 14.99 -2.29
CA THR D 32 -7.80 15.18 -3.72
C THR D 32 -8.01 13.87 -4.46
N LEU D 33 -8.55 13.97 -5.67
CA LEU D 33 -8.81 12.81 -6.50
C LEU D 33 -7.70 12.68 -7.53
N ARG D 34 -7.01 11.55 -7.50
CA ARG D 34 -5.90 11.33 -8.41
C ARG D 34 -6.41 10.87 -9.76
N LEU D 35 -5.87 11.46 -10.83
CA LEU D 35 -6.28 11.16 -12.18
C LEU D 35 -5.06 10.80 -13.01
N LEU D 36 -5.22 9.84 -13.91
CA LEU D 36 -4.16 9.46 -14.83
C LEU D 36 -4.51 10.00 -16.20
N LEU D 37 -3.72 10.96 -16.67
CA LEU D 37 -3.91 11.53 -18.00
C LEU D 37 -3.20 10.67 -19.03
N LEU D 38 -3.98 10.09 -19.94
CA LEU D 38 -3.43 9.22 -20.98
C LEU D 38 -3.94 9.68 -22.34
N GLY D 39 -3.19 9.32 -23.35
CA GLY D 39 -3.51 9.67 -24.72
C GLY D 39 -2.27 9.76 -25.56
N ALA D 40 -2.47 9.73 -26.88
CA ALA D 40 -1.36 9.77 -27.81
C ALA D 40 -0.80 11.20 -27.92
N ASP D 41 0.27 11.35 -28.69
CA ASP D 41 0.93 12.64 -28.84
C ASP D 41 0.10 13.63 -29.65
N ASN D 42 -0.82 13.15 -30.49
CA ASN D 42 -1.69 14.02 -31.27
C ASN D 42 -3.02 14.28 -30.57
N SER D 43 -3.23 13.73 -29.38
CA SER D 43 -4.52 13.82 -28.72
C SER D 43 -4.79 15.18 -28.11
N GLY D 44 -3.74 15.90 -27.70
CA GLY D 44 -3.92 17.16 -27.03
C GLY D 44 -4.23 16.97 -25.55
N LYS D 45 -3.38 16.22 -24.86
CA LYS D 45 -3.59 15.93 -23.44
C LYS D 45 -3.42 17.18 -22.58
N SER D 46 -2.42 18.00 -22.89
CA SER D 46 -2.05 19.11 -22.02
C SER D 46 -3.04 20.27 -22.09
N THR D 47 -3.87 20.32 -23.12
CA THR D 47 -4.82 21.41 -23.30
C THR D 47 -6.23 21.04 -22.87
N ILE D 48 -6.41 19.90 -22.19
CA ILE D 48 -7.74 19.47 -21.79
C ILE D 48 -8.26 20.34 -20.65
N VAL D 49 -7.47 20.49 -19.60
CA VAL D 49 -7.85 21.28 -18.42
C VAL D 49 -7.11 22.61 -18.49
N LYS D 50 -7.87 23.71 -18.42
CA LYS D 50 -7.31 25.05 -18.52
C LYS D 50 -6.94 25.65 -17.17
N GLN D 51 -6.66 24.81 -16.17
CA GLN D 51 -6.27 25.29 -14.86
C GLN D 51 -5.07 24.51 -14.32
N GLY D 67 9.60 14.37 -15.30
CA GLY D 67 9.04 13.49 -16.31
C GLY D 67 7.54 13.35 -16.21
N ILE D 68 7.01 13.53 -15.01
CA ILE D 68 5.58 13.44 -14.75
C ILE D 68 5.01 14.86 -14.75
N PHE D 69 4.06 15.13 -15.64
CA PHE D 69 3.41 16.43 -15.70
C PHE D 69 2.16 16.36 -14.82
N GLU D 70 2.25 16.94 -13.64
CA GLU D 70 1.16 16.93 -12.68
C GLU D 70 0.35 18.21 -12.82
N THR D 71 -0.95 18.07 -13.04
CA THR D 71 -1.86 19.21 -13.14
C THR D 71 -2.80 19.17 -11.94
N LYS D 72 -2.82 20.24 -11.17
CA LYS D 72 -3.73 20.38 -10.05
C LYS D 72 -4.81 21.39 -10.41
N PHE D 73 -6.06 20.97 -10.33
CA PHE D 73 -7.18 21.87 -10.54
C PHE D 73 -8.28 21.55 -9.53
N GLN D 74 -9.12 22.54 -9.26
CA GLN D 74 -10.12 22.46 -8.21
C GLN D 74 -11.45 22.86 -8.79
N VAL D 75 -12.43 21.96 -8.75
CA VAL D 75 -13.79 22.23 -9.19
C VAL D 75 -14.71 22.04 -8.01
N ASP D 76 -15.48 23.10 -7.68
CA ASP D 76 -16.47 23.11 -6.60
C ASP D 76 -15.85 22.73 -5.25
N LYS D 77 -14.66 23.28 -4.98
CA LYS D 77 -13.84 23.03 -3.78
C LYS D 77 -13.49 21.55 -3.62
N VAL D 78 -13.40 20.83 -4.72
CA VAL D 78 -12.93 19.44 -4.75
C VAL D 78 -11.65 19.41 -5.55
N ASN D 79 -10.57 18.95 -4.93
CA ASN D 79 -9.27 19.01 -5.56
C ASN D 79 -9.05 17.81 -6.47
N PHE D 80 -8.38 18.05 -7.59
CA PHE D 80 -8.06 17.01 -8.55
C PHE D 80 -6.58 17.06 -8.87
N HIS D 81 -5.94 15.91 -8.82
CA HIS D 81 -4.52 15.78 -9.17
C HIS D 81 -4.44 14.90 -10.41
N MET D 82 -4.12 15.50 -11.54
CA MET D 82 -4.08 14.79 -12.81
C MET D 82 -2.63 14.54 -13.20
N PHE D 83 -2.29 13.29 -13.45
CA PHE D 83 -0.90 12.88 -13.70
C PHE D 83 -0.73 12.50 -15.16
N ASP D 84 0.21 13.17 -15.81
CA ASP D 84 0.59 12.86 -17.19
C ASP D 84 1.99 12.30 -17.18
N VAL D 85 2.16 11.09 -17.70
CA VAL D 85 3.43 10.38 -17.67
C VAL D 85 4.06 10.51 -19.04
N GLY D 86 5.04 11.39 -19.16
CA GLY D 86 5.76 11.57 -20.42
C GLY D 86 7.21 11.16 -20.31
N GLY D 87 7.63 10.76 -19.12
CA GLY D 87 9.01 10.40 -18.86
C GLY D 87 9.38 8.97 -19.16
N GLN D 88 8.45 8.18 -19.68
CA GLN D 88 8.69 6.78 -19.99
C GLN D 88 8.73 6.57 -21.50
N ARG D 89 9.15 5.38 -21.90
CA ARG D 89 9.13 4.99 -23.30
C ARG D 89 7.77 4.37 -23.62
N ASP D 90 7.62 3.85 -24.84
CA ASP D 90 6.31 3.42 -25.32
C ASP D 90 5.83 2.13 -24.70
N GLU D 91 6.69 1.37 -24.04
CA GLU D 91 6.27 0.14 -23.36
C GLU D 91 5.71 0.51 -22.00
N ARG D 92 4.40 0.31 -21.81
CA ARG D 92 3.71 0.83 -20.65
C ARG D 92 3.08 -0.23 -19.76
N ARG D 93 3.26 -1.52 -20.05
CA ARG D 93 2.52 -2.56 -19.35
C ARG D 93 2.90 -2.71 -17.88
N LYS D 94 4.04 -2.15 -17.46
CA LYS D 94 4.48 -2.25 -16.09
C LYS D 94 4.27 -0.98 -15.29
N TRP D 95 4.52 0.19 -15.88
CA TRP D 95 4.32 1.42 -15.13
C TRP D 95 2.86 1.84 -15.07
N ILE D 96 2.00 1.25 -15.89
CA ILE D 96 0.58 1.58 -15.81
C ILE D 96 -0.06 0.94 -14.58
N GLN D 97 0.61 -0.05 -13.98
CA GLN D 97 0.14 -0.65 -12.74
C GLN D 97 0.32 0.26 -11.54
N CYS D 98 1.09 1.34 -11.68
CA CYS D 98 1.24 2.34 -10.62
C CYS D 98 -0.06 3.07 -10.33
N PHE D 99 -0.99 3.07 -11.27
CA PHE D 99 -2.19 3.90 -11.20
C PHE D 99 -3.43 3.06 -11.01
N ASN D 100 -3.34 1.97 -10.25
CA ASN D 100 -4.52 1.15 -9.95
C ASN D 100 -5.53 1.89 -9.09
N ASP D 101 -5.05 2.77 -8.20
CA ASP D 101 -5.87 3.39 -7.17
C ASP D 101 -6.27 4.81 -7.52
N VAL D 102 -6.05 5.25 -8.77
CA VAL D 102 -6.56 6.55 -9.18
C VAL D 102 -8.07 6.48 -9.28
N THR D 103 -8.71 7.64 -9.14
CA THR D 103 -10.17 7.71 -9.27
C THR D 103 -10.60 7.45 -10.70
N ALA D 104 -9.87 7.99 -11.66
CA ALA D 104 -10.22 7.82 -13.05
C ALA D 104 -8.96 7.89 -13.91
N ILE D 105 -9.05 7.31 -15.10
CA ILE D 105 -8.04 7.47 -16.12
C ILE D 105 -8.61 8.43 -17.16
N ILE D 106 -7.90 9.53 -17.39
CA ILE D 106 -8.30 10.52 -18.39
C ILE D 106 -7.69 10.06 -19.71
N PHE D 107 -8.51 9.48 -20.57
CA PHE D 107 -8.06 9.02 -21.88
C PHE D 107 -8.48 10.04 -22.93
N VAL D 108 -7.49 10.68 -23.53
CA VAL D 108 -7.72 11.72 -24.54
C VAL D 108 -7.46 11.12 -25.91
N VAL D 109 -8.41 11.32 -26.82
CA VAL D 109 -8.34 10.75 -28.17
C VAL D 109 -8.53 11.88 -29.17
N ASP D 110 -7.62 11.97 -30.15
CA ASP D 110 -7.86 12.79 -31.34
C ASP D 110 -8.96 12.12 -32.16
N SER D 111 -10.15 12.74 -32.18
CA SER D 111 -11.26 12.18 -32.93
C SER D 111 -11.10 12.37 -34.43
N SER D 112 -10.40 13.44 -34.84
CA SER D 112 -10.25 13.72 -36.26
C SER D 112 -9.28 12.76 -36.93
N ASP D 113 -8.25 12.31 -36.22
CA ASP D 113 -7.24 11.43 -36.79
C ASP D 113 -7.82 10.03 -36.90
N TYR D 114 -8.37 9.73 -38.09
CA TYR D 114 -8.99 8.42 -38.31
C TYR D 114 -7.94 7.32 -38.43
N ASN D 115 -6.73 7.67 -38.85
CA ASN D 115 -5.69 6.66 -39.06
C ASN D 115 -5.20 6.10 -37.73
N ARG D 116 -5.13 6.93 -36.70
CA ARG D 116 -4.73 6.50 -35.37
C ARG D 116 -5.91 6.24 -34.45
N LEU D 117 -7.13 6.22 -35.00
CA LEU D 117 -8.32 5.96 -34.18
C LEU D 117 -8.36 4.52 -33.71
N GLN D 118 -7.96 3.57 -34.56
CA GLN D 118 -7.88 2.17 -34.15
C GLN D 118 -6.77 1.96 -33.12
N GLU D 119 -5.67 2.72 -33.23
CA GLU D 119 -4.62 2.68 -32.22
C GLU D 119 -5.13 3.16 -30.87
N ALA D 120 -5.94 4.23 -30.88
CA ALA D 120 -6.54 4.72 -29.65
C ALA D 120 -7.55 3.73 -29.09
N LEU D 121 -8.29 3.03 -29.96
CA LEU D 121 -9.23 2.01 -29.51
C LEU D 121 -8.50 0.82 -28.91
N ASN D 122 -7.37 0.42 -29.49
CA ASN D 122 -6.55 -0.66 -28.92
C ASN D 122 -5.96 -0.25 -27.59
N ASP D 123 -5.51 1.00 -27.47
CA ASP D 123 -4.99 1.51 -26.21
C ASP D 123 -6.07 1.51 -25.13
N PHE D 124 -7.27 1.96 -25.48
CA PHE D 124 -8.39 1.95 -24.54
C PHE D 124 -8.81 0.53 -24.17
N LYS D 125 -8.72 -0.40 -25.12
CA LYS D 125 -9.05 -1.79 -24.84
C LYS D 125 -8.02 -2.42 -23.91
N SER D 126 -6.75 -2.06 -24.07
CA SER D 126 -5.71 -2.57 -23.20
C SER D 126 -5.82 -1.97 -21.79
N ILE D 127 -6.18 -0.70 -21.70
CA ILE D 127 -6.44 -0.07 -20.41
C ILE D 127 -7.64 -0.69 -19.74
N TRP D 128 -8.70 -0.94 -20.53
CA TRP D 128 -9.97 -1.40 -20.00
C TRP D 128 -9.88 -2.83 -19.46
N ASN D 129 -9.12 -3.68 -20.14
CA ASN D 129 -9.05 -5.09 -19.79
C ASN D 129 -7.79 -5.46 -19.01
N ASN D 130 -6.98 -4.48 -18.62
CA ASN D 130 -5.86 -4.75 -17.75
C ASN D 130 -6.36 -5.12 -16.36
N ARG D 131 -5.72 -6.13 -15.76
CA ARG D 131 -6.18 -6.67 -14.48
C ARG D 131 -6.08 -5.63 -13.36
N TRP D 132 -5.01 -4.84 -13.37
CA TRP D 132 -4.84 -3.80 -12.37
C TRP D 132 -5.51 -2.49 -12.75
N LEU D 133 -6.14 -2.43 -13.92
CA LEU D 133 -6.99 -1.31 -14.28
C LEU D 133 -8.44 -1.75 -14.53
N ARG D 134 -8.80 -2.95 -14.06
CA ARG D 134 -10.16 -3.46 -14.23
C ARG D 134 -11.19 -2.70 -13.42
N THR D 135 -10.79 -2.00 -12.38
CA THR D 135 -11.72 -1.34 -11.48
C THR D 135 -11.77 0.17 -11.68
N ILE D 136 -10.98 0.71 -12.59
CA ILE D 136 -10.87 2.16 -12.77
C ILE D 136 -11.75 2.57 -13.92
N SER D 137 -12.68 3.48 -13.65
CA SER D 137 -13.46 4.10 -14.69
C SER D 137 -12.59 5.02 -15.53
N VAL D 138 -12.97 5.19 -16.79
CA VAL D 138 -12.19 5.97 -17.73
C VAL D 138 -13.02 7.18 -18.14
N ILE D 139 -12.48 8.37 -17.91
CA ILE D 139 -13.07 9.59 -18.45
C ILE D 139 -12.47 9.76 -19.84
N LEU D 140 -13.25 9.43 -20.86
CA LEU D 140 -12.79 9.45 -22.23
C LEU D 140 -13.07 10.81 -22.85
N PHE D 141 -12.02 11.49 -23.28
CA PHE D 141 -12.16 12.79 -23.93
C PHE D 141 -11.88 12.61 -25.41
N LEU D 142 -12.93 12.60 -26.20
CA LEU D 142 -12.82 12.53 -27.65
C LEU D 142 -12.51 13.94 -28.15
N ASN D 143 -11.22 14.28 -28.06
CA ASN D 143 -10.74 15.64 -28.27
C ASN D 143 -10.77 16.00 -29.75
N LYS D 144 -10.68 17.32 -30.00
CA LYS D 144 -10.59 17.91 -31.33
C LYS D 144 -11.81 17.56 -32.18
N GLN D 145 -12.99 17.71 -31.58
CA GLN D 145 -14.24 17.49 -32.31
C GLN D 145 -14.51 18.59 -33.33
N ASP D 146 -13.89 19.76 -33.17
CA ASP D 146 -13.95 20.77 -34.22
C ASP D 146 -13.20 20.31 -35.47
N LEU D 147 -12.01 19.72 -35.28
CA LEU D 147 -11.28 19.17 -36.42
C LEU D 147 -11.98 17.96 -37.02
N LEU D 148 -12.64 17.17 -36.17
CA LEU D 148 -13.48 16.08 -36.67
C LEU D 148 -14.64 16.61 -37.50
N ALA D 149 -15.26 17.70 -37.06
CA ALA D 149 -16.34 18.33 -37.81
C ALA D 149 -15.86 18.87 -39.15
N GLU D 150 -14.70 19.54 -39.16
CA GLU D 150 -14.15 20.02 -40.42
C GLU D 150 -13.73 18.89 -41.35
N LYS D 151 -13.26 17.77 -40.80
CA LYS D 151 -12.90 16.64 -41.64
C LYS D 151 -14.14 15.96 -42.22
N VAL D 152 -15.23 15.89 -41.45
CA VAL D 152 -16.46 15.30 -41.94
C VAL D 152 -17.11 16.20 -43.00
N LEU D 153 -17.15 17.51 -42.75
CA LEU D 153 -17.78 18.43 -43.69
C LEU D 153 -16.98 18.59 -44.97
N ALA D 154 -15.67 18.36 -44.93
CA ALA D 154 -14.87 18.42 -46.16
C ALA D 154 -15.18 17.25 -47.08
N GLY D 155 -15.38 16.06 -46.51
CA GLY D 155 -15.67 14.88 -47.29
C GLY D 155 -14.49 14.22 -47.94
N LYS D 156 -13.27 14.69 -47.67
CA LYS D 156 -12.08 14.10 -48.29
C LYS D 156 -11.68 12.82 -47.57
N SER D 157 -11.45 12.90 -46.26
CA SER D 157 -11.09 11.74 -45.46
C SER D 157 -12.36 11.05 -44.98
N LYS D 158 -12.51 9.78 -45.36
CA LYS D 158 -13.71 9.01 -45.04
C LYS D 158 -13.43 8.07 -43.89
N ILE D 159 -14.40 7.95 -42.98
CA ILE D 159 -14.29 7.00 -41.88
C ILE D 159 -14.44 5.58 -42.38
N GLU D 160 -15.21 5.39 -43.48
CA GLU D 160 -15.45 4.06 -44.03
C GLU D 160 -14.18 3.40 -44.58
N ASP D 161 -13.18 4.19 -44.95
CA ASP D 161 -11.89 3.61 -45.33
C ASP D 161 -11.18 3.01 -44.12
N TYR D 162 -11.34 3.62 -42.95
CA TYR D 162 -10.69 3.15 -41.74
C TYR D 162 -11.61 2.33 -40.85
N PHE D 163 -12.92 2.42 -41.06
CA PHE D 163 -13.91 1.67 -40.28
C PHE D 163 -15.05 1.27 -41.21
N PRO D 164 -15.01 0.06 -41.77
CA PRO D 164 -16.04 -0.33 -42.74
C PRO D 164 -17.44 -0.51 -42.16
N GLU D 165 -17.57 -0.65 -40.84
CA GLU D 165 -18.89 -0.74 -40.23
C GLU D 165 -19.56 0.62 -40.08
N PHE D 166 -18.85 1.71 -40.37
CA PHE D 166 -19.46 3.04 -40.35
C PHE D 166 -20.42 3.23 -41.51
N ALA D 167 -20.21 2.53 -42.62
CA ALA D 167 -21.07 2.66 -43.79
C ALA D 167 -22.47 2.14 -43.52
N ARG D 168 -22.60 1.09 -42.71
CA ARG D 168 -23.90 0.58 -42.30
C ARG D 168 -24.30 1.11 -40.93
N TYR D 169 -23.59 2.09 -40.39
CA TYR D 169 -23.96 2.72 -39.13
C TYR D 169 -24.91 3.89 -39.38
N THR D 170 -25.93 3.98 -38.54
CA THR D 170 -26.87 5.10 -38.56
C THR D 170 -26.95 5.70 -37.17
N THR D 171 -27.28 6.98 -37.11
CA THR D 171 -27.54 7.65 -35.84
C THR D 171 -28.81 7.07 -35.23
N PRO D 172 -28.81 6.73 -33.94
CA PRO D 172 -30.02 6.20 -33.31
C PRO D 172 -31.14 7.23 -33.27
N GLU D 173 -32.37 6.73 -33.37
CA GLU D 173 -33.54 7.61 -33.35
C GLU D 173 -33.76 8.21 -31.97
N ASP D 174 -33.55 7.42 -30.92
CA ASP D 174 -33.69 7.89 -29.54
C ASP D 174 -32.38 8.49 -29.05
N ALA D 175 -31.96 9.55 -29.73
CA ALA D 175 -30.69 10.22 -29.44
C ALA D 175 -30.92 11.72 -29.48
N THR D 176 -30.06 12.45 -28.75
CA THR D 176 -30.14 13.91 -28.67
C THR D 176 -28.87 14.52 -29.24
N PRO D 177 -28.87 14.92 -30.51
CA PRO D 177 -27.72 15.67 -31.05
C PRO D 177 -27.57 17.03 -30.38
N GLU D 178 -26.33 17.52 -30.36
CA GLU D 178 -26.08 18.88 -29.95
C GLU D 178 -26.68 19.84 -30.98
N PRO D 179 -27.21 21.00 -30.54
CA PRO D 179 -27.80 21.94 -31.49
C PRO D 179 -26.75 22.58 -32.39
N GLY D 180 -27.16 22.90 -33.61
CA GLY D 180 -26.25 23.47 -34.58
C GLY D 180 -25.26 22.50 -35.16
N GLU D 181 -25.54 21.20 -35.12
CA GLU D 181 -24.64 20.17 -35.61
C GLU D 181 -25.23 19.50 -36.84
N ASP D 182 -24.40 19.34 -37.87
CA ASP D 182 -24.80 18.57 -39.04
C ASP D 182 -24.96 17.10 -38.64
N PRO D 183 -26.01 16.41 -39.09
CA PRO D 183 -26.17 15.00 -38.77
C PRO D 183 -25.08 14.08 -39.33
N ARG D 184 -24.30 14.53 -40.31
CA ARG D 184 -23.10 13.79 -40.70
C ARG D 184 -22.06 13.82 -39.57
N VAL D 185 -21.85 15.00 -39.01
CA VAL D 185 -20.93 15.15 -37.86
C VAL D 185 -21.49 14.42 -36.65
N THR D 186 -22.82 14.44 -36.47
CA THR D 186 -23.45 13.71 -35.37
C THR D 186 -23.28 12.21 -35.54
N ARG D 187 -23.41 11.71 -36.78
CA ARG D 187 -23.23 10.28 -37.02
C ARG D 187 -21.78 9.85 -36.81
N ALA D 188 -20.83 10.69 -37.23
CA ALA D 188 -19.42 10.42 -36.98
C ALA D 188 -19.10 10.41 -35.49
N LYS D 189 -19.65 11.38 -34.75
CA LYS D 189 -19.40 11.49 -33.32
C LYS D 189 -20.00 10.31 -32.58
N TYR D 190 -21.26 9.97 -32.89
CA TYR D 190 -21.92 8.82 -32.29
C TYR D 190 -21.22 7.52 -32.65
N PHE D 191 -20.64 7.41 -33.84
CA PHE D 191 -19.95 6.19 -34.22
C PHE D 191 -18.64 6.03 -33.46
N ILE D 192 -17.85 7.10 -33.34
CA ILE D 192 -16.58 7.02 -32.60
C ILE D 192 -16.84 6.75 -31.13
N ARG D 193 -17.86 7.42 -30.56
CA ARG D 193 -18.26 7.18 -29.18
C ARG D 193 -18.74 5.75 -28.99
N LYS D 194 -19.50 5.22 -29.95
CA LYS D 194 -19.97 3.84 -29.87
C LYS D 194 -18.82 2.85 -29.99
N GLU D 195 -17.80 3.18 -30.79
CA GLU D 195 -16.62 2.32 -30.91
C GLU D 195 -15.89 2.22 -29.58
N PHE D 196 -15.82 3.31 -28.83
CA PHE D 196 -15.20 3.20 -27.50
C PHE D 196 -16.15 2.55 -26.47
N VAL D 197 -17.44 2.87 -26.54
CA VAL D 197 -18.41 2.39 -25.57
C VAL D 197 -18.64 0.89 -25.70
N ASP D 198 -18.56 0.35 -26.92
CA ASP D 198 -18.71 -1.09 -27.13
C ASP D 198 -17.56 -1.86 -26.50
N ILE D 199 -16.34 -1.31 -26.59
CA ILE D 199 -15.19 -1.88 -25.89
C ILE D 199 -15.41 -1.81 -24.39
N SER D 200 -15.96 -0.69 -23.91
CA SER D 200 -16.18 -0.51 -22.48
C SER D 200 -17.24 -1.46 -21.93
N THR D 201 -18.28 -1.72 -22.70
CA THR D 201 -19.39 -2.57 -22.26
C THR D 201 -19.21 -4.02 -22.67
N ALA D 202 -18.15 -4.35 -23.40
CA ALA D 202 -17.90 -5.75 -23.73
C ALA D 202 -17.47 -6.54 -22.50
N SER D 203 -16.72 -5.92 -21.61
CA SER D 203 -16.21 -6.60 -20.42
C SER D 203 -16.27 -5.64 -19.24
N GLY D 204 -15.89 -6.15 -18.07
CA GLY D 204 -15.83 -5.37 -16.85
C GLY D 204 -17.02 -5.52 -15.93
N ASP D 205 -18.16 -6.00 -16.47
CA ASP D 205 -19.40 -6.30 -15.72
C ASP D 205 -19.96 -5.06 -15.02
N GLY D 206 -19.70 -3.88 -15.55
CA GLY D 206 -20.23 -2.65 -15.00
C GLY D 206 -19.53 -2.12 -13.77
N ARG D 207 -18.46 -2.77 -13.31
CA ARG D 207 -17.73 -2.28 -12.14
C ARG D 207 -16.92 -1.03 -12.44
N HIS D 208 -16.63 -0.76 -13.71
CA HIS D 208 -15.99 0.48 -14.12
C HIS D 208 -16.63 0.92 -15.43
N ILE D 209 -16.65 2.24 -15.64
CA ILE D 209 -17.53 2.88 -16.61
C ILE D 209 -16.72 3.85 -17.46
N CYS D 210 -16.86 3.76 -18.79
CA CYS D 210 -16.31 4.80 -19.64
C CYS D 210 -17.26 5.98 -19.70
N TYR D 211 -16.72 7.18 -19.48
CA TYR D 211 -17.50 8.41 -19.58
C TYR D 211 -17.01 9.19 -20.79
N PRO D 212 -17.71 9.14 -21.91
CA PRO D 212 -17.19 9.78 -23.12
C PRO D 212 -17.64 11.22 -23.28
N HIS D 213 -16.71 12.11 -23.61
CA HIS D 213 -17.01 13.50 -23.88
C HIS D 213 -16.33 13.94 -25.15
N PHE D 214 -16.97 14.87 -25.85
CA PHE D 214 -16.39 15.47 -27.04
C PHE D 214 -15.86 16.85 -26.72
N THR D 215 -14.66 17.14 -27.20
CA THR D 215 -13.86 18.23 -26.67
C THR D 215 -13.21 19.00 -27.81
N CYS D 216 -13.29 20.32 -27.75
CA CYS D 216 -12.55 21.19 -28.65
C CYS D 216 -11.23 21.59 -28.01
N ALA D 217 -10.39 22.27 -28.79
CA ALA D 217 -9.17 22.83 -28.23
C ALA D 217 -9.46 24.05 -27.34
N VAL D 218 -10.59 24.71 -27.55
CA VAL D 218 -10.97 25.89 -26.79
C VAL D 218 -12.03 25.59 -25.75
N ASP D 219 -12.34 24.31 -25.53
CA ASP D 219 -13.38 23.94 -24.58
C ASP D 219 -12.89 24.14 -23.16
N THR D 220 -13.69 24.85 -22.36
CA THR D 220 -13.35 25.14 -20.97
C THR D 220 -14.20 24.34 -19.98
N GLU D 221 -15.01 23.40 -20.47
CA GLU D 221 -15.91 22.62 -19.63
C GLU D 221 -15.32 21.28 -19.20
N ASN D 222 -14.07 21.01 -19.54
CA ASN D 222 -13.51 19.68 -19.30
C ASN D 222 -13.23 19.44 -17.81
N ALA D 223 -12.90 20.49 -17.06
CA ALA D 223 -12.74 20.33 -15.62
C ALA D 223 -14.08 20.01 -14.97
N ARG D 224 -15.15 20.66 -15.43
CA ARG D 224 -16.49 20.35 -14.96
C ARG D 224 -16.91 18.95 -15.37
N ARG D 225 -16.54 18.51 -16.58
CA ARG D 225 -16.83 17.16 -17.02
C ARG D 225 -16.10 16.13 -16.19
N ILE D 226 -14.82 16.39 -15.87
CA ILE D 226 -14.05 15.50 -14.99
C ILE D 226 -14.67 15.46 -13.59
N PHE D 227 -15.13 16.61 -13.10
CA PHE D 227 -15.81 16.68 -11.81
C PHE D 227 -17.08 15.86 -11.79
N ASN D 228 -17.91 15.97 -12.83
CA ASN D 228 -19.17 15.25 -12.88
C ASN D 228 -18.94 13.75 -13.03
N ASP D 229 -17.92 13.36 -13.80
CA ASP D 229 -17.65 11.94 -13.97
C ASP D 229 -17.04 11.32 -12.73
N CYS D 230 -16.12 12.03 -12.06
CA CYS D 230 -15.59 11.54 -10.79
C CYS D 230 -16.65 11.52 -9.70
N LYS D 231 -17.60 12.46 -9.77
CA LYS D 231 -18.79 12.43 -8.93
C LYS D 231 -19.57 11.14 -9.16
N ASP D 232 -19.75 10.75 -10.42
CA ASP D 232 -20.42 9.48 -10.72
C ASP D 232 -19.57 8.27 -10.30
N ILE D 233 -18.24 8.39 -10.35
CA ILE D 233 -17.38 7.27 -9.98
C ILE D 233 -17.46 7.00 -8.48
N ILE D 234 -17.32 8.05 -7.67
CA ILE D 234 -17.45 7.92 -6.22
C ILE D 234 -18.88 7.58 -5.85
N LEU D 235 -19.85 8.04 -6.64
CA LEU D 235 -21.24 7.64 -6.45
C LEU D 235 -21.43 6.15 -6.69
N GLN D 236 -20.80 5.60 -7.73
CA GLN D 236 -20.88 4.17 -7.99
C GLN D 236 -20.17 3.36 -6.91
N MET D 237 -19.06 3.88 -6.38
CA MET D 237 -18.39 3.21 -5.27
C MET D 237 -19.28 3.19 -4.03
N ASN D 238 -19.97 4.30 -3.75
CA ASN D 238 -20.91 4.34 -2.63
C ASN D 238 -22.09 3.40 -2.85
N LEU D 239 -22.64 3.38 -4.07
CA LEU D 239 -23.79 2.53 -4.37
C LEU D 239 -23.42 1.05 -4.29
N ARG D 240 -22.21 0.70 -4.71
CA ARG D 240 -21.73 -0.66 -4.52
C ARG D 240 -21.49 -0.97 -3.05
N GLU D 241 -21.11 0.04 -2.26
CA GLU D 241 -20.97 -0.17 -0.82
C GLU D 241 -22.31 -0.38 -0.14
N TYR D 242 -23.39 0.18 -0.68
CA TYR D 242 -24.72 0.03 -0.10
C TYR D 242 -25.57 -1.00 -0.82
N ASN D 243 -24.95 -1.81 -1.69
CA ASN D 243 -25.62 -2.84 -2.51
C ASN D 243 -26.69 -2.24 -3.41
N LEU D 244 -26.47 -1.01 -3.88
CA LEU D 244 -27.39 -0.34 -4.79
C LEU D 244 -26.90 -0.31 -6.22
N VAL D 245 -25.84 -1.09 -6.52
CA VAL D 245 -25.15 -1.16 -7.82
C VAL D 245 -24.60 0.22 -8.20
N ASP E 1 24.76 23.92 11.47
CA ASP E 1 25.32 23.21 12.62
C ASP E 1 24.30 23.12 13.74
N VAL E 2 24.28 21.96 14.41
CA VAL E 2 23.36 21.75 15.53
C VAL E 2 23.83 22.59 16.72
N GLN E 3 22.92 23.39 17.26
CA GLN E 3 23.28 24.32 18.32
C GLN E 3 22.12 24.46 19.29
N LEU E 4 22.41 24.37 20.59
CA LEU E 4 21.45 24.64 21.65
C LEU E 4 22.02 25.75 22.52
N VAL E 5 21.31 26.87 22.63
CA VAL E 5 21.77 28.03 23.36
C VAL E 5 20.81 28.27 24.51
N GLU E 6 21.33 28.28 25.73
CA GLU E 6 20.52 28.46 26.93
C GLU E 6 20.55 29.92 27.37
N SER E 7 19.43 30.39 27.89
CA SER E 7 19.30 31.77 28.35
C SER E 7 18.27 31.82 29.47
N GLY E 8 18.32 32.89 30.23
CA GLY E 8 17.40 33.09 31.33
C GLY E 8 17.94 32.79 32.71
N GLY E 9 19.24 32.52 32.83
CA GLY E 9 19.83 32.25 34.13
C GLY E 9 20.38 33.51 34.78
N GLY E 10 20.28 33.57 36.09
CA GLY E 10 20.77 34.72 36.83
C GLY E 10 20.64 34.49 38.32
N LEU E 11 21.00 35.52 39.08
CA LEU E 11 20.91 35.47 40.54
C LEU E 11 19.46 35.65 40.95
N VAL E 12 18.86 34.61 41.52
CA VAL E 12 17.47 34.60 41.93
C VAL E 12 17.41 34.43 43.45
N GLN E 13 16.53 35.19 44.10
CA GLN E 13 16.28 35.02 45.51
C GLN E 13 15.59 33.68 45.75
N PRO E 14 15.82 33.06 46.92
CA PRO E 14 15.16 31.77 47.22
C PRO E 14 13.65 31.91 47.33
N GLY E 15 12.95 30.89 46.84
CA GLY E 15 11.51 30.90 46.78
C GLY E 15 10.93 31.63 45.59
N GLY E 16 11.77 32.24 44.75
CA GLY E 16 11.30 32.99 43.61
C GLY E 16 11.08 32.11 42.40
N SER E 17 10.86 32.76 41.27
CA SER E 17 10.63 32.08 40.00
C SER E 17 11.59 32.61 38.95
N ARG E 18 11.99 31.73 38.04
CA ARG E 18 12.89 32.10 36.96
C ARG E 18 12.61 31.20 35.77
N LYS E 19 12.66 31.78 34.58
CA LYS E 19 12.38 31.08 33.33
C LYS E 19 13.68 30.80 32.60
N LEU E 20 13.88 29.55 32.21
CA LEU E 20 15.02 29.15 31.40
C LEU E 20 14.55 28.86 29.99
N SER E 21 15.22 29.47 29.01
CA SER E 21 14.91 29.26 27.60
C SER E 21 16.11 28.62 26.93
N CYS E 22 15.86 27.56 26.16
CA CYS E 22 16.88 26.92 25.35
C CYS E 22 16.51 27.12 23.88
N SER E 23 17.30 27.93 23.18
CA SER E 23 17.08 28.18 21.76
C SER E 23 17.76 27.09 20.95
N ALA E 24 17.00 26.45 20.07
CA ALA E 24 17.49 25.37 19.23
C ALA E 24 17.63 25.84 17.79
N SER E 25 18.76 25.50 17.18
CA SER E 25 18.98 25.84 15.78
C SER E 25 19.80 24.73 15.13
N GLY E 26 19.62 24.57 13.83
CA GLY E 26 20.42 23.64 13.06
C GLY E 26 19.98 22.20 13.10
N PHE E 27 18.82 21.89 13.68
CA PHE E 27 18.31 20.52 13.69
C PHE E 27 16.79 20.56 13.85
N ALA E 28 16.16 19.44 13.52
CA ALA E 28 14.72 19.29 13.64
C ALA E 28 14.36 19.17 15.11
N PHE E 29 13.98 20.29 15.72
CA PHE E 29 13.75 20.34 17.17
C PHE E 29 12.52 19.52 17.58
N SER E 30 11.48 19.51 16.75
CA SER E 30 10.24 18.83 17.11
C SER E 30 10.37 17.31 17.12
N SER E 31 11.37 16.77 16.44
CA SER E 31 11.58 15.32 16.42
C SER E 31 12.45 14.83 17.58
N PHE E 32 13.03 15.73 18.36
CA PHE E 32 13.89 15.36 19.47
C PHE E 32 13.17 15.56 20.79
N GLY E 33 13.15 14.51 21.61
CA GLY E 33 12.85 14.71 23.02
C GLY E 33 13.94 15.51 23.67
N MET E 34 13.55 16.34 24.63
CA MET E 34 14.47 17.30 25.21
C MET E 34 14.62 17.08 26.70
N HIS E 35 15.83 17.32 27.19
CA HIS E 35 16.15 17.13 28.59
C HIS E 35 16.76 18.39 29.16
N TRP E 36 16.52 18.61 30.46
CA TRP E 36 17.28 19.54 31.26
C TRP E 36 18.13 18.73 32.22
N VAL E 37 19.43 19.02 32.23
CA VAL E 37 20.36 18.38 33.15
C VAL E 37 21.13 19.50 33.85
N ARG E 38 21.07 19.52 35.17
CA ARG E 38 21.77 20.55 35.91
C ARG E 38 23.05 19.99 36.51
N GLN E 39 23.99 20.89 36.81
CA GLN E 39 25.27 20.52 37.39
C GLN E 39 25.64 21.56 38.43
N ALA E 40 25.57 21.19 39.70
CA ALA E 40 26.00 22.06 40.77
C ALA E 40 27.52 22.23 40.72
N PRO E 41 28.04 23.37 41.18
CA PRO E 41 29.50 23.55 41.23
C PRO E 41 30.21 22.59 42.18
N GLU E 42 29.52 22.08 43.19
CA GLU E 42 30.09 21.12 44.13
C GLU E 42 29.56 19.70 43.90
N LYS E 43 28.99 19.44 42.73
CA LYS E 43 28.43 18.12 42.42
C LYS E 43 28.63 17.84 40.94
N GLY E 44 28.08 16.72 40.49
CA GLY E 44 28.14 16.30 39.11
C GLY E 44 26.85 16.58 38.37
N LEU E 45 26.64 15.81 37.30
CA LEU E 45 25.43 15.99 36.50
C LEU E 45 24.23 15.40 37.21
N GLU E 46 23.10 16.11 37.14
CA GLU E 46 21.84 15.66 37.71
C GLU E 46 20.75 15.93 36.71
N TRP E 47 20.00 14.90 36.35
CA TRP E 47 18.89 15.05 35.41
C TRP E 47 17.73 15.77 36.09
N VAL E 48 17.16 16.76 35.39
CA VAL E 48 16.09 17.58 35.95
C VAL E 48 14.75 17.14 35.40
N ALA E 49 14.58 17.25 34.09
CA ALA E 49 13.28 17.06 33.48
C ALA E 49 13.46 16.55 32.06
N TYR E 50 12.38 15.99 31.52
CA TYR E 50 12.35 15.50 30.16
C TYR E 50 10.99 15.78 29.57
N ILE E 51 10.96 16.50 28.46
CA ILE E 51 9.76 16.58 27.62
C ILE E 51 10.05 15.78 26.36
N SER E 52 9.07 14.98 25.95
CA SER E 52 9.26 14.16 24.77
C SER E 52 9.11 14.99 23.51
N SER E 53 9.45 14.38 22.38
CA SER E 53 9.03 14.92 21.10
C SER E 53 7.50 14.89 21.06
N GLY E 54 6.90 16.01 20.63
CA GLY E 54 5.47 16.11 20.59
C GLY E 54 4.79 16.38 21.92
N SER E 55 5.56 16.55 23.00
CA SER E 55 5.09 16.91 24.34
C SER E 55 4.07 15.92 24.90
N GLY E 56 4.18 14.65 24.53
CA GLY E 56 3.23 13.66 24.99
C GLY E 56 3.50 13.17 26.39
N THR E 57 4.74 12.75 26.64
CA THR E 57 5.15 12.28 27.95
C THR E 57 6.14 13.27 28.54
N ILE E 58 5.94 13.62 29.81
CA ILE E 58 6.79 14.55 30.52
C ILE E 58 7.19 13.91 31.85
N TYR E 59 8.50 13.85 32.11
CA TYR E 59 9.02 13.32 33.35
C TYR E 59 9.86 14.37 34.07
N TYR E 60 9.83 14.33 35.39
CA TYR E 60 10.63 15.22 36.22
C TYR E 60 11.43 14.40 37.22
N ALA E 61 12.52 14.97 37.70
CA ALA E 61 13.19 14.44 38.87
C ALA E 61 12.34 14.73 40.11
N ASP E 62 12.48 13.89 41.13
CA ASP E 62 11.71 14.07 42.35
C ASP E 62 12.17 15.27 43.16
N THR E 63 13.40 15.75 42.93
CA THR E 63 13.85 16.98 43.57
C THR E 63 13.10 18.19 43.04
N VAL E 64 12.74 18.18 41.75
CA VAL E 64 12.10 19.31 41.10
C VAL E 64 10.65 19.02 40.74
N LYS E 65 10.10 17.91 41.22
CA LYS E 65 8.73 17.54 40.88
C LYS E 65 7.73 18.48 41.55
N GLY E 66 6.81 19.01 40.77
CA GLY E 66 5.84 19.99 41.23
C GLY E 66 6.33 21.42 41.15
N ARG E 67 7.58 21.67 41.56
CA ARG E 67 8.13 23.01 41.52
C ARG E 67 8.46 23.43 40.08
N PHE E 68 8.91 22.50 39.25
CA PHE E 68 9.43 22.81 37.93
C PHE E 68 8.44 22.39 36.87
N THR E 69 8.38 23.16 35.78
CA THR E 69 7.57 22.83 34.62
C THR E 69 8.44 22.95 33.38
N ILE E 70 8.52 21.87 32.61
CA ILE E 70 9.25 21.85 31.36
C ILE E 70 8.24 21.92 30.21
N SER E 71 8.56 22.70 29.20
CA SER E 71 7.67 22.88 28.05
C SER E 71 8.51 23.25 26.85
N ARG E 72 7.91 23.11 25.67
CA ARG E 72 8.57 23.44 24.42
C ARG E 72 7.58 24.10 23.48
N ASP E 73 8.11 24.91 22.58
CA ASP E 73 7.33 25.47 21.47
C ASP E 73 8.02 25.03 20.19
N ASP E 74 7.46 24.01 19.56
CA ASP E 74 8.07 23.45 18.34
C ASP E 74 8.14 24.40 17.14
N PRO E 75 7.12 25.22 16.81
CA PRO E 75 7.35 26.22 15.74
C PRO E 75 8.42 27.25 16.05
N LYS E 76 8.59 27.62 17.32
CA LYS E 76 9.62 28.57 17.68
C LYS E 76 10.97 27.92 17.95
N ASN E 77 11.01 26.58 17.96
CA ASN E 77 12.22 25.77 18.19
C ASN E 77 12.91 26.12 19.50
N THR E 78 12.13 26.18 20.57
CA THR E 78 12.63 26.60 21.86
C THR E 78 12.17 25.64 22.95
N LEU E 79 13.02 25.49 23.97
CA LEU E 79 12.76 24.65 25.12
C LEU E 79 12.67 25.52 26.36
N PHE E 80 11.65 25.29 27.18
CA PHE E 80 11.38 26.13 28.34
C PHE E 80 11.43 25.31 29.61
N LEU E 81 11.98 25.91 30.68
CA LEU E 81 11.99 25.32 32.01
C LEU E 81 11.42 26.35 32.97
N GLN E 82 10.10 26.30 33.19
CA GLN E 82 9.47 27.15 34.18
C GLN E 82 9.82 26.63 35.57
N MET E 83 10.62 27.40 36.30
CA MET E 83 11.04 27.04 37.65
C MET E 83 10.30 27.92 38.65
N THR E 84 9.63 27.29 39.60
CA THR E 84 8.94 27.99 40.68
C THR E 84 9.46 27.48 42.01
N SER E 85 9.46 28.37 43.00
CA SER E 85 9.87 28.10 44.38
C SER E 85 11.32 27.57 44.44
N LEU E 86 12.23 28.38 43.90
CA LEU E 86 13.62 27.99 43.81
C LEU E 86 14.28 27.95 45.18
N ARG E 87 15.09 26.92 45.41
CA ARG E 87 15.82 26.73 46.64
C ARG E 87 17.31 26.84 46.35
N SER E 88 18.11 26.77 47.43
CA SER E 88 19.56 26.86 47.28
C SER E 88 20.16 25.63 46.64
N GLU E 89 19.45 24.50 46.65
CA GLU E 89 19.91 23.29 45.98
C GLU E 89 19.79 23.37 44.46
N ASP E 90 19.06 24.36 43.94
CA ASP E 90 18.90 24.53 42.51
C ASP E 90 20.00 25.39 41.89
N THR E 91 20.97 25.83 42.68
CA THR E 91 22.10 26.61 42.18
C THR E 91 22.99 25.69 41.36
N ALA E 92 22.89 25.79 40.03
CA ALA E 92 23.55 24.84 39.14
C ALA E 92 23.67 25.45 37.76
N MET E 93 24.40 24.73 36.89
CA MET E 93 24.49 25.05 35.47
C MET E 93 23.53 24.13 34.74
N TYR E 94 22.45 24.70 34.19
CA TYR E 94 21.40 23.91 33.56
C TYR E 94 21.73 23.69 32.09
N TYR E 95 21.81 22.44 31.68
CA TYR E 95 22.16 22.07 30.31
C TYR E 95 20.91 21.68 29.54
N CYS E 96 20.79 22.19 28.32
CA CYS E 96 19.73 21.80 27.40
C CYS E 96 20.24 20.62 26.58
N VAL E 97 19.57 19.48 26.68
CA VAL E 97 20.01 18.25 26.05
C VAL E 97 18.93 17.76 25.10
N ARG E 98 19.32 17.51 23.85
CA ARG E 98 18.43 16.87 22.89
C ARG E 98 18.66 15.37 22.91
N SER E 99 17.60 14.62 22.61
CA SER E 99 17.68 13.17 22.64
C SER E 99 16.56 12.60 21.78
N ILE E 100 16.92 11.90 20.72
CA ILE E 100 15.94 11.27 19.86
C ILE E 100 15.90 9.79 20.18
N TYR E 101 14.74 9.17 20.03
CA TYR E 101 14.53 7.79 20.47
C TYR E 101 13.87 6.97 19.37
N TYR E 102 14.69 6.16 18.69
CA TYR E 102 14.23 5.11 17.81
C TYR E 102 15.23 3.96 17.94
N TYR E 103 15.07 2.93 17.13
CA TYR E 103 16.01 1.83 17.16
C TYR E 103 17.35 2.27 16.58
N GLY E 104 18.42 2.09 17.36
CA GLY E 104 19.72 2.53 16.93
C GLY E 104 19.95 4.02 17.02
N SER E 105 19.06 4.76 17.68
CA SER E 105 19.25 6.19 17.84
C SER E 105 20.35 6.49 18.84
N SER E 106 20.74 7.76 18.90
CA SER E 106 21.81 8.22 19.77
C SER E 106 21.26 9.31 20.69
N PRO E 107 20.58 8.93 21.77
CA PRO E 107 20.06 9.94 22.70
C PRO E 107 21.19 10.62 23.46
N PHE E 108 20.88 11.83 23.94
CA PHE E 108 21.79 12.69 24.70
C PHE E 108 23.05 13.04 23.91
N ASP E 109 22.95 13.09 22.59
CA ASP E 109 24.14 13.23 21.76
C ASP E 109 24.68 14.66 21.79
N PHE E 110 23.80 15.65 21.72
CA PHE E 110 24.22 17.05 21.75
C PHE E 110 23.67 17.72 22.99
N TRP E 111 24.53 18.48 23.66
CA TRP E 111 24.17 19.22 24.85
C TRP E 111 24.38 20.70 24.59
N GLY E 112 23.54 21.52 25.21
CA GLY E 112 23.73 22.95 25.14
C GLY E 112 24.91 23.41 25.96
N GLN E 113 25.32 24.66 25.73
CA GLN E 113 26.46 25.21 26.45
C GLN E 113 26.13 25.50 27.91
N GLY E 114 24.86 25.65 28.25
CA GLY E 114 24.46 25.79 29.63
C GLY E 114 24.31 27.24 30.05
N THR E 115 23.39 27.48 30.97
CA THR E 115 23.23 28.76 31.63
C THR E 115 23.37 28.57 33.13
N THR E 116 23.93 29.57 33.79
CA THR E 116 24.24 29.49 35.21
C THR E 116 23.11 30.11 36.01
N LEU E 117 22.45 29.28 36.82
CA LEU E 117 21.44 29.75 37.76
C LEU E 117 22.04 29.75 39.16
N THR E 118 21.96 30.90 39.83
CA THR E 118 22.49 31.05 41.18
C THR E 118 21.38 31.45 42.11
N VAL E 119 21.22 30.70 43.20
CA VAL E 119 20.28 31.03 44.27
C VAL E 119 21.08 31.29 45.53
N SER E 120 20.85 32.44 46.17
CA SER E 120 21.61 32.83 47.33
C SER E 120 21.20 32.01 48.56
N SER E 121 21.99 32.14 49.62
CA SER E 121 21.73 31.41 50.85
C SER E 121 22.11 32.25 52.07
N GLY E 135 15.55 6.40 46.76
CA GLY E 135 14.86 5.19 47.14
C GLY E 135 14.81 4.15 46.02
N SER E 136 13.85 4.30 45.13
CA SER E 136 13.70 3.40 43.99
C SER E 136 14.54 3.80 42.79
N ASP E 137 15.29 4.90 42.89
CA ASP E 137 16.13 5.34 41.79
C ASP E 137 17.35 4.43 41.66
N ILE E 138 17.80 4.25 40.42
CA ILE E 138 18.98 3.44 40.15
C ILE E 138 20.20 4.23 40.56
N VAL E 139 20.90 3.75 41.58
CA VAL E 139 22.11 4.42 42.06
C VAL E 139 23.25 4.07 41.12
N MET E 140 23.88 5.10 40.56
CA MET E 140 24.95 4.93 39.59
C MET E 140 26.26 5.35 40.26
N THR E 141 27.12 4.39 40.51
CA THR E 141 28.32 4.60 41.31
C THR E 141 29.56 4.46 40.45
N GLN E 142 30.46 5.44 40.56
CA GLN E 142 31.80 5.34 40.00
C GLN E 142 32.79 5.19 41.13
N ALA E 143 33.61 4.14 41.05
CA ALA E 143 34.47 3.77 42.18
C ALA E 143 35.60 4.76 42.39
N THR E 144 36.02 5.46 41.34
CA THR E 144 37.08 6.45 41.45
C THR E 144 36.58 7.80 40.94
N SER E 145 37.15 8.87 41.48
CA SER E 145 36.79 10.22 41.10
C SER E 145 37.92 11.00 40.45
N SER E 146 39.16 10.59 40.63
CA SER E 146 40.30 11.27 40.02
C SER E 146 41.38 10.24 39.73
N VAL E 147 41.71 10.05 38.46
CA VAL E 147 42.72 9.10 38.02
C VAL E 147 43.87 9.89 37.39
N PRO E 148 45.07 9.86 37.95
CA PRO E 148 46.21 10.54 37.31
C PRO E 148 46.66 9.78 36.06
N VAL E 149 46.61 10.46 34.92
CA VAL E 149 46.88 9.84 33.63
C VAL E 149 47.92 10.64 32.87
N THR E 150 48.52 9.99 31.88
CA THR E 150 49.46 10.60 30.94
C THR E 150 49.01 10.29 29.53
N PRO E 151 49.32 11.16 28.56
CA PRO E 151 49.01 10.83 27.16
C PRO E 151 49.77 9.61 26.67
N GLY E 152 49.12 8.84 25.81
CA GLY E 152 49.68 7.62 25.28
C GLY E 152 49.49 6.39 26.14
N GLU E 153 48.78 6.51 27.27
CA GLU E 153 48.53 5.39 28.16
C GLU E 153 47.06 5.00 28.12
N SER E 154 46.80 3.70 28.18
CA SER E 154 45.43 3.20 28.20
C SER E 154 44.85 3.38 29.60
N VAL E 155 43.62 3.91 29.66
CA VAL E 155 42.93 4.15 30.91
C VAL E 155 41.51 3.58 30.80
N SER E 156 41.07 2.90 31.85
CA SER E 156 39.73 2.33 31.93
C SER E 156 38.96 3.06 33.01
N ILE E 157 37.81 3.63 32.65
CA ILE E 157 36.96 4.36 33.58
C ILE E 157 35.81 3.43 33.97
N SER E 158 35.81 2.98 35.21
CA SER E 158 34.84 2.00 35.67
C SER E 158 33.61 2.68 36.27
N CYS E 159 32.46 2.04 36.09
CA CYS E 159 31.20 2.51 36.64
C CYS E 159 30.35 1.31 37.06
N ARG E 160 29.54 1.50 38.07
CA ARG E 160 28.69 0.45 38.61
C ARG E 160 27.26 0.95 38.76
N SER E 161 26.32 0.02 38.73
CA SER E 161 24.90 0.34 38.84
C SER E 161 24.28 -0.50 39.93
N SER E 162 23.34 0.10 40.67
CA SER E 162 22.65 -0.63 41.72
C SER E 162 21.66 -1.63 41.16
N LYS E 163 21.11 -1.34 39.99
CA LYS E 163 20.17 -2.23 39.31
C LYS E 163 20.79 -2.65 37.98
N SER E 164 20.45 -3.86 37.53
CA SER E 164 20.96 -4.36 36.27
C SER E 164 20.41 -3.55 35.10
N LEU E 165 21.31 -2.88 34.39
CA LEU E 165 20.91 -2.03 33.27
C LEU E 165 20.63 -2.82 32.00
N LEU E 166 20.94 -4.11 31.98
CA LEU E 166 20.56 -4.95 30.85
C LEU E 166 19.05 -5.18 30.86
N HIS E 167 18.43 -4.93 29.71
CA HIS E 167 16.99 -5.09 29.57
C HIS E 167 16.69 -6.40 28.84
N SER E 168 15.41 -6.77 28.83
CA SER E 168 14.98 -7.98 28.15
C SER E 168 15.05 -7.87 26.63
N ASN E 169 15.15 -6.66 26.09
CA ASN E 169 15.32 -6.49 24.65
C ASN E 169 16.76 -6.63 24.20
N GLY E 170 17.70 -6.81 25.12
CA GLY E 170 19.10 -6.99 24.81
C GLY E 170 19.93 -5.74 24.98
N ASN E 171 19.31 -4.57 25.02
CA ASN E 171 20.05 -3.33 25.19
C ASN E 171 20.41 -3.13 26.66
N THR E 172 21.63 -2.67 26.89
CA THR E 172 22.08 -2.31 28.23
C THR E 172 22.23 -0.79 28.26
N TYR E 173 21.31 -0.13 28.94
CA TYR E 173 21.17 1.32 28.85
C TYR E 173 22.13 2.01 29.80
N LEU E 174 23.39 2.07 29.41
CA LEU E 174 24.38 2.92 30.06
C LEU E 174 25.00 3.85 29.04
N TYR E 175 25.16 5.12 29.43
CA TYR E 175 25.59 6.19 28.55
C TYR E 175 26.83 6.83 29.13
N TRP E 176 27.86 7.00 28.32
CA TRP E 176 29.10 7.60 28.76
C TRP E 176 29.20 9.02 28.24
N PHE E 177 29.64 9.93 29.09
CA PHE E 177 29.76 11.33 28.74
C PHE E 177 31.13 11.86 29.14
N LEU E 178 31.61 12.83 28.36
CA LEU E 178 32.86 13.53 28.67
C LEU E 178 32.55 15.01 28.79
N GLN E 179 32.86 15.57 29.95
CA GLN E 179 32.73 17.01 30.17
C GLN E 179 34.13 17.57 30.36
N ARG E 180 34.64 18.21 29.32
CA ARG E 180 35.93 18.89 29.41
C ARG E 180 35.78 20.14 30.28
N PRO E 181 36.87 20.57 30.93
CA PRO E 181 36.79 21.77 31.78
C PRO E 181 36.50 23.03 30.98
N GLY E 182 35.43 23.72 31.38
CA GLY E 182 34.98 24.89 30.66
C GLY E 182 34.17 24.59 29.42
N GLN E 183 33.74 23.36 29.23
CA GLN E 183 33.03 22.96 28.01
C GLN E 183 31.83 22.11 28.38
N SER E 184 30.86 22.08 27.48
CA SER E 184 29.65 21.30 27.66
C SER E 184 29.96 19.80 27.57
N PRO E 185 29.17 18.97 28.26
CA PRO E 185 29.33 17.52 28.10
C PRO E 185 28.95 17.06 26.70
N GLN E 186 29.62 16.00 26.25
CA GLN E 186 29.30 15.36 24.98
C GLN E 186 29.14 13.86 25.20
N LEU E 187 28.36 13.23 24.33
CA LEU E 187 28.13 11.80 24.42
C LEU E 187 29.26 11.04 23.74
N LEU E 188 29.82 10.06 24.46
CA LEU E 188 30.84 9.18 23.90
C LEU E 188 30.26 7.83 23.50
N ILE E 189 29.64 7.14 24.45
CA ILE E 189 29.11 5.79 24.24
C ILE E 189 27.63 5.80 24.61
N TYR E 190 26.79 5.31 23.70
CA TYR E 190 25.37 5.16 23.97
C TYR E 190 25.01 3.68 23.99
N ARG E 191 24.22 3.28 24.99
CA ARG E 191 23.79 1.90 25.24
C ARG E 191 24.96 0.94 25.38
N MET E 192 25.98 1.39 26.13
CA MET E 192 27.07 0.62 26.74
C MET E 192 28.12 0.12 25.72
N SER E 193 27.82 0.14 24.43
CA SER E 193 28.77 -0.39 23.46
C SER E 193 28.91 0.45 22.20
N ASN E 194 27.94 1.28 21.84
CA ASN E 194 27.92 1.92 20.53
C ASN E 194 28.64 3.26 20.59
N LEU E 195 29.54 3.46 19.62
CA LEU E 195 30.26 4.72 19.51
C LEU E 195 29.34 5.82 19.00
N ALA E 196 29.35 6.96 19.67
CA ALA E 196 28.58 8.09 19.20
C ALA E 196 29.30 8.76 18.02
N SER E 197 28.53 9.56 17.27
CA SER E 197 29.08 10.24 16.10
C SER E 197 30.05 11.34 16.53
N GLY E 198 31.18 11.41 15.83
CA GLY E 198 32.23 12.35 16.16
C GLY E 198 33.21 11.86 17.22
N VAL E 199 32.97 10.70 17.80
CA VAL E 199 33.85 10.13 18.82
C VAL E 199 34.82 9.18 18.12
N PRO E 200 36.13 9.26 18.40
CA PRO E 200 37.08 8.36 17.75
C PRO E 200 36.92 6.92 18.20
N ASP E 201 37.53 6.01 17.44
CA ASP E 201 37.42 4.58 17.67
C ASP E 201 38.16 4.12 18.92
N ARG E 202 39.00 4.97 19.50
CA ARG E 202 39.74 4.60 20.70
C ARG E 202 38.82 4.47 21.92
N PHE E 203 37.71 5.17 21.93
CA PHE E 203 36.75 5.08 23.04
C PHE E 203 35.97 3.78 22.89
N SER E 204 36.03 2.93 23.91
CA SER E 204 35.34 1.65 23.91
C SER E 204 34.65 1.46 25.25
N GLY E 205 33.49 0.81 25.21
CA GLY E 205 32.74 0.52 26.41
C GLY E 205 32.26 -0.91 26.43
N SER E 206 32.38 -1.55 27.59
CA SER E 206 31.88 -2.90 27.80
C SER E 206 31.30 -3.00 29.19
N GLY E 207 30.39 -3.95 29.37
CA GLY E 207 29.73 -4.13 30.64
C GLY E 207 28.98 -5.44 30.69
N SER E 208 28.61 -5.82 31.92
CA SER E 208 27.93 -7.08 32.18
C SER E 208 26.53 -6.88 32.72
N GLY E 209 25.99 -5.66 32.67
CA GLY E 209 24.67 -5.35 33.19
C GLY E 209 24.70 -4.58 34.50
N THR E 210 25.67 -4.87 35.36
CA THR E 210 25.84 -4.16 36.62
C THR E 210 27.18 -3.46 36.71
N ALA E 211 28.27 -4.15 36.38
CA ALA E 211 29.59 -3.53 36.32
C ALA E 211 29.86 -3.06 34.90
N PHE E 212 30.44 -1.87 34.79
CA PHE E 212 30.67 -1.23 33.50
C PHE E 212 32.05 -0.60 33.48
N THR E 213 32.60 -0.45 32.27
CA THR E 213 33.88 0.18 32.12
C THR E 213 33.92 0.94 30.79
N LEU E 214 34.80 1.94 30.74
CA LEU E 214 35.01 2.74 29.54
C LEU E 214 36.49 2.60 29.18
N THR E 215 36.79 1.68 28.28
CA THR E 215 38.17 1.46 27.86
C THR E 215 38.60 2.57 26.91
N ILE E 216 39.59 3.36 27.34
CA ILE E 216 40.15 4.43 26.53
C ILE E 216 41.61 4.09 26.27
N SER E 217 41.97 3.97 25.01
CA SER E 217 43.33 3.64 24.61
C SER E 217 43.93 4.79 23.81
N ARG E 218 45.26 4.93 23.91
CA ARG E 218 46.05 5.95 23.22
C ARG E 218 45.56 7.36 23.54
N LEU E 219 45.71 7.71 24.82
CA LEU E 219 45.18 8.96 25.36
C LEU E 219 45.88 10.16 24.77
N GLU E 220 45.13 11.24 24.55
CA GLU E 220 45.66 12.52 24.12
C GLU E 220 45.28 13.59 25.14
N ALA E 221 45.77 14.81 24.91
CA ALA E 221 45.57 15.90 25.86
C ALA E 221 44.14 16.45 25.81
N GLU E 222 43.43 16.23 24.71
CA GLU E 222 42.05 16.71 24.58
C GLU E 222 41.03 15.75 25.17
N ASP E 223 41.45 14.60 25.67
CA ASP E 223 40.56 13.62 26.25
C ASP E 223 40.34 13.81 27.75
N VAL E 224 40.98 14.82 28.35
CA VAL E 224 40.84 15.03 29.78
C VAL E 224 39.48 15.63 30.09
N GLY E 225 39.06 15.49 31.34
CA GLY E 225 37.76 15.97 31.76
C GLY E 225 37.08 14.98 32.68
N VAL E 226 35.87 15.30 33.12
CA VAL E 226 35.13 14.46 34.05
C VAL E 226 34.23 13.53 33.26
N TYR E 227 34.31 12.23 33.55
CA TYR E 227 33.60 11.22 32.80
C TYR E 227 32.40 10.74 33.60
N TYR E 228 31.22 10.86 33.01
CA TYR E 228 29.96 10.52 33.67
C TYR E 228 29.34 9.30 33.00
N CYS E 229 28.90 8.34 33.81
CA CYS E 229 28.06 7.25 33.34
C CYS E 229 26.63 7.54 33.73
N MET E 230 25.72 7.38 32.78
CA MET E 230 24.30 7.64 33.00
C MET E 230 23.50 6.43 32.57
N GLN E 231 22.53 6.05 33.39
CA GLN E 231 21.58 5.02 33.00
C GLN E 231 20.39 5.66 32.28
N HIS E 232 19.88 4.95 31.28
CA HIS E 232 18.63 5.32 30.64
C HIS E 232 17.64 4.16 30.66
N LEU E 233 17.80 3.26 31.63
CA LEU E 233 16.91 2.11 31.74
C LEU E 233 15.52 2.54 32.21
N GLU E 234 15.46 3.44 33.19
CA GLU E 234 14.18 3.84 33.77
C GLU E 234 14.31 5.25 34.31
N TYR E 235 13.26 6.04 34.13
CA TYR E 235 13.20 7.35 34.75
C TYR E 235 12.97 7.21 36.25
N PRO E 236 13.63 8.03 37.09
CA PRO E 236 14.54 9.14 36.77
C PRO E 236 15.94 8.72 36.33
N LEU E 237 16.48 9.43 35.35
CA LEU E 237 17.81 9.13 34.86
C LEU E 237 18.83 9.63 35.87
N THR E 238 19.78 8.78 36.23
CA THR E 238 20.77 9.11 37.24
C THR E 238 22.16 8.99 36.66
N PHE E 239 23.03 9.91 37.04
CA PHE E 239 24.41 9.95 36.60
C PHE E 239 25.31 9.36 37.67
N GLY E 240 26.55 9.09 37.27
CA GLY E 240 27.58 8.73 38.22
C GLY E 240 28.12 9.95 38.93
N ALA E 241 29.01 9.70 39.89
CA ALA E 241 29.67 10.80 40.58
C ALA E 241 30.62 11.55 39.68
N GLY E 242 31.22 10.86 38.71
CA GLY E 242 32.12 11.50 37.78
C GLY E 242 33.58 11.17 38.04
N THR E 243 34.30 10.75 37.01
CA THR E 243 35.72 10.44 37.11
C THR E 243 36.50 11.46 36.29
N LYS E 244 37.27 12.29 36.98
CA LYS E 244 38.08 13.30 36.33
C LYS E 244 39.46 12.74 35.99
N LEU E 245 39.94 13.06 34.79
CA LEU E 245 41.29 12.69 34.37
C LEU E 245 42.18 13.93 34.41
N GLU E 246 43.34 13.80 35.04
CA GLU E 246 44.29 14.89 35.18
C GLU E 246 45.63 14.48 34.58
N LEU E 247 46.23 15.40 33.84
CA LEU E 247 47.53 15.13 33.20
C LEU E 247 48.64 15.09 34.25
N LYS E 248 49.48 14.05 34.16
CA LYS E 248 50.60 13.78 35.05
C LYS E 248 50.20 13.71 36.53
N ARG F 33 -49.62 -26.16 26.37
CA ARG F 33 -49.15 -25.13 27.28
C ARG F 33 -47.63 -25.08 27.31
N LEU F 34 -47.02 -26.17 27.79
CA LEU F 34 -45.56 -26.30 27.78
C LEU F 34 -44.98 -26.23 26.37
N TRP F 35 -45.70 -26.76 25.39
CA TRP F 35 -45.33 -26.65 23.98
C TRP F 35 -45.15 -25.19 23.57
N GLU F 36 -46.11 -24.34 23.93
CA GLU F 36 -46.04 -22.91 23.66
C GLU F 36 -44.80 -22.26 24.27
N VAL F 37 -44.62 -22.44 25.58
CA VAL F 37 -43.49 -21.86 26.30
C VAL F 37 -42.16 -22.31 25.72
N ILE F 38 -42.03 -23.59 25.36
CA ILE F 38 -40.76 -24.09 24.84
C ILE F 38 -40.54 -23.60 23.41
N THR F 39 -41.60 -23.52 22.59
CA THR F 39 -41.48 -22.98 21.24
C THR F 39 -41.10 -21.51 21.24
N ILE F 40 -41.72 -20.71 22.11
CA ILE F 40 -41.42 -19.29 22.21
C ILE F 40 -40.00 -19.07 22.74
N ALA F 41 -39.60 -19.86 23.75
CA ALA F 41 -38.24 -19.73 24.28
C ALA F 41 -37.18 -20.15 23.27
N ALA F 42 -37.47 -21.18 22.46
CA ALA F 42 -36.51 -21.61 21.45
C ALA F 42 -36.42 -20.61 20.31
N VAL F 43 -37.55 -20.04 19.90
CA VAL F 43 -37.55 -19.01 18.86
C VAL F 43 -36.80 -17.76 19.34
N THR F 44 -37.01 -17.39 20.62
CA THR F 44 -36.31 -16.26 21.20
C THR F 44 -34.81 -16.51 21.31
N ALA F 45 -34.42 -17.73 21.71
CA ALA F 45 -33.01 -18.08 21.79
C ALA F 45 -32.36 -18.05 20.42
N VAL F 46 -33.06 -18.52 19.39
CA VAL F 46 -32.52 -18.51 18.03
C VAL F 46 -32.37 -17.07 17.53
N VAL F 47 -33.41 -16.24 17.70
CA VAL F 47 -33.38 -14.87 17.19
C VAL F 47 -32.36 -14.03 17.95
N SER F 48 -32.30 -14.18 19.28
CA SER F 48 -31.34 -13.46 20.09
C SER F 48 -29.91 -13.90 19.79
N LEU F 49 -29.70 -15.20 19.53
CA LEU F 49 -28.39 -15.68 19.16
C LEU F 49 -27.94 -15.13 17.81
N ILE F 50 -28.87 -15.11 16.83
CA ILE F 50 -28.56 -14.54 15.52
C ILE F 50 -28.25 -13.06 15.62
N THR F 51 -29.03 -12.33 16.43
CA THR F 51 -28.81 -10.90 16.64
C THR F 51 -27.46 -10.62 17.30
N ILE F 52 -27.13 -11.41 18.33
CA ILE F 52 -25.89 -11.23 19.07
C ILE F 52 -24.69 -11.54 18.18
N VAL F 53 -24.72 -12.67 17.47
CA VAL F 53 -23.57 -13.01 16.64
C VAL F 53 -23.49 -12.10 15.42
N GLY F 54 -24.63 -11.59 14.93
CA GLY F 54 -24.58 -10.68 13.80
C GLY F 54 -23.95 -9.35 14.15
N ASN F 55 -24.37 -8.74 15.27
CA ASN F 55 -23.79 -7.45 15.63
C ASN F 55 -22.37 -7.59 16.18
N VAL F 56 -22.09 -8.69 16.88
CA VAL F 56 -20.73 -8.97 17.35
C VAL F 56 -19.80 -9.21 16.15
N LEU F 57 -20.29 -9.89 15.11
CA LEU F 57 -19.49 -10.06 13.91
C LEU F 57 -19.34 -8.77 13.12
N VAL F 58 -20.30 -7.85 13.23
CA VAL F 58 -20.13 -6.52 12.64
C VAL F 58 -18.98 -5.77 13.32
N MET F 59 -18.94 -5.81 14.65
CA MET F 59 -17.85 -5.15 15.37
C MET F 59 -16.51 -5.83 15.14
N ILE F 60 -16.48 -7.16 15.11
CA ILE F 60 -15.22 -7.86 14.86
C ILE F 60 -14.77 -7.67 13.41
N SER F 61 -15.72 -7.57 12.47
CA SER F 61 -15.39 -7.27 11.09
C SER F 61 -14.83 -5.86 10.95
N PHE F 62 -15.32 -4.92 11.75
CA PHE F 62 -14.67 -3.61 11.83
C PHE F 62 -13.26 -3.73 12.39
N LYS F 63 -13.09 -4.56 13.43
CA LYS F 63 -11.81 -4.59 14.15
C LYS F 63 -10.72 -5.25 13.33
N VAL F 64 -11.03 -6.35 12.63
CA VAL F 64 -9.99 -7.15 11.97
C VAL F 64 -9.77 -6.76 10.52
N ASN F 65 -10.61 -5.89 9.95
CA ASN F 65 -10.46 -5.46 8.57
C ASN F 65 -10.25 -3.96 8.55
N SER F 66 -9.10 -3.53 8.01
CA SER F 66 -8.83 -2.10 7.87
C SER F 66 -9.64 -1.47 6.76
N GLN F 67 -10.03 -2.28 5.76
CA GLN F 67 -10.88 -1.78 4.69
C GLN F 67 -12.28 -1.41 5.19
N LEU F 68 -12.72 -2.03 6.29
CA LEU F 68 -13.98 -1.69 6.91
C LEU F 68 -13.85 -0.57 7.94
N LYS F 69 -12.64 -0.09 8.20
CA LYS F 69 -12.43 0.99 9.17
C LYS F 69 -12.60 2.35 8.50
N THR F 70 -13.78 2.56 7.94
CA THR F 70 -14.15 3.80 7.29
C THR F 70 -15.09 4.60 8.18
N VAL F 71 -15.31 5.85 7.79
CA VAL F 71 -16.09 6.78 8.60
C VAL F 71 -17.57 6.40 8.59
N ASN F 72 -18.09 5.95 7.44
CA ASN F 72 -19.49 5.54 7.37
C ASN F 72 -19.77 4.24 8.11
N ASN F 73 -18.73 3.45 8.40
CA ASN F 73 -18.89 2.26 9.20
C ASN F 73 -18.87 2.54 10.70
N TYR F 74 -18.54 3.77 11.11
CA TYR F 74 -18.70 4.16 12.50
C TYR F 74 -20.17 4.16 12.89
N TYR F 75 -21.02 4.64 11.98
CA TYR F 75 -22.46 4.63 12.19
C TYR F 75 -22.99 3.21 12.26
N LEU F 76 -22.44 2.31 11.44
CA LEU F 76 -22.81 0.90 11.51
C LEU F 76 -22.32 0.27 12.81
N LEU F 77 -21.19 0.73 13.34
CA LEU F 77 -20.74 0.29 14.66
C LEU F 77 -21.70 0.73 15.76
N SER F 78 -22.17 1.97 15.70
CA SER F 78 -23.12 2.46 16.70
C SER F 78 -24.46 1.73 16.60
N LEU F 79 -24.90 1.46 15.37
CA LEU F 79 -26.11 0.67 15.16
C LEU F 79 -25.95 -0.75 15.69
N ALA F 80 -24.78 -1.35 15.47
CA ALA F 80 -24.51 -2.68 15.99
C ALA F 80 -24.42 -2.69 17.51
N CYS F 81 -23.92 -1.60 18.12
CA CYS F 81 -23.89 -1.50 19.58
C CYS F 81 -25.29 -1.43 20.17
N ALA F 82 -26.16 -0.61 19.57
CA ALA F 82 -27.56 -0.54 20.02
C ALA F 82 -28.26 -1.86 19.82
N ASP F 83 -28.03 -2.52 18.68
CA ASP F 83 -28.68 -3.79 18.40
C ASP F 83 -28.12 -4.92 19.25
N LEU F 84 -26.86 -4.83 19.67
CA LEU F 84 -26.30 -5.81 20.58
C LEU F 84 -26.89 -5.65 21.98
N ILE F 85 -27.10 -4.40 22.42
CA ILE F 85 -27.80 -4.16 23.68
C ILE F 85 -29.22 -4.70 23.61
N ILE F 86 -29.85 -4.60 22.43
CA ILE F 86 -31.20 -5.12 22.25
C ILE F 86 -31.20 -6.64 22.29
N GLY F 87 -30.26 -7.27 21.57
CA GLY F 87 -30.21 -8.72 21.51
C GLY F 87 -29.79 -9.38 22.80
N ILE F 88 -29.02 -8.69 23.63
CA ILE F 88 -28.60 -9.27 24.90
C ILE F 88 -29.67 -9.00 25.95
N PHE F 89 -29.95 -7.74 26.25
CA PHE F 89 -30.82 -7.45 27.37
C PHE F 89 -32.30 -7.45 26.99
N SER F 90 -32.65 -6.84 25.86
CA SER F 90 -34.04 -6.49 25.61
C SER F 90 -34.89 -7.68 25.18
N MET F 91 -34.32 -8.60 24.39
CA MET F 91 -35.14 -9.70 23.87
C MET F 91 -35.41 -10.75 24.94
N ASN F 92 -34.38 -11.07 25.74
CA ASN F 92 -34.51 -12.16 26.69
C ASN F 92 -35.30 -11.74 27.92
N LEU F 93 -35.16 -10.49 28.37
CA LEU F 93 -35.93 -10.04 29.52
C LEU F 93 -37.40 -9.82 29.16
N TYR F 94 -37.68 -9.41 27.93
CA TYR F 94 -39.09 -9.29 27.53
C TYR F 94 -39.71 -10.65 27.27
N THR F 95 -38.93 -11.61 26.76
CA THR F 95 -39.45 -12.96 26.63
C THR F 95 -39.66 -13.60 28.00
N THR F 96 -38.79 -13.32 28.97
CA THR F 96 -38.98 -13.77 30.34
C THR F 96 -40.25 -13.17 30.94
N TYR F 97 -40.49 -11.89 30.66
CA TYR F 97 -41.74 -11.22 31.04
C TYR F 97 -42.95 -11.91 30.43
N ILE F 98 -42.89 -12.23 29.14
CA ILE F 98 -44.00 -12.91 28.45
C ILE F 98 -44.24 -14.30 29.06
N LEU F 99 -43.19 -15.11 29.16
CA LEU F 99 -43.33 -16.51 29.58
C LEU F 99 -43.68 -16.64 31.04
N MET F 100 -43.27 -15.70 31.89
CA MET F 100 -43.64 -15.79 33.29
C MET F 100 -44.96 -15.11 33.59
N GLY F 101 -45.48 -14.32 32.65
CA GLY F 101 -46.70 -13.57 32.84
C GLY F 101 -46.60 -12.44 33.83
N ARG F 102 -45.41 -12.13 34.31
CA ARG F 102 -45.21 -11.13 35.35
C ARG F 102 -43.77 -10.63 35.29
N TRP F 103 -43.52 -9.54 35.99
CA TRP F 103 -42.17 -9.01 36.17
C TRP F 103 -41.71 -9.36 37.59
N ALA F 104 -40.67 -10.19 37.67
CA ALA F 104 -40.21 -10.74 38.94
C ALA F 104 -38.94 -10.07 39.45
N LEU F 105 -38.48 -9.01 38.79
CA LEU F 105 -37.22 -8.37 39.16
C LEU F 105 -37.40 -7.11 40.00
N GLY F 106 -38.58 -6.54 40.05
CA GLY F 106 -38.85 -5.38 40.87
C GLY F 106 -39.15 -4.14 40.05
N SER F 107 -39.71 -3.14 40.74
CA SER F 107 -40.13 -1.90 40.07
C SER F 107 -38.93 -1.11 39.54
N LEU F 108 -37.86 -1.02 40.33
CA LEU F 108 -36.67 -0.29 39.89
C LEU F 108 -35.99 -0.99 38.72
N ALA F 109 -35.85 -2.31 38.81
CA ALA F 109 -35.35 -3.10 37.69
C ALA F 109 -36.23 -2.96 36.45
N CYS F 110 -37.55 -2.96 36.63
CA CYS F 110 -38.50 -2.71 35.54
C CYS F 110 -38.24 -1.37 34.86
N ASP F 111 -38.16 -0.29 35.65
CA ASP F 111 -37.95 1.05 35.09
C ASP F 111 -36.59 1.15 34.41
N LEU F 112 -35.54 0.61 35.02
CA LEU F 112 -34.20 0.65 34.44
C LEU F 112 -34.13 -0.16 33.14
N TRP F 113 -34.78 -1.33 33.10
CA TRP F 113 -34.79 -2.13 31.88
C TRP F 113 -35.60 -1.46 30.78
N LEU F 114 -36.74 -0.84 31.13
CA LEU F 114 -37.53 -0.12 30.14
C LEU F 114 -36.77 1.07 29.59
N ALA F 115 -36.04 1.79 30.45
CA ALA F 115 -35.19 2.89 29.99
C ALA F 115 -34.09 2.39 29.08
N LEU F 116 -33.44 1.27 29.44
CA LEU F 116 -32.39 0.70 28.60
C LEU F 116 -32.94 0.22 27.26
N ASP F 117 -34.10 -0.45 27.28
CA ASP F 117 -34.72 -0.96 26.07
C ASP F 117 -35.15 0.16 25.13
N TYR F 118 -35.80 1.19 25.66
CA TYR F 118 -36.27 2.26 24.80
C TYR F 118 -35.13 3.15 24.34
N VAL F 119 -34.13 3.40 25.19
CA VAL F 119 -32.97 4.16 24.76
C VAL F 119 -32.18 3.42 23.70
N ALA F 120 -32.04 2.09 23.84
CA ALA F 120 -31.31 1.31 22.84
C ALA F 120 -32.09 1.16 21.55
N SER F 121 -33.42 1.02 21.63
CA SER F 121 -34.25 0.93 20.42
C SER F 121 -34.27 2.27 19.69
N ASN F 122 -34.39 3.37 20.43
CA ASN F 122 -34.32 4.69 19.83
C ASN F 122 -32.93 4.98 19.29
N ALA F 123 -31.88 4.48 19.95
CA ALA F 123 -30.53 4.64 19.43
C ALA F 123 -30.35 3.86 18.16
N SER F 124 -30.98 2.68 18.06
CA SER F 124 -31.00 1.93 16.81
C SER F 124 -31.67 2.72 15.70
N VAL F 125 -32.82 3.33 16.00
CA VAL F 125 -33.55 4.08 14.97
C VAL F 125 -32.81 5.37 14.60
N MET F 126 -32.24 6.07 15.59
CA MET F 126 -31.44 7.25 15.29
C MET F 126 -30.18 6.90 14.52
N ASN F 127 -29.60 5.72 14.78
CA ASN F 127 -28.48 5.27 13.97
C ASN F 127 -28.93 4.93 12.55
N LEU F 128 -30.14 4.38 12.39
CA LEU F 128 -30.70 4.16 11.07
C LEU F 128 -30.89 5.47 10.33
N LEU F 129 -31.37 6.50 11.04
CA LEU F 129 -31.60 7.80 10.45
C LEU F 129 -30.29 8.48 10.07
N VAL F 130 -29.28 8.37 10.92
CA VAL F 130 -27.97 8.94 10.63
C VAL F 130 -27.29 8.18 9.49
N ILE F 131 -27.49 6.86 9.42
CA ILE F 131 -26.99 6.06 8.30
C ILE F 131 -27.67 6.48 7.00
N SER F 132 -29.00 6.69 7.04
CA SER F 132 -29.72 7.13 5.85
C SER F 132 -29.30 8.51 5.40
N PHE F 133 -29.05 9.42 6.35
CA PHE F 133 -28.53 10.73 6.01
C PHE F 133 -27.12 10.66 5.44
N ASP F 134 -26.27 9.79 6.01
CA ASP F 134 -24.91 9.63 5.53
C ASP F 134 -24.89 9.06 4.13
N ARG F 135 -25.75 8.08 3.86
CA ARG F 135 -25.90 7.54 2.51
C ARG F 135 -26.45 8.59 1.56
N TYR F 136 -27.42 9.40 2.02
CA TYR F 136 -28.00 10.45 1.20
C TYR F 136 -26.93 11.45 0.79
N PHE F 137 -26.10 11.86 1.76
CA PHE F 137 -25.06 12.86 1.48
C PHE F 137 -24.02 12.26 0.55
N SER F 138 -23.66 10.98 0.76
CA SER F 138 -22.69 10.32 -0.09
C SER F 138 -23.20 10.07 -1.51
N ILE F 139 -24.52 10.12 -1.73
CA ILE F 139 -25.10 9.80 -3.03
C ILE F 139 -25.50 11.06 -3.78
N THR F 140 -25.97 12.09 -3.08
CA THR F 140 -26.42 13.30 -3.73
C THR F 140 -25.26 14.28 -3.89
N ARG F 141 -24.30 14.18 -2.98
CA ARG F 141 -23.09 15.01 -2.98
C ARG F 141 -21.85 14.12 -2.85
N PRO F 142 -21.56 13.26 -3.86
CA PRO F 142 -20.46 12.28 -3.73
C PRO F 142 -19.09 12.86 -3.40
N LEU F 143 -18.73 14.00 -3.97
CA LEU F 143 -17.37 14.47 -3.78
C LEU F 143 -17.23 15.44 -2.60
N THR F 144 -18.21 16.33 -2.43
CA THR F 144 -18.13 17.34 -1.38
C THR F 144 -18.22 16.72 0.01
N TYR F 145 -18.97 15.63 0.15
CA TYR F 145 -19.18 14.99 1.43
C TYR F 145 -17.96 14.21 1.90
N ARG F 146 -17.00 13.93 1.01
CA ARG F 146 -15.78 13.24 1.40
C ARG F 146 -14.93 14.09 2.33
N ALA F 147 -14.98 15.42 2.16
CA ALA F 147 -14.36 16.33 3.10
C ALA F 147 -15.17 16.50 4.38
N LYS F 148 -16.45 16.12 4.36
CA LYS F 148 -17.30 16.21 5.53
C LYS F 148 -17.53 14.86 6.21
N ARG F 149 -17.10 13.77 5.59
CA ARG F 149 -17.22 12.43 6.18
C ARG F 149 -15.98 12.17 7.03
N THR F 150 -15.88 12.90 8.12
CA THR F 150 -14.75 12.90 9.03
C THR F 150 -15.07 12.10 10.29
N PRO F 151 -14.05 11.54 10.96
CA PRO F 151 -14.30 10.86 12.24
C PRO F 151 -14.87 11.76 13.32
N LYS F 152 -14.51 13.05 13.31
CA LYS F 152 -15.04 13.98 14.32
C LYS F 152 -16.54 14.19 14.12
N ARG F 153 -16.97 14.44 12.88
CA ARG F 153 -18.38 14.67 12.61
C ARG F 153 -19.19 13.40 12.76
N ALA F 154 -18.59 12.24 12.44
CA ALA F 154 -19.26 10.96 12.68
C ALA F 154 -19.42 10.70 14.17
N GLY F 155 -18.41 11.02 14.97
CA GLY F 155 -18.55 10.89 16.41
C GLY F 155 -19.57 11.84 16.98
N ILE F 156 -19.65 13.05 16.43
CA ILE F 156 -20.67 14.02 16.84
C ILE F 156 -22.07 13.49 16.53
N MET F 157 -22.26 12.90 15.35
CA MET F 157 -23.59 12.39 15.00
C MET F 157 -23.95 11.13 15.77
N ILE F 158 -22.97 10.27 16.07
CA ILE F 158 -23.24 9.09 16.89
C ILE F 158 -23.59 9.49 18.31
N GLY F 159 -22.82 10.43 18.88
CA GLY F 159 -23.14 10.94 20.20
C GLY F 159 -24.45 11.69 20.25
N LEU F 160 -24.79 12.40 19.18
CA LEU F 160 -26.09 13.08 19.09
C LEU F 160 -27.22 12.09 19.01
N ALA F 161 -27.02 10.98 18.29
CA ALA F 161 -28.04 9.94 18.19
C ALA F 161 -28.30 9.30 19.55
N TRP F 162 -27.23 8.89 20.24
CA TRP F 162 -27.39 8.30 21.57
C TRP F 162 -27.88 9.31 22.61
N LEU F 163 -27.47 10.58 22.48
CA LEU F 163 -27.89 11.59 23.43
C LEU F 163 -29.35 11.98 23.24
N ILE F 164 -29.80 12.06 21.98
CA ILE F 164 -31.21 12.33 21.71
C ILE F 164 -32.07 11.17 22.19
N SER F 165 -31.60 9.93 22.01
CA SER F 165 -32.32 8.77 22.53
C SER F 165 -32.39 8.78 24.06
N PHE F 166 -31.26 9.07 24.71
CA PHE F 166 -31.22 9.12 26.16
C PHE F 166 -32.09 10.24 26.72
N ILE F 167 -32.09 11.41 26.08
CA ILE F 167 -32.89 12.53 26.54
C ILE F 167 -34.38 12.27 26.31
N LEU F 168 -34.71 11.65 25.17
CA LEU F 168 -36.11 11.40 24.83
C LEU F 168 -36.73 10.33 25.71
N TRP F 169 -35.97 9.31 26.10
CA TRP F 169 -36.58 8.19 26.82
C TRP F 169 -36.16 8.06 28.27
N ALA F 170 -34.88 8.31 28.60
CA ALA F 170 -34.37 7.97 29.94
C ALA F 170 -34.98 8.78 31.08
N PRO F 171 -35.03 10.13 31.07
CA PRO F 171 -35.59 10.80 32.24
C PRO F 171 -37.10 10.71 32.31
N ALA F 172 -37.78 10.59 31.17
CA ALA F 172 -39.23 10.49 31.18
C ALA F 172 -39.71 9.17 31.75
N ILE F 173 -39.07 8.06 31.34
CA ILE F 173 -39.44 6.73 31.85
C ILE F 173 -39.13 6.63 33.34
N LEU F 174 -37.94 7.06 33.75
CA LEU F 174 -37.52 6.93 35.13
C LEU F 174 -38.08 8.01 36.04
N CYS F 175 -38.74 9.04 35.51
CA CYS F 175 -39.20 10.15 36.33
C CYS F 175 -40.66 10.52 36.11
N TRP F 176 -41.42 9.75 35.32
CA TRP F 176 -42.84 10.03 35.19
C TRP F 176 -43.59 9.70 36.47
N GLN F 177 -43.17 8.65 37.18
CA GLN F 177 -43.79 8.28 38.44
C GLN F 177 -43.55 9.31 39.54
N TYR F 178 -42.48 10.11 39.43
CA TYR F 178 -42.24 11.19 40.36
C TYR F 178 -42.82 12.51 39.88
N LEU F 179 -43.01 12.67 38.57
CA LEU F 179 -43.65 13.88 38.06
C LEU F 179 -45.15 13.87 38.36
N VAL F 180 -45.81 12.72 38.14
CA VAL F 180 -47.23 12.62 38.49
C VAL F 180 -47.43 12.17 39.93
N GLY F 181 -46.37 11.78 40.63
CA GLY F 181 -46.43 11.50 42.05
C GLY F 181 -46.86 10.10 42.43
N LYS F 182 -47.19 9.25 41.46
CA LYS F 182 -47.63 7.90 41.77
C LYS F 182 -47.28 6.97 40.62
N ARG F 183 -47.26 5.68 40.91
CA ARG F 183 -46.93 4.64 39.94
C ARG F 183 -48.22 3.90 39.60
N THR F 184 -48.77 4.15 38.42
CA THR F 184 -49.96 3.43 37.99
C THR F 184 -49.64 2.06 37.42
N VAL F 185 -48.39 1.77 37.15
CA VAL F 185 -47.99 0.45 36.67
C VAL F 185 -48.13 -0.54 37.83
N PRO F 186 -48.75 -1.71 37.61
CA PRO F 186 -48.77 -2.73 38.66
C PRO F 186 -47.39 -3.30 38.92
N LEU F 187 -47.25 -3.92 40.10
CA LEU F 187 -45.98 -4.50 40.51
C LEU F 187 -45.61 -5.69 39.63
N ASP F 188 -46.59 -6.49 39.24
CA ASP F 188 -46.31 -7.63 38.38
C ASP F 188 -46.06 -7.24 36.93
N GLU F 189 -46.48 -6.05 36.51
CA GLU F 189 -46.34 -5.68 35.10
C GLU F 189 -45.11 -4.81 34.91
N CYS F 190 -44.69 -4.71 33.65
CA CYS F 190 -43.54 -3.90 33.26
C CYS F 190 -43.86 -3.22 31.94
N GLN F 191 -44.30 -1.97 32.03
CA GLN F 191 -44.52 -1.12 30.88
C GLN F 191 -44.35 0.32 31.36
N ILE F 192 -44.05 1.21 30.42
CA ILE F 192 -43.98 2.63 30.73
C ILE F 192 -45.30 3.15 31.26
N GLN F 193 -45.22 4.05 32.24
CA GLN F 193 -46.41 4.63 32.85
C GLN F 193 -47.03 5.70 31.94
N PHE F 194 -46.21 6.49 31.25
CA PHE F 194 -46.76 7.59 30.46
C PHE F 194 -47.44 7.14 29.17
N LEU F 195 -47.39 5.84 28.84
CA LEU F 195 -48.08 5.31 27.67
C LEU F 195 -49.59 5.55 27.72
N SER F 196 -50.16 5.63 28.94
CA SER F 196 -51.57 6.00 29.08
C SER F 196 -51.82 7.43 28.62
N GLU F 197 -50.94 8.36 29.01
CA GLU F 197 -51.07 9.78 28.68
C GLU F 197 -50.90 10.01 27.17
N PRO F 198 -51.95 10.47 26.46
CA PRO F 198 -51.88 10.54 25.00
C PRO F 198 -50.86 11.52 24.42
N THR F 199 -50.65 12.68 25.06
CA THR F 199 -49.80 13.70 24.46
C THR F 199 -48.32 13.30 24.44
N ILE F 200 -47.82 12.73 25.54
CA ILE F 200 -46.41 12.33 25.56
C ILE F 200 -46.22 11.03 24.78
N THR F 201 -47.26 10.19 24.70
CA THR F 201 -47.21 9.00 23.85
C THR F 201 -47.09 9.39 22.38
N PHE F 202 -47.93 10.34 21.94
CA PHE F 202 -47.84 10.88 20.58
C PHE F 202 -46.48 11.53 20.32
N GLY F 203 -46.00 12.34 21.26
CA GLY F 203 -44.72 13.03 21.06
C GLY F 203 -43.54 12.08 20.99
N THR F 204 -43.50 11.09 21.89
CA THR F 204 -42.39 10.14 21.91
C THR F 204 -42.46 9.18 20.73
N ALA F 205 -43.66 8.74 20.34
CA ALA F 205 -43.78 7.85 19.19
C ALA F 205 -43.49 8.57 17.88
N ILE F 206 -43.84 9.85 17.79
CA ILE F 206 -43.53 10.62 16.59
C ILE F 206 -42.04 10.89 16.50
N ALA F 207 -41.41 11.29 17.61
CA ALA F 207 -39.98 11.53 17.62
C ALA F 207 -39.16 10.25 17.59
N ALA F 208 -39.79 9.10 17.83
CA ALA F 208 -39.09 7.82 17.86
C ALA F 208 -39.21 7.05 16.55
N PHE F 209 -40.41 6.96 15.98
CA PHE F 209 -40.61 6.16 14.78
C PHE F 209 -41.08 6.97 13.59
N TYR F 210 -42.15 7.75 13.73
CA TYR F 210 -42.89 8.27 12.58
C TYR F 210 -42.11 9.32 11.82
N ILE F 211 -41.55 10.31 12.52
CA ILE F 211 -40.63 11.26 11.88
C ILE F 211 -39.36 10.58 11.37
N PRO F 212 -38.67 9.70 12.15
CA PRO F 212 -37.53 8.97 11.53
C PRO F 212 -37.87 8.09 10.35
N VAL F 213 -39.01 7.37 10.38
CA VAL F 213 -39.32 6.51 9.24
C VAL F 213 -39.75 7.36 8.04
N SER F 214 -40.36 8.53 8.29
CA SER F 214 -40.74 9.40 7.19
C SER F 214 -39.51 10.03 6.54
N VAL F 215 -38.56 10.49 7.34
CA VAL F 215 -37.34 11.08 6.80
C VAL F 215 -36.49 10.01 6.12
N MET F 216 -36.44 8.80 6.69
CA MET F 216 -35.71 7.69 6.06
C MET F 216 -36.32 7.30 4.73
N THR F 217 -37.66 7.25 4.65
CA THR F 217 -38.33 6.94 3.40
C THR F 217 -38.09 8.05 2.36
N ILE F 218 -38.10 9.31 2.79
CA ILE F 218 -37.84 10.42 1.88
C ILE F 218 -36.42 10.37 1.34
N LEU F 219 -35.45 10.12 2.21
CA LEU F 219 -34.04 10.07 1.80
C LEU F 219 -33.77 8.86 0.90
N TYR F 220 -34.37 7.71 1.20
CA TYR F 220 -34.15 6.55 0.35
C TYR F 220 -34.90 6.64 -0.97
N CYS F 221 -36.04 7.33 -1.00
CA CYS F 221 -36.70 7.63 -2.27
C CYS F 221 -35.87 8.56 -3.12
N ARG F 222 -35.25 9.57 -2.50
CA ARG F 222 -34.34 10.45 -3.23
C ARG F 222 -33.09 9.72 -3.68
N ILE F 223 -32.62 8.74 -2.90
CA ILE F 223 -31.47 7.93 -3.29
C ILE F 223 -31.82 7.06 -4.50
N TYR F 224 -33.04 6.49 -4.51
CA TYR F 224 -33.51 5.74 -5.68
C TYR F 224 -33.63 6.64 -6.91
N ARG F 225 -34.12 7.87 -6.72
CA ARG F 225 -34.19 8.82 -7.82
C ARG F 225 -32.81 9.19 -8.33
N GLU F 226 -31.81 9.27 -7.43
CA GLU F 226 -30.44 9.54 -7.85
C GLU F 226 -29.86 8.36 -8.63
N THR F 227 -30.19 7.12 -8.25
CA THR F 227 -29.73 5.96 -9.00
C THR F 227 -30.33 5.94 -10.41
N GLU F 228 -31.64 6.21 -10.51
CA GLU F 228 -32.28 6.28 -11.82
C GLU F 228 -31.73 7.45 -12.64
N LYS F 229 -31.45 8.58 -11.98
CA LYS F 229 -30.92 9.75 -12.65
C LYS F 229 -29.51 9.50 -13.18
N ARG F 230 -28.66 8.82 -12.40
CA ARG F 230 -27.31 8.57 -12.90
C ARG F 230 -27.31 7.51 -13.99
N THR F 231 -28.24 6.54 -13.93
CA THR F 231 -28.37 5.58 -15.03
C THR F 231 -28.81 6.27 -16.32
N LYS F 232 -29.79 7.17 -16.21
CA LYS F 232 -30.27 7.89 -17.39
C LYS F 232 -29.22 8.87 -17.92
N ASP F 233 -28.47 9.50 -17.02
CA ASP F 233 -27.42 10.43 -17.43
C ASP F 233 -26.25 9.71 -18.08
N LEU F 234 -25.94 8.50 -17.62
CA LEU F 234 -24.91 7.70 -18.25
C LEU F 234 -25.36 7.18 -19.61
N ALA F 235 -26.64 6.79 -19.73
CA ALA F 235 -27.17 6.37 -21.01
C ALA F 235 -27.21 7.52 -22.02
N ASP F 236 -27.47 8.74 -21.54
CA ASP F 236 -27.37 9.91 -22.42
C ASP F 236 -25.93 10.21 -22.78
N LEU F 237 -25.00 10.02 -21.85
CA LEU F 237 -23.61 10.39 -22.08
C LEU F 237 -22.92 9.41 -23.01
N GLN F 238 -23.19 8.12 -22.86
CA GLN F 238 -22.57 7.10 -23.68
C GLN F 238 -23.27 6.92 -25.03
N GLY F 239 -24.41 7.56 -25.24
CA GLY F 239 -25.16 7.40 -26.48
C GLY F 239 -25.74 6.00 -26.66
N SER F 240 -26.27 5.42 -25.59
CA SER F 240 -26.81 4.07 -25.65
C SER F 240 -28.15 4.04 -26.38
N ARG F 260 -32.06 -3.51 -11.43
CA ARG F 260 -33.11 -3.06 -10.51
C ARG F 260 -32.83 -3.52 -9.09
N LYS F 261 -31.55 -3.82 -8.80
CA LYS F 261 -31.16 -4.22 -7.45
C LYS F 261 -31.22 -3.04 -6.48
N ALA F 262 -31.14 -1.80 -6.97
CA ALA F 262 -31.27 -0.63 -6.12
C ALA F 262 -32.65 -0.55 -5.50
N ALA F 263 -33.69 -0.76 -6.29
CA ALA F 263 -35.07 -0.76 -5.78
C ALA F 263 -35.29 -1.88 -4.78
N GLN F 264 -34.76 -3.08 -5.08
CA GLN F 264 -34.91 -4.23 -4.19
C GLN F 264 -34.22 -3.98 -2.84
N THR F 265 -32.99 -3.49 -2.87
CA THR F 265 -32.24 -3.27 -1.63
C THR F 265 -32.86 -2.16 -0.78
N LEU F 266 -33.24 -1.04 -1.42
CA LEU F 266 -33.86 0.06 -0.69
C LEU F 266 -35.22 -0.33 -0.14
N SER F 267 -35.99 -1.09 -0.93
CA SER F 267 -37.28 -1.59 -0.46
C SER F 267 -37.10 -2.56 0.71
N ALA F 268 -36.05 -3.39 0.66
CA ALA F 268 -35.79 -4.32 1.76
C ALA F 268 -35.40 -3.59 3.03
N ILE F 269 -34.48 -2.64 2.94
CA ILE F 269 -34.03 -1.94 4.15
C ILE F 269 -35.08 -0.97 4.67
N LEU F 270 -36.02 -0.52 3.83
CA LEU F 270 -37.12 0.29 4.36
C LEU F 270 -38.21 -0.59 4.94
N LEU F 271 -38.58 -1.66 4.24
CA LEU F 271 -39.69 -2.50 4.66
C LEU F 271 -39.34 -3.37 5.85
N ALA F 272 -38.06 -3.67 6.10
CA ALA F 272 -37.68 -4.37 7.31
C ALA F 272 -37.97 -3.52 8.54
N PHE F 273 -37.58 -2.24 8.49
CA PHE F 273 -37.85 -1.32 9.59
C PHE F 273 -39.35 -1.03 9.71
N ILE F 274 -40.05 -0.87 8.58
CA ILE F 274 -41.47 -0.59 8.61
C ILE F 274 -42.27 -1.77 9.16
N ILE F 275 -41.94 -2.99 8.71
CA ILE F 275 -42.64 -4.19 9.14
C ILE F 275 -42.35 -4.50 10.61
N THR F 276 -41.11 -4.26 11.05
CA THR F 276 -40.77 -4.57 12.43
C THR F 276 -41.30 -3.53 13.41
N TRP F 277 -41.32 -2.25 13.04
CA TRP F 277 -41.61 -1.20 14.00
C TRP F 277 -43.00 -0.57 13.86
N THR F 278 -43.66 -0.75 12.73
CA THR F 278 -44.99 -0.21 12.49
C THR F 278 -46.11 -0.82 13.36
N PRO F 279 -46.20 -2.15 13.61
CA PRO F 279 -47.32 -2.62 14.44
C PRO F 279 -47.29 -2.16 15.89
N TYR F 280 -46.11 -2.15 16.52
CA TYR F 280 -46.01 -1.64 17.89
C TYR F 280 -46.37 -0.16 17.94
N ASN F 281 -45.88 0.62 16.98
CA ASN F 281 -46.12 2.06 16.99
C ASN F 281 -47.54 2.41 16.59
N ILE F 282 -48.26 1.50 15.92
CA ILE F 282 -49.70 1.67 15.76
C ILE F 282 -50.43 1.32 17.05
N MET F 283 -50.10 0.16 17.64
CA MET F 283 -50.84 -0.33 18.78
C MET F 283 -50.60 0.47 20.06
N VAL F 284 -49.46 1.16 20.17
CA VAL F 284 -49.27 2.03 21.34
C VAL F 284 -50.17 3.26 21.24
N LEU F 285 -50.42 3.75 20.03
CA LEU F 285 -51.32 4.88 19.86
C LEU F 285 -52.78 4.46 19.90
N VAL F 286 -53.06 3.19 19.57
CA VAL F 286 -54.39 2.66 19.83
C VAL F 286 -54.61 2.48 21.33
N SER F 287 -53.60 1.99 22.05
CA SER F 287 -53.72 1.72 23.47
C SER F 287 -53.71 2.99 24.32
N THR F 288 -53.17 4.10 23.81
CA THR F 288 -53.10 5.30 24.61
C THR F 288 -54.45 5.98 24.79
N PHE F 289 -55.45 5.67 23.95
CA PHE F 289 -56.81 6.14 24.14
C PHE F 289 -57.76 5.04 24.60
N CYS F 290 -57.71 3.89 23.94
CA CYS F 290 -58.49 2.71 24.34
C CYS F 290 -57.59 1.78 25.14
N ASP F 291 -57.73 1.84 26.47
CA ASP F 291 -56.92 1.10 27.44
C ASP F 291 -56.68 -0.38 27.11
N LYS F 292 -57.74 -1.13 26.80
CA LYS F 292 -57.61 -2.57 26.57
C LYS F 292 -58.17 -2.97 25.21
N CYS F 293 -58.05 -2.10 24.20
CA CYS F 293 -58.43 -2.48 22.84
C CYS F 293 -57.44 -3.47 22.26
N VAL F 294 -56.17 -3.35 22.62
CA VAL F 294 -55.10 -4.18 22.07
C VAL F 294 -55.03 -5.46 22.88
N PRO F 295 -55.24 -6.64 22.27
CA PRO F 295 -54.95 -7.91 22.94
C PRO F 295 -53.52 -7.99 23.46
N VAL F 296 -53.35 -8.65 24.60
CA VAL F 296 -52.04 -8.72 25.24
C VAL F 296 -51.08 -9.60 24.44
N THR F 297 -51.60 -10.62 23.75
CA THR F 297 -50.76 -11.43 22.87
C THR F 297 -50.31 -10.63 21.66
N LEU F 298 -51.23 -9.85 21.07
CA LEU F 298 -50.88 -8.97 19.96
C LEU F 298 -49.93 -7.86 20.39
N TRP F 299 -50.14 -7.33 21.60
CA TRP F 299 -49.23 -6.33 22.16
C TRP F 299 -47.83 -6.89 22.34
N HIS F 300 -47.72 -8.10 22.89
CA HIS F 300 -46.43 -8.73 23.09
C HIS F 300 -45.76 -9.06 21.76
N LEU F 301 -46.55 -9.47 20.77
CA LEU F 301 -46.00 -9.78 19.45
C LEU F 301 -45.47 -8.53 18.76
N GLY F 302 -46.24 -7.43 18.82
CA GLY F 302 -45.76 -6.17 18.26
C GLY F 302 -44.55 -5.61 18.96
N TYR F 303 -44.55 -5.68 20.30
CA TYR F 303 -43.40 -5.23 21.08
C TYR F 303 -42.16 -6.04 20.76
N TRP F 304 -42.32 -7.36 20.60
CA TRP F 304 -41.19 -8.21 20.24
C TRP F 304 -40.77 -7.99 18.79
N LEU F 305 -41.73 -7.67 17.92
CA LEU F 305 -41.44 -7.49 16.49
C LEU F 305 -40.41 -6.40 16.24
N CYS F 306 -40.41 -5.35 17.06
CA CYS F 306 -39.41 -4.28 16.96
C CYS F 306 -37.99 -4.80 17.16
N TYR F 307 -37.82 -5.86 17.96
CA TYR F 307 -36.50 -6.44 18.20
C TYR F 307 -35.93 -7.08 16.94
N VAL F 308 -36.80 -7.58 16.06
CA VAL F 308 -36.39 -8.26 14.83
C VAL F 308 -35.64 -7.30 13.90
N ASN F 309 -35.97 -6.01 13.94
CA ASN F 309 -35.21 -4.99 13.22
C ASN F 309 -33.73 -5.00 13.61
N SER F 310 -33.43 -5.23 14.89
CA SER F 310 -32.05 -5.36 15.34
C SER F 310 -31.39 -6.62 14.82
N THR F 311 -32.19 -7.66 14.55
CA THR F 311 -31.64 -8.88 13.96
C THR F 311 -31.24 -8.66 12.50
N VAL F 312 -32.10 -8.00 11.73
CA VAL F 312 -31.88 -7.86 10.29
C VAL F 312 -31.06 -6.64 9.92
N ASN F 313 -30.80 -5.73 10.85
CA ASN F 313 -29.95 -4.57 10.56
C ASN F 313 -28.51 -4.90 10.15
N PRO F 314 -27.81 -5.91 10.71
CA PRO F 314 -26.55 -6.32 10.07
C PRO F 314 -26.71 -6.78 8.63
N ILE F 315 -27.79 -7.51 8.33
CA ILE F 315 -28.07 -7.92 6.96
C ILE F 315 -28.39 -6.71 6.09
N CYS F 316 -29.21 -5.80 6.61
CA CYS F 316 -29.67 -4.66 5.83
C CYS F 316 -28.60 -3.60 5.64
N TYR F 317 -27.60 -3.53 6.50
CA TYR F 317 -26.67 -2.42 6.34
C TYR F 317 -25.21 -2.86 6.28
N ALA F 318 -24.81 -3.85 7.08
CA ALA F 318 -23.44 -4.32 6.99
C ALA F 318 -23.27 -5.25 5.79
N LEU F 319 -24.08 -6.30 5.73
CA LEU F 319 -23.95 -7.32 4.70
C LEU F 319 -24.34 -6.84 3.31
N CYS F 320 -24.90 -5.63 3.19
CA CYS F 320 -25.00 -5.00 1.87
C CYS F 320 -23.63 -4.65 1.33
N ASN F 321 -22.68 -4.32 2.19
CA ASN F 321 -21.30 -4.12 1.77
C ASN F 321 -20.65 -5.48 1.48
N ARG F 322 -19.95 -5.57 0.35
CA ARG F 322 -19.30 -6.82 -0.03
C ARG F 322 -18.12 -7.15 0.87
N THR F 323 -17.43 -6.11 1.37
CA THR F 323 -16.27 -6.33 2.24
C THR F 323 -16.70 -6.90 3.58
N PHE F 324 -17.85 -6.45 4.10
CA PHE F 324 -18.43 -7.05 5.29
C PHE F 324 -18.81 -8.50 5.05
N ARG F 325 -19.33 -8.82 3.86
CA ARG F 325 -19.67 -10.21 3.55
C ARG F 325 -18.43 -11.09 3.50
N LYS F 326 -17.36 -10.60 2.89
CA LYS F 326 -16.10 -11.35 2.84
C LYS F 326 -15.52 -11.55 4.23
N THR F 327 -15.57 -10.50 5.07
CA THR F 327 -15.04 -10.63 6.43
C THR F 327 -15.92 -11.52 7.30
N PHE F 328 -17.24 -11.50 7.08
CA PHE F 328 -18.15 -12.42 7.77
C PHE F 328 -17.85 -13.87 7.40
N LYS F 329 -17.65 -14.13 6.11
CA LYS F 329 -17.30 -15.49 5.66
C LYS F 329 -15.93 -15.92 6.16
N MET F 330 -15.00 -14.98 6.30
CA MET F 330 -13.69 -15.31 6.87
C MET F 330 -13.81 -15.62 8.36
N LEU F 331 -14.63 -14.86 9.09
CA LEU F 331 -14.76 -15.05 10.52
C LEU F 331 -15.60 -16.26 10.89
N LEU F 332 -16.51 -16.69 10.01
CA LEU F 332 -17.32 -17.86 10.31
C LEU F 332 -16.54 -19.17 10.20
N LEU F 333 -15.45 -19.18 9.44
CA LEU F 333 -14.60 -20.36 9.36
C LEU F 333 -13.44 -20.33 10.35
N CYS F 334 -13.28 -19.22 11.09
CA CYS F 334 -12.23 -18.99 12.08
C CYS F 334 -10.81 -19.18 11.53
C5 A1BKS G . -24.62 16.12 8.97
C6 A1BKS G . -25.72 16.52 9.98
C7 A1BKS G . -26.77 15.41 9.83
C8 A1BKS G . -25.94 14.22 9.47
C10 A1BKS G . -23.80 13.64 8.53
C13 A1BKS G . -26.22 12.86 9.56
C15 A1BKS G . -22.48 17.21 8.34
C17 A1BKS G . -23.06 17.56 6.99
C21 A1BKS G . -23.06 19.27 5.14
C22 A1BKS G . -22.55 18.94 6.54
C26 A1BKS G . -24.36 18.72 2.11
C28 A1BKS G . -26.32 17.89 1.00
C1 A1BKS G . -21.98 17.23 12.79
C11 A1BKS G . -24.12 12.30 8.62
C12 A1BKS G . -25.35 11.90 9.14
C18 A1BKS G . -22.67 16.50 5.96
C19 A1BKS G . -23.25 16.88 4.61
C2 A1BKS G . -22.61 17.56 11.46
C27 A1BKS G . -25.03 17.68 1.48
C29 A1BKS G . -26.91 19.15 1.16
C3 A1BKS G . -22.71 16.32 10.58
C30 A1BKS G . -26.24 20.19 1.80
C31 A1BKS G . -24.95 19.98 2.27
C34 A1BKS G . -27.31 17.12 0.32
C9 A1BKS G . -24.72 14.61 8.96
F14 A1BKS G . -27.39 12.50 10.11
N20 A1BKS G . -22.70 18.18 4.21
N32 A1BKS G . -28.15 19.07 0.61
N33 A1BKS G . -28.40 17.84 0.10
N4 A1BKS G . -23.26 16.60 9.25
O16 A1BKS G . -21.29 17.43 8.57
O24 A1BKS G . -21.98 19.70 2.41
O25 A1BKS G . -22.22 17.28 1.98
S23 A1BKS G . -22.69 18.47 2.60
N1 ACH H . -39.62 -1.36 21.96
C2 ACH H . -39.44 -0.65 20.65
C3 ACH H . -39.86 0.79 20.58
O4 ACH H . -38.83 1.66 21.00
C5 ACH H . -39.06 2.97 20.88
O7 ACH H . -40.12 3.42 20.52
C6 ACH H . -37.83 3.75 21.20
C8 ACH H . -41.01 -1.25 22.42
C9 ACH H . -39.40 -2.80 21.67
C10 ACH H . -38.67 -0.93 23.02
#